data_3ZJ1
#
_entry.id   3ZJ1
#
_cell.length_a   1.000
_cell.length_b   1.000
_cell.length_c   1.000
_cell.angle_alpha   90.00
_cell.angle_beta   90.00
_cell.angle_gamma   90.00
#
_symmetry.space_group_name_H-M   'P 1'
#
loop_
_entity.id
_entity.type
_entity.pdbx_description
1 polymer 'NUCLEAR POLYADENYLATED RNA-BINDING PROTEIN NAB2'
2 non-polymer 'ZINC ION'
#
_entity_poly.entity_id   1
_entity_poly.type   'polypeptide(L)'
_entity_poly.pdbx_seq_one_letter_code
;GSFTPTKKEGRCRLFPHCPLGRSCPHAHPTKVCNEYPNCPKPPGTCEFLHPNEDEELMKEMERTREEFQKRKADLLAAKR
KPV
;
_entity_poly.pdbx_strand_id   A
#
# COMPACT_ATOMS: atom_id res chain seq x y z
N GLY A 1 -10.71 -11.59 17.71
CA GLY A 1 -11.14 -10.20 17.99
C GLY A 1 -10.55 -9.67 19.29
N SER A 2 -11.04 -8.52 19.76
CA SER A 2 -10.56 -7.81 20.96
C SER A 2 -11.58 -6.74 21.42
N PHE A 3 -11.45 -6.28 22.68
CA PHE A 3 -12.42 -5.41 23.35
C PHE A 3 -11.76 -4.22 24.08
N THR A 4 -10.47 -3.96 23.82
CA THR A 4 -9.67 -2.89 24.45
C THR A 4 -9.97 -1.51 23.84
N PRO A 5 -9.77 -0.41 24.60
CA PRO A 5 -9.98 0.97 24.14
C PRO A 5 -8.80 1.53 23.31
N THR A 6 -7.83 0.68 22.95
CA THR A 6 -6.59 1.05 22.26
C THR A 6 -6.83 1.40 20.79
N LYS A 7 -6.13 2.43 20.30
CA LYS A 7 -6.14 2.87 18.90
C LYS A 7 -5.08 2.10 18.05
N LYS A 8 -5.16 2.25 16.72
CA LYS A 8 -4.28 1.62 15.74
C LYS A 8 -2.77 1.79 15.99
N GLU A 9 -1.98 0.79 15.57
CA GLU A 9 -0.52 0.73 15.71
C GLU A 9 0.23 1.20 14.44
N GLY A 10 -0.53 1.77 13.50
CA GLY A 10 -0.12 2.11 12.13
C GLY A 10 -0.77 1.17 11.12
N ARG A 11 -0.49 1.48 9.85
CA ARG A 11 -0.82 0.78 8.60
C ARG A 11 -2.31 0.84 8.23
N CYS A 12 -2.58 1.31 7.00
CA CYS A 12 -3.90 1.24 6.38
C CYS A 12 -4.26 -0.17 5.86
N ARG A 13 -5.57 -0.49 5.82
CA ARG A 13 -6.12 -1.84 5.68
C ARG A 13 -6.79 -2.10 4.31
N LEU A 14 -7.35 -1.07 3.64
CA LEU A 14 -7.88 -1.18 2.28
C LEU A 14 -6.75 -1.18 1.23
N PHE A 15 -5.60 -0.61 1.59
CA PHE A 15 -4.42 -0.39 0.76
C PHE A 15 -3.89 -1.67 0.09
N PRO A 16 -3.46 -1.64 -1.19
CA PRO A 16 -3.31 -0.46 -2.06
C PRO A 16 -4.64 0.13 -2.58
N HIS A 17 -5.75 -0.55 -2.36
CA HIS A 17 -7.05 -0.27 -2.99
C HIS A 17 -7.86 0.85 -2.29
N CYS A 18 -7.17 1.86 -1.75
CA CYS A 18 -7.75 2.97 -0.96
C CYS A 18 -7.88 4.27 -1.80
N PRO A 19 -9.03 4.97 -1.79
CA PRO A 19 -9.24 6.18 -2.59
C PRO A 19 -8.69 7.48 -1.97
N LEU A 20 -8.42 7.52 -0.64
CA LEU A 20 -8.06 8.72 0.10
C LEU A 20 -6.55 9.00 0.18
N GLY A 21 -5.74 8.36 -0.68
CA GLY A 21 -4.27 8.51 -0.77
C GLY A 21 -3.83 9.92 -1.20
N ARG A 22 -3.96 10.86 -0.25
CA ARG A 22 -3.85 12.33 -0.34
C ARG A 22 -4.18 12.96 1.03
N SER A 23 -5.10 12.37 1.81
CA SER A 23 -5.56 12.90 3.12
C SER A 23 -5.93 11.81 4.16
N CYS A 24 -5.83 10.51 3.81
CA CYS A 24 -6.10 9.38 4.71
C CYS A 24 -5.20 9.38 5.97
N PRO A 25 -5.74 9.12 7.19
CA PRO A 25 -4.98 9.19 8.45
C PRO A 25 -4.08 7.98 8.76
N HIS A 26 -4.23 6.85 8.05
CA HIS A 26 -3.47 5.62 8.29
C HIS A 26 -2.34 5.40 7.25
N ALA A 27 -1.27 4.70 7.62
CA ALA A 27 -0.03 4.64 6.83
C ALA A 27 -0.17 3.75 5.59
N HIS A 28 -0.05 4.35 4.42
CA HIS A 28 0.11 3.70 3.13
C HIS A 28 1.62 3.33 2.92
N PRO A 29 2.00 2.05 2.92
CA PRO A 29 3.37 1.62 2.71
C PRO A 29 3.71 1.70 1.20
N THR A 30 4.47 2.73 0.82
CA THR A 30 4.84 3.07 -0.57
C THR A 30 6.36 3.17 -0.79
N LYS A 31 7.14 2.83 0.23
CA LYS A 31 8.60 2.86 0.25
C LYS A 31 9.14 1.63 1.00
N VAL A 32 10.33 1.18 0.63
CA VAL A 32 11.01 0.04 1.26
C VAL A 32 11.68 0.52 2.54
N CYS A 33 11.44 -0.20 3.65
CA CYS A 33 11.79 0.23 5.00
C CYS A 33 13.29 0.53 5.18
N ASN A 34 13.59 1.57 5.98
CA ASN A 34 14.97 1.94 6.33
C ASN A 34 15.75 0.89 7.15
N GLU A 35 15.07 0.10 8.01
CA GLU A 35 15.69 -0.76 9.03
C GLU A 35 15.44 -2.27 8.88
N TYR A 36 14.53 -2.70 7.98
CA TYR A 36 14.35 -4.11 7.60
C TYR A 36 15.70 -4.86 7.36
N PRO A 37 15.84 -6.13 7.80
CA PRO A 37 14.84 -6.97 8.49
C PRO A 37 14.71 -6.67 10.00
N ASN A 38 15.46 -5.71 10.55
CA ASN A 38 15.67 -5.54 11.99
C ASN A 38 14.50 -4.84 12.70
N CYS A 39 13.30 -4.85 12.10
CA CYS A 39 12.21 -3.95 12.45
C CYS A 39 11.38 -4.44 13.66
N PRO A 40 11.16 -3.60 14.70
CA PRO A 40 10.36 -3.97 15.87
C PRO A 40 8.84 -3.90 15.62
N LYS A 41 8.39 -3.31 14.50
CA LYS A 41 6.98 -3.33 14.09
C LYS A 41 6.55 -4.78 13.73
N PRO A 42 5.44 -5.32 14.28
CA PRO A 42 4.89 -6.60 13.83
C PRO A 42 4.38 -6.49 12.38
N PRO A 43 4.15 -7.63 11.69
CA PRO A 43 3.66 -7.64 10.33
C PRO A 43 2.27 -6.99 10.25
N GLY A 44 2.16 -5.94 9.42
CA GLY A 44 0.92 -5.19 9.20
C GLY A 44 0.76 -3.94 10.06
N THR A 45 1.85 -3.26 10.45
CA THR A 45 1.83 -2.00 11.25
C THR A 45 2.83 -0.93 10.80
N CYS A 46 3.99 -1.31 10.26
CA CYS A 46 5.00 -0.38 9.75
C CYS A 46 4.50 0.50 8.60
N GLU A 47 4.95 1.76 8.63
CA GLU A 47 4.80 2.72 7.54
C GLU A 47 5.51 2.32 6.24
N PHE A 48 6.38 1.30 6.23
CA PHE A 48 7.12 0.92 5.03
C PHE A 48 6.88 -0.55 4.64
N LEU A 49 7.58 -0.98 3.60
CA LEU A 49 7.48 -2.28 2.95
C LEU A 49 8.68 -3.16 3.35
N HIS A 50 8.45 -4.46 3.46
CA HIS A 50 9.41 -5.46 3.92
C HIS A 50 9.37 -6.63 2.93
N PRO A 51 10.44 -6.94 2.16
CA PRO A 51 10.43 -7.95 1.08
C PRO A 51 10.47 -9.41 1.59
N ASN A 52 9.62 -9.72 2.57
CA ASN A 52 9.50 -11.00 3.28
C ASN A 52 8.13 -11.14 3.96
N GLU A 53 7.77 -10.23 4.88
CA GLU A 53 6.42 -10.17 5.48
C GLU A 53 5.45 -9.56 4.45
N ASP A 54 5.68 -8.30 4.12
CA ASP A 54 4.87 -7.48 3.22
C ASP A 54 5.20 -7.76 1.74
N GLU A 55 5.64 -8.99 1.45
CA GLU A 55 6.03 -9.45 0.12
C GLU A 55 4.78 -9.70 -0.74
N GLU A 56 3.72 -10.23 -0.12
CA GLU A 56 2.39 -10.33 -0.69
C GLU A 56 1.77 -8.94 -0.94
N LEU A 57 2.14 -7.92 -0.15
CA LEU A 57 1.69 -6.53 -0.36
C LEU A 57 2.35 -5.95 -1.62
N MET A 58 3.66 -6.17 -1.82
CA MET A 58 4.35 -5.87 -3.08
C MET A 58 3.68 -6.57 -4.28
N LYS A 59 3.22 -7.81 -4.12
CA LYS A 59 2.45 -8.53 -5.13
C LYS A 59 1.06 -7.88 -5.37
N GLU A 60 0.37 -7.41 -4.33
CA GLU A 60 -0.89 -6.67 -4.44
C GLU A 60 -0.72 -5.31 -5.15
N MET A 61 0.40 -4.62 -4.90
CA MET A 61 0.79 -3.37 -5.58
C MET A 61 1.10 -3.62 -7.06
N GLU A 62 1.83 -4.67 -7.39
CA GLU A 62 2.05 -5.09 -8.79
C GLU A 62 0.73 -5.46 -9.48
N ARG A 63 -0.17 -6.16 -8.79
CA ARG A 63 -1.51 -6.54 -9.25
C ARG A 63 -2.34 -5.32 -9.69
N THR A 64 -2.45 -4.28 -8.86
CA THR A 64 -3.19 -3.05 -9.23
C THR A 64 -2.43 -2.23 -10.27
N ARG A 65 -1.09 -2.27 -10.28
CA ARG A 65 -0.26 -1.61 -11.32
C ARG A 65 -0.47 -2.26 -12.69
N GLU A 66 -0.47 -3.59 -12.81
CA GLU A 66 -0.72 -4.27 -14.10
C GLU A 66 -2.18 -4.13 -14.55
N GLU A 67 -3.15 -4.05 -13.62
CA GLU A 67 -4.53 -3.68 -13.91
C GLU A 67 -4.63 -2.26 -14.49
N PHE A 68 -3.90 -1.29 -13.92
CA PHE A 68 -3.88 0.09 -14.41
C PHE A 68 -3.15 0.22 -15.75
N GLN A 69 -2.11 -0.58 -15.98
CA GLN A 69 -1.41 -0.68 -17.25
C GLN A 69 -2.33 -1.23 -18.34
N LYS A 70 -3.15 -2.25 -18.05
CA LYS A 70 -4.13 -2.81 -18.99
C LYS A 70 -5.22 -1.78 -19.34
N ARG A 71 -5.64 -0.96 -18.38
CA ARG A 71 -6.59 0.14 -18.59
C ARG A 71 -5.98 1.23 -19.48
N LYS A 72 -4.68 1.52 -19.32
CA LYS A 72 -3.96 2.47 -20.17
C LYS A 72 -3.66 1.90 -21.58
N ALA A 73 -3.40 0.60 -21.70
CA ALA A 73 -3.27 -0.09 -22.98
C ALA A 73 -4.56 -0.02 -23.81
N ASP A 74 -5.73 -0.12 -23.16
CA ASP A 74 -7.04 0.04 -23.82
C ASP A 74 -7.30 1.49 -24.29
N LEU A 75 -6.85 2.50 -23.53
CA LEU A 75 -6.94 3.91 -23.89
C LEU A 75 -6.13 4.25 -25.15
N LEU A 76 -4.87 3.81 -25.21
CA LEU A 76 -3.96 4.04 -26.35
C LEU A 76 -4.30 3.15 -27.57
N ALA A 77 -5.16 2.15 -27.39
CA ALA A 77 -5.76 1.33 -28.44
C ALA A 77 -7.19 1.76 -28.84
N ALA A 78 -7.61 2.98 -28.45
CA ALA A 78 -8.85 3.63 -28.86
C ALA A 78 -8.55 5.01 -29.47
N LYS A 79 -9.13 5.32 -30.64
CA LYS A 79 -8.82 6.52 -31.46
C LYS A 79 -7.33 6.57 -31.92
N ARG A 80 -6.62 5.45 -31.78
CA ARG A 80 -5.16 5.26 -31.85
C ARG A 80 -4.87 3.74 -31.77
N LYS A 81 -3.70 3.29 -32.25
CA LYS A 81 -3.27 1.88 -32.21
C LYS A 81 -2.04 1.66 -31.30
N PRO A 82 -1.88 0.47 -30.67
CA PRO A 82 -0.71 0.13 -29.87
C PRO A 82 0.52 -0.09 -30.76
N VAL A 83 1.71 0.17 -30.21
CA VAL A 83 3.02 0.14 -30.90
C VAL A 83 4.20 0.08 -29.91
N GLY A 1 -9.50 -6.29 23.65
CA GLY A 1 -8.34 -5.70 24.35
C GLY A 1 -8.71 -4.41 25.08
N SER A 2 -7.89 -3.99 26.04
CA SER A 2 -8.07 -2.79 26.86
C SER A 2 -6.74 -2.40 27.57
N PHE A 3 -6.75 -1.31 28.35
CA PHE A 3 -5.63 -0.80 29.17
C PHE A 3 -4.44 -0.25 28.35
N THR A 4 -4.58 -0.13 27.03
CA THR A 4 -3.58 0.38 26.08
C THR A 4 -3.50 1.92 26.12
N PRO A 5 -2.35 2.52 25.73
CA PRO A 5 -2.17 3.98 25.68
C PRO A 5 -2.76 4.62 24.40
N THR A 6 -3.43 3.84 23.55
CA THR A 6 -3.98 4.24 22.25
C THR A 6 -5.06 3.23 21.80
N LYS A 7 -6.01 3.70 20.99
CA LYS A 7 -7.16 2.92 20.52
C LYS A 7 -6.83 1.99 19.33
N LYS A 8 -5.69 2.21 18.64
CA LYS A 8 -5.27 1.56 17.40
C LYS A 8 -3.76 1.62 17.15
N GLU A 9 -3.34 1.21 15.95
CA GLU A 9 -1.95 1.08 15.50
C GLU A 9 -1.79 1.75 14.11
N GLY A 10 -0.61 1.63 13.49
CA GLY A 10 -0.33 2.09 12.13
C GLY A 10 -0.87 1.14 11.06
N ARG A 11 -0.39 1.37 9.84
CA ARG A 11 -0.74 0.68 8.58
C ARG A 11 -2.21 0.82 8.17
N CYS A 12 -2.44 1.35 6.97
CA CYS A 12 -3.75 1.32 6.32
C CYS A 12 -4.09 -0.06 5.73
N ARG A 13 -5.38 -0.41 5.71
CA ARG A 13 -5.87 -1.79 5.58
C ARG A 13 -6.64 -2.11 4.29
N LEU A 14 -7.20 -1.10 3.59
CA LEU A 14 -7.73 -1.22 2.24
C LEU A 14 -6.65 -1.13 1.15
N PHE A 15 -5.50 -0.56 1.52
CA PHE A 15 -4.35 -0.28 0.67
C PHE A 15 -3.81 -1.53 -0.08
N PRO A 16 -3.41 -1.41 -1.36
CA PRO A 16 -3.32 -0.19 -2.18
C PRO A 16 -4.65 0.38 -2.67
N HIS A 17 -5.75 -0.34 -2.46
CA HIS A 17 -7.06 -0.07 -3.08
C HIS A 17 -7.88 1.00 -2.32
N CYS A 18 -7.19 1.99 -1.74
CA CYS A 18 -7.76 3.07 -0.92
C CYS A 18 -7.96 4.37 -1.74
N PRO A 19 -9.12 5.06 -1.65
CA PRO A 19 -9.38 6.28 -2.42
C PRO A 19 -8.82 7.57 -1.80
N LEU A 20 -8.49 7.59 -0.49
CA LEU A 20 -8.11 8.80 0.24
C LEU A 20 -6.60 9.10 0.21
N GLY A 21 -5.83 8.51 -0.71
CA GLY A 21 -4.38 8.67 -0.89
C GLY A 21 -3.99 10.08 -1.33
N ARG A 22 -4.05 11.00 -0.37
CA ARG A 22 -3.98 12.48 -0.46
C ARG A 22 -4.21 13.10 0.94
N SER A 23 -5.07 12.48 1.77
CA SER A 23 -5.47 13.01 3.09
C SER A 23 -5.80 11.92 4.16
N CYS A 24 -5.73 10.62 3.80
CA CYS A 24 -5.98 9.49 4.71
C CYS A 24 -5.07 9.50 5.97
N PRO A 25 -5.61 9.23 7.19
CA PRO A 25 -4.85 9.29 8.44
C PRO A 25 -3.93 8.08 8.71
N HIS A 26 -4.09 6.95 8.01
CA HIS A 26 -3.33 5.71 8.25
C HIS A 26 -2.23 5.45 7.21
N ALA A 27 -1.16 4.74 7.60
CA ALA A 27 0.08 4.66 6.84
C ALA A 27 -0.02 3.74 5.60
N HIS A 28 0.16 4.33 4.41
CA HIS A 28 0.23 3.66 3.10
C HIS A 28 1.68 3.13 2.83
N PRO A 29 1.93 1.80 2.85
CA PRO A 29 3.26 1.23 2.62
C PRO A 29 3.59 1.23 1.13
N THR A 30 4.37 2.22 0.67
CA THR A 30 4.73 2.44 -0.74
C THR A 30 6.20 2.79 -0.93
N LYS A 31 7.02 2.46 0.08
CA LYS A 31 8.48 2.60 0.11
C LYS A 31 9.07 1.44 0.91
N VAL A 32 10.28 1.03 0.55
CA VAL A 32 11.03 -0.04 1.25
C VAL A 32 11.59 0.49 2.56
N CYS A 33 11.41 -0.28 3.64
CA CYS A 33 11.75 0.15 5.00
C CYS A 33 13.25 0.44 5.17
N ASN A 34 13.57 1.49 5.94
CA ASN A 34 14.96 1.84 6.26
C ASN A 34 15.67 0.81 7.17
N GLU A 35 14.95 0.19 8.12
CA GLU A 35 15.49 -0.61 9.21
C GLU A 35 15.41 -2.14 9.00
N TYR A 36 14.56 -2.62 8.08
CA TYR A 36 14.43 -4.05 7.72
C TYR A 36 15.81 -4.74 7.49
N PRO A 37 16.00 -5.98 7.98
CA PRO A 37 15.03 -6.85 8.67
C PRO A 37 14.85 -6.52 10.17
N ASN A 38 15.56 -5.53 10.71
CA ASN A 38 15.73 -5.32 12.15
C ASN A 38 14.51 -4.63 12.83
N CYS A 39 13.33 -4.72 12.21
CA CYS A 39 12.19 -3.86 12.52
C CYS A 39 11.37 -4.35 13.73
N PRO A 40 11.11 -3.50 14.76
CA PRO A 40 10.30 -3.87 15.92
C PRO A 40 8.78 -3.87 15.61
N LYS A 41 8.34 -3.30 14.48
CA LYS A 41 6.95 -3.40 14.03
C LYS A 41 6.61 -4.86 13.63
N PRO A 42 5.53 -5.47 14.16
CA PRO A 42 5.04 -6.77 13.68
C PRO A 42 4.56 -6.69 12.21
N PRO A 43 4.30 -7.84 11.55
CA PRO A 43 3.75 -7.85 10.20
C PRO A 43 2.37 -7.18 10.15
N GLY A 44 2.27 -6.11 9.34
CA GLY A 44 1.01 -5.40 9.08
C GLY A 44 0.76 -4.15 9.94
N THR A 45 1.82 -3.43 10.36
CA THR A 45 1.73 -2.19 11.15
C THR A 45 2.73 -1.10 10.74
N CYS A 46 3.89 -1.46 10.21
CA CYS A 46 4.91 -0.54 9.70
C CYS A 46 4.41 0.34 8.55
N GLU A 47 4.88 1.58 8.58
CA GLU A 47 4.74 2.54 7.47
C GLU A 47 5.46 2.12 6.18
N PHE A 48 6.34 1.11 6.19
CA PHE A 48 7.08 0.75 5.00
C PHE A 48 6.89 -0.73 4.62
N LEU A 49 7.61 -1.15 3.59
CA LEU A 49 7.55 -2.47 2.96
C LEU A 49 8.76 -3.30 3.37
N HIS A 50 8.54 -4.60 3.55
CA HIS A 50 9.54 -5.57 3.99
C HIS A 50 9.53 -6.74 2.98
N PRO A 51 10.63 -7.00 2.24
CA PRO A 51 10.69 -8.01 1.18
C PRO A 51 10.79 -9.46 1.73
N ASN A 52 9.86 -9.83 2.61
CA ASN A 52 9.79 -11.07 3.38
C ASN A 52 8.40 -11.25 4.03
N GLU A 53 8.02 -10.38 4.98
CA GLU A 53 6.67 -10.36 5.55
C GLU A 53 5.70 -9.78 4.51
N ASP A 54 5.90 -8.49 4.21
CA ASP A 54 5.06 -7.68 3.32
C ASP A 54 5.32 -7.99 1.83
N GLU A 55 5.89 -9.16 1.54
CA GLU A 55 6.27 -9.55 0.18
C GLU A 55 5.02 -9.77 -0.71
N GLU A 56 3.91 -10.14 -0.08
CA GLU A 56 2.59 -10.23 -0.71
C GLU A 56 1.93 -8.85 -0.93
N LEU A 57 2.27 -7.84 -0.11
CA LEU A 57 1.86 -6.46 -0.34
C LEU A 57 2.59 -5.93 -1.58
N MET A 58 3.89 -6.21 -1.71
CA MET A 58 4.69 -5.84 -2.88
C MET A 58 4.21 -6.52 -4.18
N LYS A 59 3.54 -7.68 -4.11
CA LYS A 59 2.81 -8.29 -5.21
C LYS A 59 1.46 -7.60 -5.46
N GLU A 60 0.71 -7.22 -4.41
CA GLU A 60 -0.52 -6.44 -4.52
C GLU A 60 -0.29 -5.07 -5.20
N MET A 61 0.89 -4.47 -5.01
CA MET A 61 1.34 -3.25 -5.71
C MET A 61 1.52 -3.47 -7.23
N GLU A 62 1.83 -4.68 -7.68
CA GLU A 62 1.77 -5.05 -9.11
C GLU A 62 0.35 -5.39 -9.56
N ARG A 63 -0.47 -5.97 -8.68
CA ARG A 63 -1.88 -6.30 -8.96
C ARG A 63 -2.70 -5.05 -9.28
N THR A 64 -2.62 -4.00 -8.45
CA THR A 64 -3.23 -2.68 -8.74
C THR A 64 -2.66 -2.04 -10.00
N ARG A 65 -1.35 -2.19 -10.26
CA ARG A 65 -0.71 -1.67 -11.49
C ARG A 65 -1.24 -2.36 -12.76
N GLU A 66 -1.40 -3.69 -12.75
CA GLU A 66 -1.95 -4.47 -13.83
C GLU A 66 -3.46 -4.22 -14.02
N GLU A 67 -4.21 -4.03 -12.93
CA GLU A 67 -5.60 -3.56 -12.93
C GLU A 67 -5.74 -2.18 -13.60
N PHE A 68 -4.82 -1.25 -13.30
CA PHE A 68 -4.80 0.12 -13.82
C PHE A 68 -4.31 0.22 -15.28
N GLN A 69 -3.57 -0.78 -15.79
CA GLN A 69 -3.01 -0.79 -17.13
C GLN A 69 -4.08 -0.59 -18.22
N LYS A 70 -5.29 -1.15 -18.05
CA LYS A 70 -6.39 -0.97 -18.98
C LYS A 70 -6.88 0.49 -19.04
N ARG A 71 -6.96 1.15 -17.87
CA ARG A 71 -7.27 2.59 -17.77
C ARG A 71 -6.17 3.43 -18.41
N LYS A 72 -4.90 3.13 -18.12
CA LYS A 72 -3.74 3.83 -18.70
C LYS A 72 -3.67 3.67 -20.24
N ALA A 73 -4.05 2.51 -20.78
CA ALA A 73 -4.16 2.30 -22.23
C ALA A 73 -5.24 3.18 -22.87
N ASP A 74 -6.42 3.31 -22.25
CA ASP A 74 -7.49 4.22 -22.73
C ASP A 74 -7.11 5.71 -22.61
N LEU A 75 -6.32 6.07 -21.59
CA LEU A 75 -5.70 7.39 -21.42
C LEU A 75 -4.72 7.74 -22.54
N LEU A 76 -3.89 6.77 -22.95
CA LEU A 76 -2.86 6.93 -23.98
C LEU A 76 -3.41 6.82 -25.42
N ALA A 77 -4.57 6.20 -25.60
CA ALA A 77 -5.24 6.02 -26.90
C ALA A 77 -5.81 7.34 -27.45
N ALA A 78 -4.95 8.10 -28.14
CA ALA A 78 -5.23 9.37 -28.81
C ALA A 78 -4.14 9.67 -29.85
N LYS A 79 -4.38 10.60 -30.78
CA LYS A 79 -3.40 11.02 -31.80
C LYS A 79 -2.07 11.48 -31.17
N ARG A 80 -0.95 10.90 -31.64
CA ARG A 80 0.39 11.02 -31.02
C ARG A 80 1.51 10.56 -31.96
N LYS A 81 2.74 11.04 -31.70
CA LYS A 81 3.96 10.66 -32.42
C LYS A 81 4.82 9.63 -31.63
N PRO A 82 5.64 8.80 -32.30
CA PRO A 82 6.51 7.81 -31.64
C PRO A 82 7.77 8.43 -31.02
N VAL A 83 8.17 9.65 -31.45
CA VAL A 83 9.33 10.45 -30.98
C VAL A 83 10.67 9.85 -31.43
N GLY A 1 -12.98 4.30 35.86
CA GLY A 1 -13.28 5.02 34.61
C GLY A 1 -12.03 5.59 33.97
N SER A 2 -11.92 5.53 32.65
CA SER A 2 -10.75 5.96 31.86
C SER A 2 -11.07 6.11 30.36
N PHE A 3 -10.17 6.74 29.60
CA PHE A 3 -10.33 7.05 28.18
C PHE A 3 -9.00 6.88 27.42
N THR A 4 -9.08 6.41 26.16
CA THR A 4 -7.94 6.05 25.30
C THR A 4 -8.26 6.34 23.82
N PRO A 5 -7.23 6.59 22.97
CA PRO A 5 -7.43 6.80 21.53
C PRO A 5 -7.79 5.48 20.82
N THR A 6 -8.62 5.58 19.79
CA THR A 6 -9.18 4.44 19.03
C THR A 6 -8.48 4.18 17.70
N LYS A 7 -7.37 4.88 17.44
CA LYS A 7 -6.58 4.76 16.20
C LYS A 7 -5.86 3.40 16.08
N LYS A 8 -5.71 2.90 14.84
CA LYS A 8 -5.02 1.67 14.48
C LYS A 8 -3.58 1.54 15.05
N GLU A 9 -3.09 0.29 15.13
CA GLU A 9 -1.77 -0.06 15.68
C GLU A 9 -0.58 0.17 14.71
N GLY A 10 -0.89 0.81 13.58
CA GLY A 10 0.02 1.17 12.48
C GLY A 10 -0.54 0.79 11.11
N ARG A 11 -0.27 1.66 10.11
CA ARG A 11 -0.67 1.60 8.70
C ARG A 11 -2.18 1.58 8.44
N CYS A 12 -2.55 2.00 7.23
CA CYS A 12 -3.88 1.78 6.65
C CYS A 12 -4.22 0.28 6.43
N ARG A 13 -5.43 -0.03 5.93
CA ARG A 13 -5.96 -1.38 5.73
C ARG A 13 -6.60 -1.63 4.35
N LEU A 14 -7.11 -0.58 3.68
CA LEU A 14 -7.68 -0.66 2.32
C LEU A 14 -6.59 -0.69 1.23
N PHE A 15 -5.40 -0.16 1.55
CA PHE A 15 -4.24 0.01 0.68
C PHE A 15 -3.78 -1.31 -0.01
N PRO A 16 -3.36 -1.28 -1.30
CA PRO A 16 -3.25 -0.10 -2.18
C PRO A 16 -4.59 0.44 -2.69
N HIS A 17 -5.68 -0.27 -2.44
CA HIS A 17 -7.00 -0.06 -3.04
C HIS A 17 -7.84 1.00 -2.29
N CYS A 18 -7.18 2.08 -1.82
CA CYS A 18 -7.77 3.14 -1.01
C CYS A 18 -8.04 4.44 -1.82
N PRO A 19 -9.22 5.08 -1.67
CA PRO A 19 -9.61 6.24 -2.48
C PRO A 19 -9.06 7.60 -2.02
N LEU A 20 -8.66 7.77 -0.74
CA LEU A 20 -8.32 9.07 -0.16
C LEU A 20 -6.88 9.53 -0.41
N GLY A 21 -5.98 8.64 -0.87
CA GLY A 21 -4.59 8.96 -1.20
C GLY A 21 -3.84 9.64 -0.03
N ARG A 22 -3.17 10.76 -0.34
CA ARG A 22 -2.42 11.58 0.63
C ARG A 22 -3.32 12.35 1.63
N SER A 23 -4.64 12.37 1.43
CA SER A 23 -5.60 13.00 2.38
C SER A 23 -6.03 12.04 3.51
N CYS A 24 -5.70 10.74 3.40
CA CYS A 24 -6.05 9.70 4.37
C CYS A 24 -5.24 9.80 5.70
N PRO A 25 -5.86 9.57 6.87
CA PRO A 25 -5.22 9.72 8.19
C PRO A 25 -4.31 8.55 8.63
N HIS A 26 -4.35 7.39 7.96
CA HIS A 26 -3.54 6.21 8.28
C HIS A 26 -2.45 5.94 7.21
N ALA A 27 -1.29 5.39 7.61
CA ALA A 27 -0.09 5.38 6.77
C ALA A 27 -0.17 4.36 5.62
N HIS A 28 0.03 4.82 4.39
CA HIS A 28 0.14 4.01 3.18
C HIS A 28 1.58 3.48 2.99
N PRO A 29 1.82 2.16 3.11
CA PRO A 29 3.13 1.57 2.87
C PRO A 29 3.38 1.48 1.35
N THR A 30 3.88 2.57 0.78
CA THR A 30 4.13 2.76 -0.66
C THR A 30 5.63 2.94 -0.95
N LYS A 31 6.46 2.57 0.01
CA LYS A 31 7.92 2.66 0.01
C LYS A 31 8.50 1.45 0.78
N VAL A 32 9.68 1.03 0.38
CA VAL A 32 10.41 -0.07 1.03
C VAL A 32 11.13 0.45 2.28
N CYS A 33 10.96 -0.25 3.41
CA CYS A 33 11.37 0.22 4.73
C CYS A 33 12.87 0.55 4.83
N ASN A 34 13.21 1.63 5.52
CA ASN A 34 14.60 2.01 5.79
C ASN A 34 15.36 1.02 6.73
N GLU A 35 14.69 0.50 7.76
CA GLU A 35 15.29 -0.33 8.82
C GLU A 35 15.27 -1.85 8.58
N TYR A 36 14.41 -2.35 7.68
CA TYR A 36 14.35 -3.76 7.25
C TYR A 36 15.75 -4.37 6.97
N PRO A 37 16.02 -5.61 7.41
CA PRO A 37 15.13 -6.55 8.09
C PRO A 37 14.98 -6.28 9.60
N ASN A 38 15.66 -5.28 10.16
CA ASN A 38 15.90 -5.13 11.60
C ASN A 38 14.69 -4.57 12.39
N CYS A 39 13.48 -4.65 11.82
CA CYS A 39 12.33 -3.85 12.23
C CYS A 39 11.58 -4.45 13.46
N PRO A 40 11.30 -3.66 14.51
CA PRO A 40 10.56 -4.12 15.69
C PRO A 40 9.04 -4.20 15.45
N LYS A 41 8.52 -3.60 14.37
CA LYS A 41 7.12 -3.73 13.97
C LYS A 41 6.76 -5.20 13.65
N PRO A 42 5.68 -5.78 14.21
CA PRO A 42 5.16 -7.09 13.80
C PRO A 42 4.68 -7.04 12.33
N PRO A 43 4.46 -8.22 11.69
CA PRO A 43 4.05 -8.28 10.30
C PRO A 43 2.68 -7.63 10.10
N GLY A 44 2.66 -6.53 9.33
CA GLY A 44 1.45 -5.85 8.87
C GLY A 44 1.09 -4.53 9.58
N THR A 45 1.99 -3.95 10.40
CA THR A 45 1.77 -2.65 11.09
C THR A 45 2.68 -1.52 10.64
N CYS A 46 3.89 -1.81 10.14
CA CYS A 46 4.84 -0.81 9.67
C CYS A 46 4.29 0.13 8.59
N GLU A 47 4.67 1.39 8.74
CA GLU A 47 4.56 2.46 7.73
C GLU A 47 5.19 2.13 6.38
N PHE A 48 6.07 1.12 6.27
CA PHE A 48 6.72 0.78 5.02
C PHE A 48 6.55 -0.71 4.69
N LEU A 49 7.17 -1.13 3.59
CA LEU A 49 7.07 -2.47 3.00
C LEU A 49 8.31 -3.29 3.35
N HIS A 50 8.15 -4.61 3.53
CA HIS A 50 9.22 -5.55 3.88
C HIS A 50 9.20 -6.72 2.86
N PRO A 51 10.24 -6.90 2.01
CA PRO A 51 10.25 -7.88 0.90
C PRO A 51 10.49 -9.34 1.37
N ASN A 52 9.75 -9.77 2.38
CA ASN A 52 9.87 -11.05 3.08
C ASN A 52 8.62 -11.35 3.93
N GLU A 53 8.33 -10.54 4.94
CA GLU A 53 7.08 -10.61 5.72
C GLU A 53 5.93 -10.13 4.83
N ASP A 54 6.01 -8.86 4.44
CA ASP A 54 4.94 -8.08 3.82
C ASP A 54 4.85 -8.32 2.31
N GLU A 55 5.33 -9.49 1.88
CA GLU A 55 5.58 -9.78 0.46
C GLU A 55 4.26 -9.83 -0.33
N GLU A 56 3.20 -10.31 0.33
CA GLU A 56 1.84 -10.34 -0.21
C GLU A 56 1.31 -8.94 -0.55
N LEU A 57 1.67 -7.90 0.23
CA LEU A 57 1.31 -6.51 -0.07
C LEU A 57 2.22 -5.91 -1.15
N MET A 58 3.53 -6.23 -1.16
CA MET A 58 4.41 -5.82 -2.25
C MET A 58 3.98 -6.40 -3.60
N LYS A 59 3.57 -7.67 -3.65
CA LYS A 59 3.07 -8.31 -4.85
C LYS A 59 1.62 -7.89 -5.20
N GLU A 60 0.81 -7.45 -4.23
CA GLU A 60 -0.44 -6.73 -4.48
C GLU A 60 -0.19 -5.35 -5.13
N MET A 61 0.88 -4.66 -4.74
CA MET A 61 1.28 -3.37 -5.34
C MET A 61 1.69 -3.52 -6.81
N GLU A 62 2.27 -4.66 -7.19
CA GLU A 62 2.48 -5.04 -8.60
C GLU A 62 1.16 -5.43 -9.28
N ARG A 63 0.28 -6.18 -8.60
CA ARG A 63 -1.04 -6.60 -9.10
C ARG A 63 -1.88 -5.40 -9.51
N THR A 64 -2.05 -4.39 -8.64
CA THR A 64 -2.77 -3.15 -8.94
C THR A 64 -2.08 -2.33 -10.02
N ARG A 65 -0.73 -2.33 -10.11
CA ARG A 65 -0.01 -1.64 -11.18
C ARG A 65 -0.28 -2.26 -12.56
N GLU A 66 -0.22 -3.59 -12.69
CA GLU A 66 -0.51 -4.31 -13.93
C GLU A 66 -2.01 -4.27 -14.29
N GLU A 67 -2.89 -4.18 -13.29
CA GLU A 67 -4.31 -3.90 -13.47
C GLU A 67 -4.57 -2.48 -13.99
N PHE A 68 -3.90 -1.47 -13.43
CA PHE A 68 -4.05 -0.08 -13.85
C PHE A 68 -3.46 0.19 -15.25
N GLN A 69 -2.37 -0.49 -15.59
CA GLN A 69 -1.76 -0.48 -16.92
C GLN A 69 -2.71 -1.08 -17.98
N LYS A 70 -3.41 -2.16 -17.64
CA LYS A 70 -4.47 -2.75 -18.47
C LYS A 70 -5.69 -1.83 -18.60
N ARG A 71 -6.05 -1.13 -17.52
CA ARG A 71 -7.17 -0.16 -17.45
C ARG A 71 -6.88 1.12 -18.24
N LYS A 72 -5.61 1.44 -18.49
CA LYS A 72 -5.16 2.61 -19.27
C LYS A 72 -5.50 2.51 -20.77
N ALA A 73 -5.77 1.33 -21.31
CA ALA A 73 -6.25 1.16 -22.69
C ALA A 73 -7.58 1.91 -22.95
N ASP A 74 -8.46 1.98 -21.94
CA ASP A 74 -9.73 2.71 -22.00
C ASP A 74 -9.57 4.23 -21.74
N LEU A 75 -8.49 4.67 -21.10
CA LEU A 75 -8.06 6.07 -21.04
C LEU A 75 -7.53 6.55 -22.40
N LEU A 76 -6.74 5.71 -23.07
CA LEU A 76 -6.18 5.94 -24.41
C LEU A 76 -7.28 5.95 -25.48
N ALA A 77 -8.36 5.21 -25.25
CA ALA A 77 -9.60 5.25 -26.03
C ALA A 77 -10.51 6.48 -25.77
N ALA A 78 -10.00 7.46 -24.99
CA ALA A 78 -10.61 8.72 -24.55
C ALA A 78 -11.56 8.54 -23.35
N LYS A 79 -11.64 9.55 -22.48
CA LYS A 79 -12.38 9.53 -21.22
C LYS A 79 -12.73 10.95 -20.74
N ARG A 80 -13.97 11.17 -20.28
CA ARG A 80 -14.48 12.48 -19.82
C ARG A 80 -13.98 12.87 -18.42
N LYS A 81 -13.63 11.90 -17.57
CA LYS A 81 -13.12 12.13 -16.21
C LYS A 81 -11.74 12.83 -16.18
N PRO A 82 -11.45 13.68 -15.17
CA PRO A 82 -10.17 14.37 -15.04
C PRO A 82 -9.05 13.45 -14.53
N VAL A 83 -7.80 13.92 -14.67
CA VAL A 83 -6.53 13.30 -14.23
C VAL A 83 -6.12 12.12 -15.14
N GLY A 1 -17.83 11.82 27.94
CA GLY A 1 -17.39 11.89 26.54
C GLY A 1 -16.89 10.55 26.02
N SER A 2 -16.69 10.43 24.71
CA SER A 2 -16.23 9.20 24.04
C SER A 2 -14.78 8.83 24.41
N PHE A 3 -14.51 7.53 24.58
CA PHE A 3 -13.20 6.98 25.00
C PHE A 3 -13.09 5.48 24.66
N THR A 4 -11.86 5.04 24.36
CA THR A 4 -11.47 3.64 24.16
C THR A 4 -10.05 3.45 24.71
N PRO A 5 -9.80 2.48 25.62
CA PRO A 5 -8.47 2.25 26.19
C PRO A 5 -7.52 1.62 25.18
N THR A 6 -6.24 2.04 25.24
CA THR A 6 -5.09 1.61 24.41
C THR A 6 -5.17 2.19 23.00
N LYS A 7 -4.21 3.06 22.68
CA LYS A 7 -4.10 3.71 21.36
C LYS A 7 -3.72 2.73 20.23
N LYS A 8 -4.24 2.99 19.01
CA LYS A 8 -3.96 2.24 17.81
C LYS A 8 -2.50 2.40 17.28
N GLU A 9 -2.20 1.79 16.13
CA GLU A 9 -0.89 1.81 15.46
C GLU A 9 -1.04 2.36 14.03
N GLY A 10 0.01 2.29 13.21
CA GLY A 10 -0.02 2.62 11.79
C GLY A 10 -0.63 1.52 10.93
N ARG A 11 -0.32 1.59 9.63
CA ARG A 11 -0.78 0.75 8.50
C ARG A 11 -2.27 0.84 8.22
N CYS A 12 -2.59 1.29 7.01
CA CYS A 12 -3.93 1.22 6.43
C CYS A 12 -4.33 -0.19 5.94
N ARG A 13 -5.63 -0.49 5.94
CA ARG A 13 -6.22 -1.82 5.76
C ARG A 13 -6.85 -2.03 4.35
N LEU A 14 -7.46 -1.00 3.74
CA LEU A 14 -8.00 -1.05 2.38
C LEU A 14 -6.90 -1.04 1.32
N PHE A 15 -5.75 -0.48 1.69
CA PHE A 15 -4.55 -0.28 0.87
C PHE A 15 -4.02 -1.59 0.22
N PRO A 16 -3.52 -1.53 -1.04
CA PRO A 16 -3.37 -0.35 -1.89
C PRO A 16 -4.68 0.20 -2.46
N HIS A 17 -5.79 -0.51 -2.28
CA HIS A 17 -7.08 -0.25 -2.91
C HIS A 17 -7.94 0.79 -2.13
N CYS A 18 -7.27 1.85 -1.64
CA CYS A 18 -7.86 2.90 -0.81
C CYS A 18 -8.14 4.22 -1.60
N PRO A 19 -9.31 4.87 -1.45
CA PRO A 19 -9.68 6.03 -2.26
C PRO A 19 -9.17 7.40 -1.73
N LEU A 20 -8.81 7.55 -0.45
CA LEU A 20 -8.53 8.85 0.16
C LEU A 20 -7.11 9.39 -0.05
N GLY A 21 -6.17 8.56 -0.51
CA GLY A 21 -4.79 8.96 -0.79
C GLY A 21 -4.09 9.62 0.41
N ARG A 22 -3.52 10.80 0.19
CA ARG A 22 -2.83 11.62 1.21
C ARG A 22 -3.78 12.24 2.26
N SER A 23 -5.10 12.23 2.03
CA SER A 23 -6.10 12.70 3.01
C SER A 23 -6.38 11.66 4.12
N CYS A 24 -5.99 10.40 3.91
CA CYS A 24 -6.18 9.30 4.86
C CYS A 24 -5.20 9.37 6.07
N PRO A 25 -5.65 9.07 7.31
CA PRO A 25 -4.82 9.16 8.52
C PRO A 25 -3.91 7.95 8.76
N HIS A 26 -4.14 6.80 8.12
CA HIS A 26 -3.38 5.56 8.34
C HIS A 26 -2.32 5.31 7.24
N ALA A 27 -1.23 4.60 7.58
CA ALA A 27 -0.03 4.53 6.74
C ALA A 27 -0.16 3.65 5.48
N HIS A 28 0.16 4.24 4.35
CA HIS A 28 0.18 3.67 2.99
C HIS A 28 1.62 3.22 2.59
N PRO A 29 1.95 1.91 2.67
CA PRO A 29 3.29 1.39 2.35
C PRO A 29 3.54 1.31 0.82
N THR A 30 4.37 2.21 0.29
CA THR A 30 4.74 2.25 -1.13
C THR A 30 6.23 2.56 -1.35
N LYS A 31 7.02 2.31 -0.31
CA LYS A 31 8.48 2.39 -0.28
C LYS A 31 9.03 1.23 0.54
N VAL A 32 10.24 0.77 0.21
CA VAL A 32 10.91 -0.32 0.92
C VAL A 32 11.54 0.22 2.19
N CYS A 33 11.29 -0.45 3.31
CA CYS A 33 11.62 0.05 4.65
C CYS A 33 13.11 0.38 4.84
N ASN A 34 13.40 1.48 5.53
CA ASN A 34 14.77 1.92 5.83
C ASN A 34 15.58 0.96 6.75
N GLU A 35 14.91 0.27 7.70
CA GLU A 35 15.55 -0.51 8.77
C GLU A 35 15.39 -2.04 8.64
N TYR A 36 14.52 -2.53 7.74
CA TYR A 36 14.41 -3.96 7.37
C TYR A 36 15.79 -4.64 7.16
N PRO A 37 16.00 -5.88 7.65
CA PRO A 37 15.02 -6.74 8.34
C PRO A 37 14.84 -6.41 9.83
N ASN A 38 15.55 -5.42 10.38
CA ASN A 38 15.72 -5.22 11.82
C ASN A 38 14.51 -4.57 12.51
N CYS A 39 13.31 -4.63 11.90
CA CYS A 39 12.20 -3.75 12.23
C CYS A 39 11.39 -4.23 13.46
N PRO A 40 11.14 -3.36 14.48
CA PRO A 40 10.34 -3.70 15.65
C PRO A 40 8.82 -3.67 15.37
N LYS A 41 8.39 -3.08 14.24
CA LYS A 41 6.99 -3.11 13.79
C LYS A 41 6.55 -4.56 13.47
N PRO A 42 5.50 -5.12 14.12
CA PRO A 42 4.96 -6.42 13.76
C PRO A 42 4.30 -6.36 12.35
N PRO A 43 4.04 -7.52 11.73
CA PRO A 43 3.40 -7.59 10.42
C PRO A 43 2.01 -6.93 10.47
N GLY A 44 1.85 -5.92 9.62
CA GLY A 44 0.60 -5.14 9.50
C GLY A 44 0.53 -3.87 10.35
N THR A 45 1.68 -3.22 10.62
CA THR A 45 1.77 -1.91 11.32
C THR A 45 2.76 -0.93 10.71
N CYS A 46 3.81 -1.41 10.02
CA CYS A 46 4.82 -0.54 9.40
C CYS A 46 4.31 0.31 8.25
N GLU A 47 4.77 1.55 8.27
CA GLU A 47 4.72 2.54 7.20
C GLU A 47 5.39 2.13 5.89
N PHE A 48 6.23 1.08 5.87
CA PHE A 48 6.94 0.67 4.66
C PHE A 48 6.74 -0.81 4.34
N LEU A 49 7.41 -1.26 3.29
CA LEU A 49 7.33 -2.60 2.71
C LEU A 49 8.51 -3.47 3.22
N HIS A 50 8.26 -4.73 3.53
CA HIS A 50 9.26 -5.72 3.94
C HIS A 50 9.17 -6.92 2.96
N PRO A 51 10.20 -7.23 2.14
CA PRO A 51 10.18 -8.34 1.18
C PRO A 51 10.37 -9.71 1.87
N ASN A 52 9.48 -10.03 2.82
CA ASN A 52 9.51 -11.18 3.71
C ASN A 52 8.15 -11.45 4.37
N GLU A 53 7.70 -10.53 5.24
CA GLU A 53 6.33 -10.52 5.77
C GLU A 53 5.39 -9.95 4.71
N ASP A 54 5.64 -8.69 4.35
CA ASP A 54 4.77 -7.84 3.54
C ASP A 54 4.90 -8.14 2.03
N GLU A 55 5.42 -9.32 1.71
CA GLU A 55 5.80 -9.73 0.37
C GLU A 55 4.56 -9.91 -0.53
N GLU A 56 3.46 -10.34 0.08
CA GLU A 56 2.13 -10.39 -0.55
C GLU A 56 1.56 -8.99 -0.87
N LEU A 57 1.95 -7.96 -0.11
CA LEU A 57 1.57 -6.56 -0.38
C LEU A 57 2.44 -5.99 -1.52
N MET A 58 3.72 -6.35 -1.60
CA MET A 58 4.57 -6.05 -2.75
C MET A 58 4.07 -6.75 -4.04
N LYS A 59 3.51 -7.95 -3.95
CA LYS A 59 2.79 -8.62 -5.03
C LYS A 59 1.45 -7.92 -5.37
N GLU A 60 0.70 -7.43 -4.37
CA GLU A 60 -0.48 -6.61 -4.62
C GLU A 60 -0.13 -5.28 -5.30
N MET A 61 1.03 -4.68 -5.02
CA MET A 61 1.54 -3.52 -5.75
C MET A 61 1.87 -3.87 -7.21
N GLU A 62 2.49 -5.01 -7.48
CA GLU A 62 2.72 -5.47 -8.86
C GLU A 62 1.39 -5.64 -9.63
N ARG A 63 0.37 -6.22 -8.99
CA ARG A 63 -1.01 -6.31 -9.50
C ARG A 63 -1.58 -4.91 -9.75
N THR A 64 -1.64 -4.07 -8.72
CA THR A 64 -2.35 -2.78 -8.69
C THR A 64 -1.75 -1.80 -9.67
N ARG A 65 -0.42 -1.69 -9.76
CA ARG A 65 0.26 -0.78 -10.68
C ARG A 65 0.05 -1.18 -12.16
N GLU A 66 -0.05 -2.49 -12.46
CA GLU A 66 -0.40 -2.98 -13.79
C GLU A 66 -1.89 -2.76 -14.13
N GLU A 67 -2.80 -2.97 -13.17
CA GLU A 67 -4.23 -2.69 -13.31
C GLU A 67 -4.48 -1.20 -13.61
N PHE A 68 -3.79 -0.35 -12.84
CA PHE A 68 -3.91 1.10 -12.89
C PHE A 68 -3.43 1.73 -14.21
N GLN A 69 -2.60 1.04 -15.00
CA GLN A 69 -2.23 1.47 -16.34
C GLN A 69 -3.47 1.60 -17.25
N LYS A 70 -4.45 0.69 -17.12
CA LYS A 70 -5.73 0.76 -17.83
C LYS A 70 -6.59 1.93 -17.33
N ARG A 71 -6.58 2.21 -16.02
CA ARG A 71 -7.27 3.37 -15.43
C ARG A 71 -6.65 4.69 -15.92
N LYS A 72 -5.32 4.75 -16.03
CA LYS A 72 -4.62 5.93 -16.56
C LYS A 72 -4.84 6.13 -18.07
N ALA A 73 -4.92 5.05 -18.86
CA ALA A 73 -5.34 5.12 -20.26
C ALA A 73 -6.77 5.67 -20.40
N ASP A 74 -7.70 5.24 -19.54
CA ASP A 74 -9.09 5.73 -19.51
C ASP A 74 -9.20 7.20 -19.04
N LEU A 75 -8.34 7.66 -18.14
CA LEU A 75 -8.21 9.06 -17.73
C LEU A 75 -7.74 9.95 -18.89
N LEU A 76 -6.69 9.53 -19.60
CA LEU A 76 -6.12 10.26 -20.74
C LEU A 76 -7.02 10.20 -21.98
N ALA A 77 -7.93 9.23 -22.05
CA ALA A 77 -9.04 9.16 -23.00
C ALA A 77 -10.28 10.00 -22.58
N ALA A 78 -10.14 10.83 -21.54
CA ALA A 78 -11.18 11.67 -20.94
C ALA A 78 -10.59 13.00 -20.43
N LYS A 79 -11.21 13.62 -19.43
CA LYS A 79 -10.84 14.94 -18.90
C LYS A 79 -9.63 14.87 -17.92
N ARG A 80 -8.45 14.52 -18.45
CA ARG A 80 -7.17 14.43 -17.70
C ARG A 80 -5.99 14.50 -18.68
N LYS A 81 -5.13 15.50 -18.51
CA LYS A 81 -3.91 15.70 -19.34
C LYS A 81 -2.85 14.59 -19.09
N PRO A 82 -1.95 14.31 -20.05
CA PRO A 82 -0.88 13.32 -19.90
C PRO A 82 0.27 13.80 -18.99
N VAL A 83 0.41 15.13 -18.80
CA VAL A 83 1.38 15.82 -17.91
C VAL A 83 2.82 15.77 -18.49
N GLY A 1 -21.01 -3.11 31.04
CA GLY A 1 -20.37 -2.35 32.14
C GLY A 1 -18.87 -2.18 31.91
N SER A 2 -18.30 -1.12 32.48
CA SER A 2 -16.87 -0.74 32.39
C SER A 2 -16.43 -0.22 31.00
N PHE A 3 -15.25 0.40 30.94
CA PHE A 3 -14.70 1.07 29.75
C PHE A 3 -13.18 0.88 29.65
N THR A 4 -12.66 0.82 28.41
CA THR A 4 -11.26 0.57 28.04
C THR A 4 -10.88 1.36 26.78
N PRO A 5 -9.57 1.67 26.57
CA PRO A 5 -9.11 2.38 25.37
C PRO A 5 -9.16 1.47 24.13
N THR A 6 -9.43 2.07 22.97
CA THR A 6 -9.65 1.39 21.68
C THR A 6 -8.76 1.91 20.55
N LYS A 7 -7.73 2.69 20.89
CA LYS A 7 -6.84 3.35 19.93
C LYS A 7 -5.95 2.37 19.13
N LYS A 8 -5.95 2.52 17.80
CA LYS A 8 -5.26 1.64 16.85
C LYS A 8 -3.72 1.84 16.81
N GLU A 9 -3.04 1.11 15.93
CA GLU A 9 -1.61 1.22 15.64
C GLU A 9 -1.38 1.96 14.29
N GLY A 10 -0.34 1.61 13.53
CA GLY A 10 -0.13 2.08 12.16
C GLY A 10 -0.89 1.25 11.13
N ARG A 11 -0.50 1.47 9.86
CA ARG A 11 -0.90 0.77 8.64
C ARG A 11 -2.37 0.90 8.24
N CYS A 12 -2.60 1.40 7.02
CA CYS A 12 -3.90 1.33 6.35
C CYS A 12 -4.23 -0.06 5.78
N ARG A 13 -5.53 -0.38 5.67
CA ARG A 13 -6.05 -1.74 5.52
C ARG A 13 -6.81 -2.02 4.20
N LEU A 14 -7.36 -0.97 3.55
CA LEU A 14 -7.90 -1.04 2.19
C LEU A 14 -6.79 -1.06 1.12
N PHE A 15 -5.62 -0.54 1.48
CA PHE A 15 -4.44 -0.33 0.63
C PHE A 15 -3.95 -1.63 -0.07
N PRO A 16 -3.54 -1.57 -1.35
CA PRO A 16 -3.38 -0.37 -2.19
C PRO A 16 -4.70 0.24 -2.69
N HIS A 17 -5.82 -0.44 -2.49
CA HIS A 17 -7.11 -0.16 -3.13
C HIS A 17 -7.93 0.93 -2.41
N CYS A 18 -7.24 1.94 -1.86
CA CYS A 18 -7.84 3.00 -1.02
C CYS A 18 -8.12 4.31 -1.81
N PRO A 19 -9.30 4.94 -1.64
CA PRO A 19 -9.70 6.11 -2.44
C PRO A 19 -9.13 7.47 -1.98
N LEU A 20 -8.69 7.63 -0.73
CA LEU A 20 -8.35 8.92 -0.13
C LEU A 20 -6.89 9.38 -0.40
N GLY A 21 -6.01 8.50 -0.88
CA GLY A 21 -4.61 8.81 -1.17
C GLY A 21 -3.87 9.42 0.02
N ARG A 22 -3.08 10.47 -0.23
CA ARG A 22 -2.29 11.20 0.78
C ARG A 22 -3.16 11.99 1.79
N SER A 23 -4.46 12.14 1.55
CA SER A 23 -5.41 12.79 2.50
C SER A 23 -5.90 11.83 3.60
N CYS A 24 -5.63 10.53 3.49
CA CYS A 24 -6.01 9.49 4.45
C CYS A 24 -5.18 9.54 5.77
N PRO A 25 -5.77 9.29 6.95
CA PRO A 25 -5.07 9.37 8.24
C PRO A 25 -4.18 8.16 8.59
N HIS A 26 -4.36 7.00 7.94
CA HIS A 26 -3.59 5.77 8.21
C HIS A 26 -2.42 5.57 7.22
N ALA A 27 -1.35 4.85 7.64
CA ALA A 27 -0.10 4.75 6.89
C ALA A 27 -0.20 3.85 5.65
N HIS A 28 -0.04 4.42 4.47
CA HIS A 28 0.09 3.73 3.18
C HIS A 28 1.55 3.25 2.95
N PRO A 29 1.83 1.93 2.96
CA PRO A 29 3.16 1.39 2.73
C PRO A 29 3.45 1.38 1.22
N THR A 30 4.01 2.48 0.72
CA THR A 30 4.34 2.70 -0.70
C THR A 30 5.85 2.89 -0.93
N LYS A 31 6.64 2.71 0.13
CA LYS A 31 8.09 2.76 0.18
C LYS A 31 8.60 1.43 0.79
N VAL A 32 9.69 0.87 0.26
CA VAL A 32 10.40 -0.24 0.95
C VAL A 32 11.12 0.31 2.17
N CYS A 33 10.96 -0.38 3.30
CA CYS A 33 11.39 0.10 4.62
C CYS A 33 12.89 0.42 4.71
N ASN A 34 13.23 1.50 5.40
CA ASN A 34 14.63 1.90 5.60
C ASN A 34 15.43 0.95 6.54
N GLU A 35 14.77 0.36 7.55
CA GLU A 35 15.36 -0.43 8.62
C GLU A 35 15.36 -1.95 8.39
N TYR A 36 14.53 -2.44 7.46
CA TYR A 36 14.47 -3.85 7.03
C TYR A 36 15.88 -4.46 6.77
N PRO A 37 16.15 -5.70 7.22
CA PRO A 37 15.25 -6.63 7.90
C PRO A 37 15.09 -6.35 9.40
N ASN A 38 15.83 -5.38 9.97
CA ASN A 38 16.04 -5.23 11.41
C ASN A 38 14.90 -4.47 12.11
N CYS A 39 13.67 -4.58 11.60
CA CYS A 39 12.55 -3.73 12.02
C CYS A 39 11.86 -4.23 13.32
N PRO A 40 11.62 -3.36 14.32
CA PRO A 40 10.94 -3.72 15.57
C PRO A 40 9.41 -3.81 15.44
N LYS A 41 8.82 -3.35 14.33
CA LYS A 41 7.38 -3.50 14.06
C LYS A 41 7.03 -4.99 13.79
N PRO A 42 5.96 -5.54 14.41
CA PRO A 42 5.42 -6.85 14.05
C PRO A 42 4.74 -6.79 12.66
N PRO A 43 4.41 -7.92 12.04
CA PRO A 43 3.87 -7.95 10.68
C PRO A 43 2.45 -7.35 10.62
N GLY A 44 2.33 -6.18 9.96
CA GLY A 44 1.06 -5.55 9.61
C GLY A 44 0.74 -4.29 10.42
N THR A 45 1.71 -3.37 10.50
CA THR A 45 1.61 -2.10 11.25
C THR A 45 2.65 -1.06 10.81
N CYS A 46 3.87 -1.49 10.44
CA CYS A 46 4.89 -0.59 9.86
C CYS A 46 4.35 0.27 8.71
N GLU A 47 4.78 1.52 8.73
CA GLU A 47 4.58 2.48 7.64
C GLU A 47 5.23 2.08 6.30
N PHE A 48 6.10 1.05 6.25
CA PHE A 48 6.76 0.68 5.00
C PHE A 48 6.59 -0.81 4.69
N LEU A 49 7.13 -1.22 3.55
CA LEU A 49 7.03 -2.56 2.97
C LEU A 49 8.26 -3.41 3.36
N HIS A 50 8.06 -4.70 3.60
CA HIS A 50 9.12 -5.67 3.92
C HIS A 50 9.04 -6.83 2.90
N PRO A 51 10.06 -7.07 2.05
CA PRO A 51 10.04 -8.14 1.03
C PRO A 51 10.32 -9.52 1.67
N ASN A 52 9.48 -9.91 2.63
CA ASN A 52 9.61 -11.09 3.48
C ASN A 52 8.29 -11.44 4.20
N GLU A 53 7.86 -10.58 5.14
CA GLU A 53 6.52 -10.65 5.75
C GLU A 53 5.51 -10.08 4.76
N ASP A 54 5.67 -8.80 4.45
CA ASP A 54 4.71 -7.96 3.73
C ASP A 54 4.73 -8.21 2.22
N GLU A 55 5.31 -9.34 1.80
CA GLU A 55 5.58 -9.67 0.40
C GLU A 55 4.27 -9.84 -0.40
N GLU A 56 3.24 -10.33 0.29
CA GLU A 56 1.87 -10.44 -0.24
C GLU A 56 1.24 -9.08 -0.55
N LEU A 57 1.60 -8.02 0.21
CA LEU A 57 1.20 -6.65 -0.11
C LEU A 57 2.06 -6.04 -1.23
N MET A 58 3.36 -6.35 -1.30
CA MET A 58 4.23 -5.92 -2.40
C MET A 58 3.76 -6.49 -3.75
N LYS A 59 3.38 -7.76 -3.85
CA LYS A 59 2.83 -8.33 -5.06
C LYS A 59 1.39 -7.87 -5.38
N GLU A 60 0.60 -7.48 -4.37
CA GLU A 60 -0.66 -6.75 -4.55
C GLU A 60 -0.41 -5.36 -5.16
N MET A 61 0.68 -4.69 -4.76
CA MET A 61 1.09 -3.39 -5.31
C MET A 61 1.64 -3.51 -6.74
N GLU A 62 2.32 -4.61 -7.08
CA GLU A 62 2.66 -4.93 -8.48
C GLU A 62 1.38 -5.16 -9.31
N ARG A 63 0.40 -5.90 -8.78
CA ARG A 63 -0.93 -6.07 -9.39
C ARG A 63 -1.62 -4.71 -9.60
N THR A 64 -1.62 -3.80 -8.61
CA THR A 64 -2.21 -2.45 -8.74
C THR A 64 -1.46 -1.63 -9.78
N ARG A 65 -0.14 -1.74 -9.89
CA ARG A 65 0.65 -1.07 -10.93
C ARG A 65 0.35 -1.61 -12.34
N GLU A 66 0.20 -2.92 -12.50
CA GLU A 66 -0.22 -3.56 -13.76
C GLU A 66 -1.64 -3.15 -14.18
N GLU A 67 -2.56 -3.03 -13.21
CA GLU A 67 -3.89 -2.45 -13.42
C GLU A 67 -3.81 -0.97 -13.85
N PHE A 68 -2.95 -0.19 -13.20
CA PHE A 68 -2.85 1.26 -13.43
C PHE A 68 -2.25 1.61 -14.80
N GLN A 69 -1.27 0.84 -15.28
CA GLN A 69 -0.70 1.03 -16.63
C GLN A 69 -1.67 0.58 -17.73
N LYS A 70 -2.65 -0.28 -17.43
CA LYS A 70 -3.76 -0.61 -18.33
C LYS A 70 -4.84 0.49 -18.32
N ARG A 71 -5.10 1.09 -17.14
CA ARG A 71 -6.02 2.23 -16.96
C ARG A 71 -5.48 3.52 -17.61
N LYS A 72 -4.15 3.67 -17.70
CA LYS A 72 -3.47 4.88 -18.19
C LYS A 72 -3.80 5.25 -19.66
N ALA A 73 -4.27 4.30 -20.47
CA ALA A 73 -4.77 4.56 -21.82
C ALA A 73 -5.93 5.58 -21.86
N ASP A 74 -6.80 5.60 -20.84
CA ASP A 74 -7.90 6.57 -20.71
C ASP A 74 -7.49 7.90 -20.06
N LEU A 75 -6.37 7.92 -19.34
CA LEU A 75 -5.77 9.13 -18.75
C LEU A 75 -5.00 9.96 -19.78
N LEU A 76 -4.27 9.27 -20.66
CA LEU A 76 -3.61 9.83 -21.85
C LEU A 76 -4.63 10.24 -22.95
N ALA A 77 -5.81 9.62 -22.94
CA ALA A 77 -7.01 10.07 -23.68
C ALA A 77 -7.92 10.90 -22.75
N ALA A 78 -9.23 10.62 -22.75
CA ALA A 78 -10.22 11.20 -21.82
C ALA A 78 -11.49 10.34 -21.71
N LYS A 79 -12.18 10.43 -20.57
CA LYS A 79 -13.46 9.78 -20.26
C LYS A 79 -14.33 10.69 -19.36
N ARG A 80 -15.64 10.75 -19.62
CA ARG A 80 -16.61 11.51 -18.82
C ARG A 80 -16.89 10.78 -17.50
N LYS A 81 -16.83 11.51 -16.39
CA LYS A 81 -16.99 11.00 -15.01
C LYS A 81 -17.63 12.06 -14.07
N PRO A 82 -18.23 11.66 -12.93
CA PRO A 82 -18.73 12.60 -11.93
C PRO A 82 -17.57 13.25 -11.14
N VAL A 83 -17.88 14.36 -10.46
CA VAL A 83 -16.93 15.19 -9.68
C VAL A 83 -17.65 16.07 -8.64
N GLY A 1 -11.28 -5.47 19.81
CA GLY A 1 -9.96 -4.80 19.94
C GLY A 1 -10.12 -3.33 20.31
N SER A 2 -9.13 -2.77 21.01
CA SER A 2 -9.07 -1.39 21.58
C SER A 2 -10.04 -1.17 22.77
N PHE A 3 -9.88 -0.04 23.48
CA PHE A 3 -10.56 0.25 24.75
C PHE A 3 -11.12 1.68 24.83
N THR A 4 -10.96 2.51 23.78
CA THR A 4 -11.27 3.95 23.74
C THR A 4 -11.72 4.38 22.34
N PRO A 5 -12.49 5.48 22.19
CA PRO A 5 -12.99 5.98 20.91
C PRO A 5 -11.92 6.82 20.20
N THR A 6 -10.80 6.18 19.84
CA THR A 6 -9.57 6.80 19.33
C THR A 6 -8.92 5.92 18.26
N LYS A 7 -8.14 6.53 17.36
CA LYS A 7 -7.43 5.83 16.28
C LYS A 7 -6.31 4.90 16.80
N LYS A 8 -6.06 3.80 16.07
CA LYS A 8 -5.05 2.79 16.34
C LYS A 8 -3.60 3.27 16.14
N GLU A 9 -2.67 2.30 16.00
CA GLU A 9 -1.29 2.52 15.55
C GLU A 9 -1.25 2.77 14.01
N GLY A 10 -0.15 2.46 13.34
CA GLY A 10 0.04 2.68 11.90
C GLY A 10 -0.66 1.63 11.02
N ARG A 11 -0.30 1.70 9.74
CA ARG A 11 -0.72 0.87 8.60
C ARG A 11 -2.20 0.96 8.23
N CYS A 12 -2.48 1.33 6.98
CA CYS A 12 -3.80 1.20 6.36
C CYS A 12 -4.17 -0.24 5.94
N ARG A 13 -5.47 -0.56 5.91
CA ARG A 13 -6.02 -1.92 5.79
C ARG A 13 -6.59 -2.22 4.39
N LEU A 14 -7.16 -1.24 3.67
CA LEU A 14 -7.65 -1.41 2.30
C LEU A 14 -6.52 -1.32 1.26
N PHE A 15 -5.39 -0.74 1.65
CA PHE A 15 -4.17 -0.55 0.87
C PHE A 15 -3.63 -1.88 0.29
N PRO A 16 -3.14 -1.88 -0.97
CA PRO A 16 -2.93 -0.74 -1.87
C PRO A 16 -4.22 -0.19 -2.52
N HIS A 17 -5.32 -0.90 -2.35
CA HIS A 17 -6.59 -0.68 -3.07
C HIS A 17 -7.48 0.40 -2.40
N CYS A 18 -6.86 1.48 -1.90
CA CYS A 18 -7.51 2.57 -1.15
C CYS A 18 -7.67 3.86 -1.98
N PRO A 19 -8.83 4.55 -1.96
CA PRO A 19 -9.11 5.70 -2.83
C PRO A 19 -8.64 7.08 -2.30
N LEU A 20 -8.36 7.24 -0.99
CA LEU A 20 -8.17 8.55 -0.38
C LEU A 20 -6.75 9.14 -0.54
N GLY A 21 -5.77 8.34 -0.96
CA GLY A 21 -4.39 8.80 -1.19
C GLY A 21 -3.75 9.43 0.05
N ARG A 22 -3.06 10.56 -0.15
CA ARG A 22 -2.38 11.32 0.92
C ARG A 22 -3.32 11.93 1.98
N SER A 23 -4.62 12.05 1.71
CA SER A 23 -5.62 12.55 2.64
C SER A 23 -6.09 11.50 3.67
N CYS A 24 -5.73 10.22 3.48
CA CYS A 24 -6.05 9.13 4.41
C CYS A 24 -5.21 9.21 5.71
N PRO A 25 -5.80 9.00 6.91
CA PRO A 25 -5.09 9.14 8.19
C PRO A 25 -4.20 7.94 8.57
N HIS A 26 -4.35 6.78 7.94
CA HIS A 26 -3.56 5.57 8.21
C HIS A 26 -2.44 5.34 7.17
N ALA A 27 -1.31 4.73 7.58
CA ALA A 27 -0.07 4.72 6.79
C ALA A 27 -0.13 3.77 5.58
N HIS A 28 0.03 4.33 4.39
CA HIS A 28 0.23 3.61 3.13
C HIS A 28 1.73 3.27 2.94
N PRO A 29 2.14 1.99 3.04
CA PRO A 29 3.52 1.57 2.80
C PRO A 29 3.80 1.56 1.29
N THR A 30 4.39 2.65 0.78
CA THR A 30 4.78 2.86 -0.62
C THR A 30 6.30 2.91 -0.84
N LYS A 31 7.07 2.67 0.23
CA LYS A 31 8.52 2.75 0.28
C LYS A 31 9.08 1.56 1.06
N VAL A 32 10.29 1.12 0.70
CA VAL A 32 10.99 0.01 1.36
C VAL A 32 11.64 0.53 2.65
N CYS A 33 11.39 -0.19 3.75
CA CYS A 33 11.73 0.25 5.10
C CYS A 33 13.23 0.56 5.30
N ASN A 34 13.52 1.62 6.06
CA ASN A 34 14.89 2.01 6.42
C ASN A 34 15.62 0.98 7.32
N GLU A 35 14.91 0.35 8.27
CA GLU A 35 15.47 -0.54 9.30
C GLU A 35 15.45 -2.05 8.97
N TYR A 36 14.63 -2.48 8.00
CA TYR A 36 14.55 -3.87 7.53
C TYR A 36 15.94 -4.53 7.31
N PRO A 37 16.14 -5.80 7.73
CA PRO A 37 15.17 -6.71 8.36
C PRO A 37 14.97 -6.47 9.87
N ASN A 38 15.67 -5.51 10.48
CA ASN A 38 15.84 -5.40 11.93
C ASN A 38 14.62 -4.82 12.66
N CYS A 39 13.43 -4.81 12.03
CA CYS A 39 12.29 -3.99 12.44
C CYS A 39 11.48 -4.63 13.59
N PRO A 40 11.21 -3.89 14.70
CA PRO A 40 10.43 -4.40 15.83
C PRO A 40 8.93 -4.41 15.56
N LYS A 41 8.45 -3.76 14.49
CA LYS A 41 7.04 -3.79 14.09
C LYS A 41 6.61 -5.22 13.66
N PRO A 42 5.49 -5.76 14.19
CA PRO A 42 4.88 -6.98 13.66
C PRO A 42 4.32 -6.74 12.25
N PRO A 43 3.94 -7.80 11.51
CA PRO A 43 3.31 -7.65 10.22
C PRO A 43 1.96 -6.94 10.36
N GLY A 44 1.82 -5.78 9.70
CA GLY A 44 0.57 -5.02 9.62
C GLY A 44 0.51 -3.74 10.48
N THR A 45 1.66 -3.12 10.81
CA THR A 45 1.74 -1.85 11.55
C THR A 45 2.76 -0.84 11.02
N CYS A 46 3.89 -1.30 10.46
CA CYS A 46 4.94 -0.43 9.89
C CYS A 46 4.44 0.43 8.72
N GLU A 47 4.89 1.69 8.75
CA GLU A 47 4.75 2.65 7.66
C GLU A 47 5.47 2.26 6.36
N PHE A 48 6.34 1.22 6.34
CA PHE A 48 7.06 0.86 5.14
C PHE A 48 6.87 -0.62 4.76
N LEU A 49 7.57 -1.03 3.70
CA LEU A 49 7.50 -2.35 3.07
C LEU A 49 8.70 -3.20 3.51
N HIS A 50 8.49 -4.51 3.60
CA HIS A 50 9.45 -5.50 4.08
C HIS A 50 9.40 -6.67 3.07
N PRO A 51 10.43 -6.94 2.25
CA PRO A 51 10.42 -8.01 1.24
C PRO A 51 10.58 -9.41 1.87
N ASN A 52 9.66 -9.74 2.79
CA ASN A 52 9.68 -10.88 3.69
C ASN A 52 8.30 -11.15 4.33
N GLU A 53 7.69 -10.12 4.94
CA GLU A 53 6.30 -10.15 5.43
C GLU A 53 5.38 -9.54 4.36
N ASP A 54 5.58 -8.25 4.09
CA ASP A 54 4.85 -7.45 3.10
C ASP A 54 5.30 -7.75 1.66
N GLU A 55 5.85 -8.95 1.45
CA GLU A 55 6.29 -9.48 0.15
C GLU A 55 5.07 -9.78 -0.73
N GLU A 56 3.97 -10.22 -0.11
CA GLU A 56 2.66 -10.38 -0.75
C GLU A 56 1.96 -9.04 -1.02
N LEU A 57 2.31 -7.97 -0.27
CA LEU A 57 1.77 -6.62 -0.48
C LEU A 57 2.40 -5.96 -1.70
N MET A 58 3.70 -6.14 -1.91
CA MET A 58 4.40 -5.83 -3.16
C MET A 58 3.76 -6.54 -4.35
N LYS A 59 3.38 -7.81 -4.20
CA LYS A 59 2.63 -8.56 -5.21
C LYS A 59 1.22 -8.00 -5.44
N GLU A 60 0.51 -7.57 -4.38
CA GLU A 60 -0.78 -6.88 -4.52
C GLU A 60 -0.65 -5.62 -5.38
N MET A 61 0.36 -4.79 -5.11
CA MET A 61 0.65 -3.53 -5.82
C MET A 61 0.88 -3.73 -7.33
N GLU A 62 1.27 -4.93 -7.78
CA GLU A 62 1.36 -5.25 -9.20
C GLU A 62 -0.02 -5.40 -9.88
N ARG A 63 -1.02 -5.94 -9.18
CA ARG A 63 -2.41 -6.01 -9.68
C ARG A 63 -2.93 -4.57 -9.84
N THR A 64 -2.73 -3.80 -8.77
CA THR A 64 -3.02 -2.36 -8.68
C THR A 64 -2.34 -1.57 -9.78
N ARG A 65 -1.10 -1.91 -10.18
CA ARG A 65 -0.39 -1.28 -11.29
C ARG A 65 -1.04 -1.59 -12.65
N GLU A 66 -1.31 -2.87 -12.95
CA GLU A 66 -1.96 -3.25 -14.22
C GLU A 66 -3.44 -2.81 -14.29
N GLU A 67 -4.07 -2.56 -13.15
CA GLU A 67 -5.36 -1.89 -12.99
C GLU A 67 -5.27 -0.38 -13.28
N PHE A 68 -4.28 0.31 -12.70
CA PHE A 68 -4.13 1.76 -12.79
C PHE A 68 -3.75 2.25 -14.19
N GLN A 69 -2.92 1.50 -14.90
CA GLN A 69 -2.57 1.81 -16.29
C GLN A 69 -3.78 1.66 -17.23
N LYS A 70 -4.72 0.78 -16.90
CA LYS A 70 -5.96 0.56 -17.66
C LYS A 70 -6.99 1.67 -17.39
N ARG A 71 -7.05 2.17 -16.15
CA ARG A 71 -7.81 3.37 -15.79
C ARG A 71 -7.25 4.61 -16.50
N LYS A 72 -5.92 4.72 -16.63
CA LYS A 72 -5.25 5.78 -17.39
C LYS A 72 -5.49 5.67 -18.91
N ALA A 73 -5.48 4.46 -19.46
CA ALA A 73 -5.85 4.20 -20.86
C ALA A 73 -7.33 4.52 -21.17
N ASP A 74 -8.20 4.46 -20.17
CA ASP A 74 -9.61 4.86 -20.24
C ASP A 74 -9.84 6.37 -20.02
N LEU A 75 -8.99 7.05 -19.24
CA LEU A 75 -9.00 8.50 -19.05
C LEU A 75 -8.73 9.27 -20.36
N LEU A 76 -7.74 8.81 -21.13
CA LEU A 76 -7.37 9.39 -22.43
C LEU A 76 -8.35 9.02 -23.55
N ALA A 77 -9.19 7.99 -23.35
CA ALA A 77 -10.18 7.53 -24.33
C ALA A 77 -11.30 8.54 -24.64
N ALA A 78 -11.36 9.62 -23.88
CA ALA A 78 -12.23 10.79 -24.07
C ALA A 78 -11.63 11.85 -25.01
N LYS A 79 -10.39 11.68 -25.48
CA LYS A 79 -9.64 12.66 -26.30
C LYS A 79 -8.75 12.05 -27.40
N ARG A 80 -8.18 10.85 -27.20
CA ARG A 80 -7.16 10.26 -28.08
C ARG A 80 -7.27 8.73 -28.16
N LYS A 81 -7.51 8.20 -29.37
CA LYS A 81 -7.36 6.78 -29.75
C LYS A 81 -6.86 6.65 -31.21
N PRO A 82 -5.56 6.94 -31.48
CA PRO A 82 -4.96 6.83 -32.81
C PRO A 82 -4.72 5.37 -33.19
N VAL A 83 -4.51 5.13 -34.50
CA VAL A 83 -4.20 3.84 -35.16
C VAL A 83 -5.10 2.67 -34.73
N GLY A 1 8.31 0.63 29.44
CA GLY A 1 6.84 0.64 29.24
C GLY A 1 6.30 2.05 29.21
N SER A 2 5.31 2.31 28.35
CA SER A 2 4.74 3.65 28.10
C SER A 2 3.26 3.56 27.66
N PHE A 3 2.47 4.60 27.93
CA PHE A 3 1.01 4.61 27.71
C PHE A 3 0.57 4.97 26.27
N THR A 4 1.54 5.37 25.42
CA THR A 4 1.44 5.73 23.98
C THR A 4 0.67 7.05 23.72
N PRO A 5 0.92 7.75 22.59
CA PRO A 5 0.36 9.09 22.34
C PRO A 5 -1.00 9.09 21.65
N THR A 6 -1.59 7.92 21.34
CA THR A 6 -2.80 7.79 20.52
C THR A 6 -3.47 6.42 20.70
N LYS A 7 -4.75 6.32 20.36
CA LYS A 7 -5.64 5.19 20.68
C LYS A 7 -5.50 3.95 19.77
N LYS A 8 -4.52 3.95 18.86
CA LYS A 8 -4.26 2.96 17.83
C LYS A 8 -2.78 2.94 17.36
N GLU A 9 -2.52 2.22 16.27
CA GLU A 9 -1.22 1.99 15.66
C GLU A 9 -1.28 2.26 14.15
N GLY A 10 -0.15 2.10 13.43
CA GLY A 10 -0.02 2.41 12.02
C GLY A 10 -0.63 1.37 11.07
N ARG A 11 -0.26 1.53 9.80
CA ARG A 11 -0.65 0.76 8.60
C ARG A 11 -2.14 0.85 8.25
N CYS A 12 -2.43 1.32 7.05
CA CYS A 12 -3.76 1.30 6.45
C CYS A 12 -4.19 -0.10 5.94
N ARG A 13 -5.50 -0.35 5.87
CA ARG A 13 -6.12 -1.67 5.77
C ARG A 13 -6.82 -1.94 4.42
N LEU A 14 -7.32 -0.91 3.75
CA LEU A 14 -7.87 -0.98 2.38
C LEU A 14 -6.76 -1.02 1.32
N PHE A 15 -5.57 -0.50 1.67
CA PHE A 15 -4.40 -0.33 0.83
C PHE A 15 -3.93 -1.64 0.15
N PRO A 16 -3.49 -1.62 -1.14
CA PRO A 16 -3.34 -0.44 -2.01
C PRO A 16 -4.65 0.15 -2.54
N HIS A 17 -5.77 -0.54 -2.32
CA HIS A 17 -7.08 -0.25 -2.93
C HIS A 17 -7.87 0.87 -2.21
N CYS A 18 -7.16 1.85 -1.66
CA CYS A 18 -7.73 2.95 -0.86
C CYS A 18 -8.00 4.22 -1.70
N PRO A 19 -9.19 4.85 -1.60
CA PRO A 19 -9.54 6.03 -2.40
C PRO A 19 -9.00 7.36 -1.83
N LEU A 20 -8.63 7.45 -0.55
CA LEU A 20 -8.26 8.67 0.15
C LEU A 20 -6.75 8.99 0.12
N GLY A 21 -5.98 8.39 -0.80
CA GLY A 21 -4.53 8.52 -0.96
C GLY A 21 -4.04 9.92 -1.35
N ARG A 22 -4.16 10.84 -0.39
CA ARG A 22 -3.85 12.28 -0.40
C ARG A 22 -4.25 12.94 0.93
N SER A 23 -5.26 12.40 1.62
CA SER A 23 -5.86 12.95 2.84
C SER A 23 -6.10 11.89 3.96
N CYS A 24 -5.93 10.60 3.66
CA CYS A 24 -6.11 9.49 4.60
C CYS A 24 -5.17 9.56 5.84
N PRO A 25 -5.66 9.29 7.07
CA PRO A 25 -4.86 9.40 8.30
C PRO A 25 -3.95 8.20 8.60
N HIS A 26 -4.12 7.05 7.93
CA HIS A 26 -3.36 5.81 8.19
C HIS A 26 -2.23 5.55 7.17
N ALA A 27 -1.17 4.84 7.59
CA ALA A 27 0.07 4.72 6.82
C ALA A 27 -0.04 3.78 5.60
N HIS A 28 0.13 4.33 4.42
CA HIS A 28 0.25 3.63 3.13
C HIS A 28 1.72 3.19 2.90
N PRO A 29 2.05 1.89 2.98
CA PRO A 29 3.42 1.39 2.77
C PRO A 29 3.73 1.37 1.26
N THR A 30 4.60 2.29 0.83
CA THR A 30 4.99 2.46 -0.59
C THR A 30 6.46 2.86 -0.77
N LYS A 31 7.21 2.81 0.33
CA LYS A 31 8.68 2.88 0.38
C LYS A 31 9.20 1.65 1.12
N VAL A 32 10.40 1.21 0.75
CA VAL A 32 11.06 0.05 1.39
C VAL A 32 11.73 0.53 2.68
N CYS A 33 11.46 -0.20 3.77
CA CYS A 33 11.79 0.23 5.13
C CYS A 33 13.28 0.56 5.34
N ASN A 34 13.56 1.57 6.16
CA ASN A 34 14.91 1.98 6.54
C ASN A 34 15.72 0.90 7.32
N GLU A 35 15.05 0.10 8.17
CA GLU A 35 15.70 -0.79 9.16
C GLU A 35 15.42 -2.30 8.98
N TYR A 36 14.51 -2.71 8.09
CA TYR A 36 14.33 -4.11 7.67
C TYR A 36 15.68 -4.83 7.38
N PRO A 37 15.84 -6.10 7.79
CA PRO A 37 14.87 -6.97 8.46
C PRO A 37 14.73 -6.71 9.97
N ASN A 38 15.49 -5.77 10.55
CA ASN A 38 15.70 -5.62 11.99
C ASN A 38 14.51 -4.94 12.71
N CYS A 39 13.32 -4.93 12.11
CA CYS A 39 12.21 -4.06 12.50
C CYS A 39 11.41 -4.63 13.69
N PRO A 40 11.20 -3.86 14.78
CA PRO A 40 10.41 -4.30 15.94
C PRO A 40 8.89 -4.28 15.65
N LYS A 41 8.44 -3.61 14.57
CA LYS A 41 7.06 -3.69 14.10
C LYS A 41 6.68 -5.15 13.69
N PRO A 42 5.58 -5.72 14.22
CA PRO A 42 5.03 -6.98 13.72
C PRO A 42 4.51 -6.81 12.27
N PRO A 43 4.20 -7.91 11.56
CA PRO A 43 3.66 -7.84 10.20
C PRO A 43 2.30 -7.15 10.20
N GLY A 44 2.22 -6.01 9.49
CA GLY A 44 0.98 -5.25 9.29
C GLY A 44 0.79 -4.05 10.21
N THR A 45 1.87 -3.33 10.58
CA THR A 45 1.81 -2.08 11.38
C THR A 45 2.81 -1.01 10.93
N CYS A 46 3.95 -1.38 10.37
CA CYS A 46 4.96 -0.46 9.85
C CYS A 46 4.46 0.40 8.69
N GLU A 47 4.89 1.66 8.73
CA GLU A 47 4.75 2.63 7.63
C GLU A 47 5.48 2.24 6.34
N PHE A 48 6.37 1.25 6.33
CA PHE A 48 7.12 0.88 5.14
C PHE A 48 6.88 -0.58 4.74
N LEU A 49 7.57 -0.98 3.68
CA LEU A 49 7.49 -2.30 3.05
C LEU A 49 8.70 -3.15 3.46
N HIS A 50 8.50 -4.47 3.52
CA HIS A 50 9.46 -5.45 3.99
C HIS A 50 9.42 -6.62 2.97
N PRO A 51 10.47 -6.87 2.15
CA PRO A 51 10.46 -7.87 1.07
C PRO A 51 10.60 -9.32 1.59
N ASN A 52 9.71 -9.70 2.51
CA ASN A 52 9.64 -10.98 3.21
C ASN A 52 8.24 -11.17 3.85
N GLU A 53 7.85 -10.29 4.79
CA GLU A 53 6.48 -10.25 5.34
C GLU A 53 5.54 -9.63 4.29
N ASP A 54 5.76 -8.35 4.00
CA ASP A 54 4.96 -7.53 3.09
C ASP A 54 5.30 -7.79 1.62
N GLU A 55 5.82 -8.97 1.32
CA GLU A 55 6.24 -9.37 -0.02
C GLU A 55 4.99 -9.63 -0.89
N GLU A 56 3.95 -10.21 -0.29
CA GLU A 56 2.62 -10.38 -0.86
C GLU A 56 1.92 -9.03 -1.09
N LEU A 57 2.26 -7.98 -0.31
CA LEU A 57 1.72 -6.63 -0.49
C LEU A 57 2.37 -5.93 -1.68
N MET A 58 3.69 -6.12 -1.90
CA MET A 58 4.36 -5.69 -3.13
C MET A 58 3.75 -6.38 -4.36
N LYS A 59 3.39 -7.66 -4.28
CA LYS A 59 2.69 -8.38 -5.32
C LYS A 59 1.26 -7.88 -5.54
N GLU A 60 0.54 -7.48 -4.48
CA GLU A 60 -0.77 -6.82 -4.58
C GLU A 60 -0.68 -5.45 -5.29
N MET A 61 0.36 -4.67 -4.97
CA MET A 61 0.65 -3.37 -5.60
C MET A 61 1.02 -3.51 -7.08
N GLU A 62 1.82 -4.53 -7.43
CA GLU A 62 2.11 -4.86 -8.83
C GLU A 62 0.84 -5.32 -9.56
N ARG A 63 -0.01 -6.14 -8.92
CA ARG A 63 -1.29 -6.60 -9.48
C ARG A 63 -2.17 -5.40 -9.87
N THR A 64 -2.54 -4.55 -8.90
CA THR A 64 -3.42 -3.38 -9.15
C THR A 64 -2.83 -2.43 -10.19
N ARG A 65 -1.50 -2.23 -10.22
CA ARG A 65 -0.82 -1.45 -11.28
C ARG A 65 -0.96 -2.10 -12.67
N GLU A 66 -0.75 -3.42 -12.79
CA GLU A 66 -0.90 -4.16 -14.04
C GLU A 66 -2.36 -4.21 -14.52
N GLU A 67 -3.33 -4.27 -13.60
CA GLU A 67 -4.76 -4.12 -13.88
C GLU A 67 -5.06 -2.74 -14.48
N PHE A 68 -4.59 -1.71 -13.79
CA PHE A 68 -4.84 -0.31 -14.14
C PHE A 68 -4.15 0.14 -15.43
N GLN A 69 -3.07 -0.52 -15.85
CA GLN A 69 -2.42 -0.32 -17.13
C GLN A 69 -3.38 -0.61 -18.29
N LYS A 70 -4.21 -1.65 -18.18
CA LYS A 70 -5.28 -1.92 -19.15
C LYS A 70 -6.36 -0.82 -19.07
N ARG A 71 -6.76 -0.39 -17.87
CA ARG A 71 -7.84 0.60 -17.68
C ARG A 71 -7.48 1.93 -18.32
N LYS A 72 -6.24 2.40 -18.14
CA LYS A 72 -5.77 3.66 -18.73
C LYS A 72 -5.46 3.56 -20.24
N ALA A 73 -5.05 2.39 -20.73
CA ALA A 73 -4.95 2.12 -22.17
C ALA A 73 -6.33 2.15 -22.85
N ASP A 74 -7.36 1.60 -22.19
CA ASP A 74 -8.74 1.58 -22.66
C ASP A 74 -9.37 2.99 -22.66
N LEU A 75 -8.98 3.85 -21.70
CA LEU A 75 -9.32 5.27 -21.66
C LEU A 75 -8.70 6.06 -22.83
N LEU A 76 -7.41 5.84 -23.09
CA LEU A 76 -6.70 6.44 -24.23
C LEU A 76 -7.25 5.95 -25.57
N ALA A 77 -7.70 4.70 -25.63
CA ALA A 77 -8.29 4.07 -26.81
C ALA A 77 -9.69 4.61 -27.22
N ALA A 78 -10.20 5.59 -26.47
CA ALA A 78 -11.36 6.40 -26.87
C ALA A 78 -11.01 7.49 -27.91
N LYS A 79 -9.72 7.69 -28.22
CA LYS A 79 -9.24 8.68 -29.20
C LYS A 79 -7.93 8.26 -29.91
N ARG A 80 -6.91 7.85 -29.15
CA ARG A 80 -5.60 7.37 -29.64
C ARG A 80 -5.00 6.36 -28.65
N LYS A 81 -5.11 5.06 -28.96
CA LYS A 81 -4.56 3.98 -28.13
C LYS A 81 -3.01 4.05 -28.00
N PRO A 82 -2.42 3.60 -26.87
CA PRO A 82 -0.97 3.47 -26.73
C PRO A 82 -0.44 2.30 -27.57
N VAL A 83 0.78 2.45 -28.09
CA VAL A 83 1.47 1.48 -28.96
C VAL A 83 2.97 1.43 -28.64
N GLY A 1 -2.53 18.68 27.85
CA GLY A 1 -1.45 17.69 28.01
C GLY A 1 -1.86 16.31 27.49
N SER A 2 -0.94 15.34 27.55
CA SER A 2 -1.15 13.96 27.09
C SER A 2 -0.07 13.01 27.65
N PHE A 3 -0.44 11.74 27.86
CA PHE A 3 0.47 10.69 28.35
C PHE A 3 1.28 10.01 27.22
N THR A 4 0.86 10.14 25.95
CA THR A 4 1.51 9.59 24.75
C THR A 4 0.83 10.11 23.47
N PRO A 5 1.58 10.52 22.42
CA PRO A 5 1.01 10.94 21.15
C PRO A 5 0.62 9.70 20.32
N THR A 6 -0.66 9.63 19.91
CA THR A 6 -1.30 8.58 19.10
C THR A 6 -1.42 7.27 19.87
N LYS A 7 -2.65 6.92 20.27
CA LYS A 7 -2.94 5.72 21.08
C LYS A 7 -3.00 4.42 20.24
N LYS A 8 -3.37 4.50 18.96
CA LYS A 8 -3.37 3.43 17.98
C LYS A 8 -1.96 3.11 17.43
N GLU A 9 -1.91 2.30 16.37
CA GLU A 9 -0.71 1.96 15.61
C GLU A 9 -0.92 2.28 14.12
N GLY A 10 0.14 2.17 13.32
CA GLY A 10 0.13 2.53 11.90
C GLY A 10 -0.48 1.45 11.00
N ARG A 11 -0.17 1.60 9.70
CA ARG A 11 -0.60 0.81 8.54
C ARG A 11 -2.10 0.91 8.23
N CYS A 12 -2.40 1.35 7.01
CA CYS A 12 -3.74 1.27 6.43
C CYS A 12 -4.12 -0.14 5.94
N ARG A 13 -5.42 -0.48 5.99
CA ARG A 13 -5.94 -1.85 5.88
C ARG A 13 -6.79 -2.16 4.63
N LEU A 14 -7.28 -1.16 3.89
CA LEU A 14 -7.85 -1.32 2.54
C LEU A 14 -6.76 -1.34 1.46
N PHE A 15 -5.59 -0.79 1.80
CA PHE A 15 -4.40 -0.64 0.96
C PHE A 15 -3.92 -1.98 0.34
N PRO A 16 -3.51 -2.01 -0.95
CA PRO A 16 -3.32 -0.88 -1.86
C PRO A 16 -4.61 -0.27 -2.42
N HIS A 17 -5.75 -0.91 -2.17
CA HIS A 17 -7.04 -0.62 -2.82
C HIS A 17 -7.81 0.55 -2.16
N CYS A 18 -7.08 1.56 -1.66
CA CYS A 18 -7.63 2.72 -0.93
C CYS A 18 -7.76 3.97 -1.84
N PRO A 19 -8.92 4.66 -1.87
CA PRO A 19 -9.14 5.83 -2.72
C PRO A 19 -8.62 7.15 -2.14
N LEU A 20 -8.32 7.24 -0.83
CA LEU A 20 -8.01 8.47 -0.11
C LEU A 20 -6.50 8.81 -0.05
N GLY A 21 -5.66 8.18 -0.89
CA GLY A 21 -4.19 8.34 -0.94
C GLY A 21 -3.73 9.73 -1.38
N ARG A 22 -3.92 10.71 -0.47
CA ARG A 22 -3.73 12.16 -0.56
C ARG A 22 -4.16 12.84 0.76
N SER A 23 -5.16 12.28 1.45
CA SER A 23 -5.74 12.82 2.70
C SER A 23 -5.96 11.75 3.81
N CYS A 24 -5.81 10.45 3.51
CA CYS A 24 -6.02 9.34 4.45
C CYS A 24 -5.12 9.43 5.71
N PRO A 25 -5.66 9.21 6.95
CA PRO A 25 -4.91 9.33 8.19
C PRO A 25 -4.00 8.14 8.53
N HIS A 26 -4.16 6.98 7.87
CA HIS A 26 -3.37 5.76 8.14
C HIS A 26 -2.26 5.52 7.10
N ALA A 27 -1.17 4.86 7.52
CA ALA A 27 0.07 4.77 6.74
C ALA A 27 -0.02 3.81 5.55
N HIS A 28 0.14 4.33 4.34
CA HIS A 28 0.32 3.59 3.10
C HIS A 28 1.81 3.19 2.91
N PRO A 29 2.16 1.89 2.94
CA PRO A 29 3.51 1.42 2.68
C PRO A 29 3.75 1.36 1.15
N THR A 30 4.11 2.49 0.55
CA THR A 30 4.56 2.61 -0.86
C THR A 30 6.09 2.65 -0.98
N LYS A 31 6.78 2.40 0.14
CA LYS A 31 8.15 2.81 0.42
C LYS A 31 8.88 1.68 1.17
N VAL A 32 10.05 1.25 0.72
CA VAL A 32 10.84 0.19 1.36
C VAL A 32 11.42 0.66 2.69
N CYS A 33 11.34 -0.18 3.73
CA CYS A 33 11.72 0.17 5.09
C CYS A 33 13.22 0.52 5.24
N ASN A 34 13.53 1.47 6.11
CA ASN A 34 14.92 1.89 6.40
C ASN A 34 15.74 0.87 7.24
N GLU A 35 15.09 0.09 8.12
CA GLU A 35 15.74 -0.77 9.13
C GLU A 35 15.52 -2.28 8.94
N TYR A 36 14.62 -2.72 8.05
CA TYR A 36 14.47 -4.11 7.61
C TYR A 36 15.84 -4.83 7.37
N PRO A 37 15.99 -6.10 7.81
CA PRO A 37 14.98 -6.96 8.44
C PRO A 37 14.80 -6.70 9.95
N ASN A 38 15.54 -5.75 10.55
CA ASN A 38 15.73 -5.61 11.99
C ASN A 38 14.52 -4.96 12.71
N CYS A 39 13.34 -4.96 12.11
CA CYS A 39 12.23 -4.07 12.46
C CYS A 39 11.42 -4.56 13.69
N PRO A 40 11.19 -3.70 14.71
CA PRO A 40 10.43 -4.06 15.90
C PRO A 40 8.90 -4.06 15.71
N LYS A 41 8.40 -3.57 14.58
CA LYS A 41 6.96 -3.62 14.25
C LYS A 41 6.49 -5.08 13.99
N PRO A 42 5.33 -5.51 14.52
CA PRO A 42 4.66 -6.73 14.05
C PRO A 42 4.18 -6.55 12.60
N PRO A 43 3.89 -7.64 11.88
CA PRO A 43 3.41 -7.58 10.51
C PRO A 43 2.06 -6.86 10.44
N GLY A 44 2.00 -5.82 9.62
CA GLY A 44 0.79 -5.01 9.40
C GLY A 44 0.65 -3.79 10.31
N THR A 45 1.76 -3.15 10.73
CA THR A 45 1.76 -1.87 11.49
C THR A 45 2.83 -0.87 11.04
N CYS A 46 3.98 -1.33 10.53
CA CYS A 46 5.01 -0.46 9.94
C CYS A 46 4.48 0.35 8.76
N GLU A 47 4.90 1.61 8.72
CA GLU A 47 4.65 2.49 7.57
C GLU A 47 5.41 2.11 6.29
N PHE A 48 6.29 1.10 6.30
CA PHE A 48 7.08 0.75 5.13
C PHE A 48 6.88 -0.71 4.71
N LEU A 49 7.59 -1.11 3.68
CA LEU A 49 7.53 -2.43 3.05
C LEU A 49 8.72 -3.28 3.51
N HIS A 50 8.49 -4.59 3.59
CA HIS A 50 9.43 -5.60 4.07
C HIS A 50 9.39 -6.76 3.04
N PRO A 51 10.43 -6.97 2.20
CA PRO A 51 10.41 -7.98 1.13
C PRO A 51 10.61 -9.42 1.70
N ASN A 52 9.69 -9.82 2.57
CA ASN A 52 9.71 -11.01 3.42
C ASN A 52 8.32 -11.32 4.04
N GLU A 53 7.69 -10.31 4.64
CA GLU A 53 6.28 -10.36 5.09
C GLU A 53 5.43 -9.69 4.02
N ASP A 54 5.59 -8.38 3.85
CA ASP A 54 4.88 -7.52 2.91
C ASP A 54 5.34 -7.72 1.45
N GLU A 55 5.97 -8.86 1.16
CA GLU A 55 6.37 -9.26 -0.19
C GLU A 55 5.13 -9.55 -1.04
N GLU A 56 4.10 -10.15 -0.42
CA GLU A 56 2.79 -10.35 -1.04
C GLU A 56 2.01 -9.04 -1.22
N LEU A 57 2.29 -8.01 -0.39
CA LEU A 57 1.69 -6.68 -0.56
C LEU A 57 2.30 -5.93 -1.74
N MET A 58 3.61 -6.07 -1.98
CA MET A 58 4.26 -5.62 -3.21
C MET A 58 3.63 -6.31 -4.43
N LYS A 59 3.37 -7.62 -4.37
CA LYS A 59 2.68 -8.36 -5.43
C LYS A 59 1.24 -7.84 -5.63
N GLU A 60 0.47 -7.63 -4.55
CA GLU A 60 -0.88 -7.07 -4.59
C GLU A 60 -0.91 -5.67 -5.22
N MET A 61 0.05 -4.82 -4.85
CA MET A 61 0.16 -3.44 -5.30
C MET A 61 0.64 -3.33 -6.75
N GLU A 62 1.60 -4.17 -7.18
CA GLU A 62 1.99 -4.26 -8.60
C GLU A 62 0.84 -4.79 -9.47
N ARG A 63 0.05 -5.76 -8.97
CA ARG A 63 -1.13 -6.32 -9.65
C ARG A 63 -2.14 -5.22 -9.98
N THR A 64 -2.68 -4.51 -8.98
CA THR A 64 -3.62 -3.39 -9.18
C THR A 64 -3.00 -2.25 -9.99
N ARG A 65 -1.69 -1.98 -9.84
CA ARG A 65 -0.98 -0.96 -10.63
C ARG A 65 -0.92 -1.33 -12.12
N GLU A 66 -0.55 -2.56 -12.50
CA GLU A 66 -0.53 -2.96 -13.91
C GLU A 66 -1.94 -3.07 -14.53
N GLU A 67 -2.96 -3.37 -13.71
CA GLU A 67 -4.37 -3.23 -14.08
C GLU A 67 -4.69 -1.77 -14.45
N PHE A 68 -4.31 -0.83 -13.58
CA PHE A 68 -4.57 0.60 -13.74
C PHE A 68 -3.85 1.19 -14.97
N GLN A 69 -2.64 0.72 -15.25
CA GLN A 69 -1.89 1.07 -16.45
C GLN A 69 -2.57 0.54 -17.72
N LYS A 70 -3.05 -0.71 -17.74
CA LYS A 70 -3.77 -1.25 -18.90
C LYS A 70 -5.13 -0.57 -19.10
N ARG A 71 -5.84 -0.24 -18.01
CA ARG A 71 -7.13 0.47 -18.04
C ARG A 71 -6.98 1.87 -18.63
N LYS A 72 -5.83 2.52 -18.43
CA LYS A 72 -5.49 3.81 -19.06
C LYS A 72 -4.96 3.64 -20.51
N ALA A 73 -4.15 2.61 -20.79
CA ALA A 73 -3.65 2.33 -22.15
C ALA A 73 -4.77 1.92 -23.13
N ASP A 74 -5.81 1.24 -22.65
CA ASP A 74 -7.02 0.90 -23.40
C ASP A 74 -7.96 2.12 -23.58
N LEU A 75 -7.81 3.13 -22.72
CA LEU A 75 -8.44 4.45 -22.79
C LEU A 75 -7.82 5.35 -23.86
N LEU A 76 -6.50 5.26 -24.02
CA LEU A 76 -5.74 5.89 -25.13
C LEU A 76 -5.98 5.17 -26.47
N ALA A 77 -6.36 3.90 -26.44
CA ALA A 77 -6.92 3.16 -27.57
C ALA A 77 -8.44 3.37 -27.71
N ALA A 78 -9.11 2.61 -28.59
CA ALA A 78 -10.55 2.72 -28.88
C ALA A 78 -11.22 1.37 -29.22
N LYS A 79 -10.63 0.27 -28.75
CA LYS A 79 -11.07 -1.12 -28.96
C LYS A 79 -10.50 -2.10 -27.92
N ARG A 80 -11.06 -3.32 -27.86
CA ARG A 80 -10.56 -4.41 -27.00
C ARG A 80 -9.13 -4.82 -27.37
N LYS A 81 -8.34 -5.23 -26.37
CA LYS A 81 -6.90 -5.48 -26.50
C LYS A 81 -6.43 -6.60 -25.53
N PRO A 82 -5.77 -7.68 -26.02
CA PRO A 82 -5.29 -8.78 -25.17
C PRO A 82 -4.00 -8.40 -24.43
N VAL A 83 -3.60 -9.28 -23.50
CA VAL A 83 -2.35 -9.23 -22.69
C VAL A 83 -2.38 -8.12 -21.63
N GLY A 1 8.89 -4.38 31.52
CA GLY A 1 7.45 -4.07 31.67
C GLY A 1 7.07 -2.76 31.01
N SER A 2 5.79 -2.39 31.06
CA SER A 2 5.20 -1.17 30.49
C SER A 2 3.79 -0.92 31.08
N PHE A 3 3.32 0.34 31.00
CA PHE A 3 2.05 0.80 31.59
C PHE A 3 1.36 1.90 30.76
N THR A 4 1.72 2.00 29.47
CA THR A 4 1.17 2.98 28.50
C THR A 4 -0.26 2.61 28.06
N PRO A 5 -1.07 3.59 27.63
CA PRO A 5 -2.43 3.36 27.15
C PRO A 5 -2.44 2.67 25.77
N THR A 6 -3.50 1.90 25.50
CA THR A 6 -3.67 1.08 24.29
C THR A 6 -4.21 1.92 23.13
N LYS A 7 -3.40 2.88 22.67
CA LYS A 7 -3.67 3.75 21.53
C LYS A 7 -3.40 3.05 20.18
N LYS A 8 -3.98 3.57 19.09
CA LYS A 8 -3.86 3.05 17.74
C LYS A 8 -2.40 2.86 17.25
N GLU A 9 -2.20 1.86 16.40
CA GLU A 9 -0.96 1.61 15.67
C GLU A 9 -1.04 2.23 14.26
N GLY A 10 0.02 2.06 13.45
CA GLY A 10 0.06 2.46 12.05
C GLY A 10 -0.62 1.44 11.12
N ARG A 11 -0.30 1.59 9.83
CA ARG A 11 -0.75 0.81 8.66
C ARG A 11 -2.25 0.92 8.35
N CYS A 12 -2.54 1.38 7.13
CA CYS A 12 -3.86 1.30 6.52
C CYS A 12 -4.23 -0.11 6.01
N ARG A 13 -5.53 -0.44 6.02
CA ARG A 13 -6.04 -1.82 5.85
C ARG A 13 -6.74 -2.11 4.50
N LEU A 14 -7.30 -1.10 3.81
CA LEU A 14 -7.83 -1.23 2.45
C LEU A 14 -6.74 -1.15 1.38
N PHE A 15 -5.59 -0.58 1.76
CA PHE A 15 -4.40 -0.37 0.93
C PHE A 15 -3.86 -1.67 0.28
N PRO A 16 -3.38 -1.63 -0.99
CA PRO A 16 -3.22 -0.46 -1.86
C PRO A 16 -4.53 0.14 -2.41
N HIS A 17 -5.64 -0.56 -2.22
CA HIS A 17 -6.93 -0.28 -2.87
C HIS A 17 -7.78 0.77 -2.11
N CYS A 18 -7.12 1.84 -1.64
CA CYS A 18 -7.73 2.92 -0.84
C CYS A 18 -7.91 4.22 -1.67
N PRO A 19 -9.08 4.92 -1.60
CA PRO A 19 -9.37 6.07 -2.45
C PRO A 19 -8.87 7.43 -1.92
N LEU A 20 -8.54 7.58 -0.62
CA LEU A 20 -8.30 8.87 0.01
C LEU A 20 -6.88 9.43 -0.21
N GLY A 21 -5.93 8.62 -0.66
CA GLY A 21 -4.55 9.04 -0.96
C GLY A 21 -3.86 9.69 0.24
N ARG A 22 -3.24 10.85 0.02
CA ARG A 22 -2.51 11.63 1.04
C ARG A 22 -3.43 12.23 2.13
N SER A 23 -4.75 12.29 1.92
CA SER A 23 -5.72 12.80 2.89
C SER A 23 -6.14 11.74 3.93
N CYS A 24 -5.77 10.47 3.74
CA CYS A 24 -6.03 9.37 4.69
C CYS A 24 -5.14 9.45 5.96
N PRO A 25 -5.67 9.20 7.17
CA PRO A 25 -4.91 9.29 8.42
C PRO A 25 -4.01 8.08 8.73
N HIS A 26 -4.20 6.92 8.08
CA HIS A 26 -3.44 5.69 8.33
C HIS A 26 -2.35 5.43 7.27
N ALA A 27 -1.27 4.74 7.66
CA ALA A 27 -0.03 4.66 6.87
C ALA A 27 -0.13 3.74 5.63
N HIS A 28 0.14 4.30 4.46
CA HIS A 28 0.22 3.66 3.15
C HIS A 28 1.67 3.17 2.84
N PRO A 29 1.97 1.86 2.95
CA PRO A 29 3.31 1.30 2.69
C PRO A 29 3.59 1.23 1.18
N THR A 30 4.27 2.25 0.64
CA THR A 30 4.68 2.36 -0.77
C THR A 30 6.18 2.61 -0.96
N LYS A 31 6.92 2.57 0.15
CA LYS A 31 8.35 2.78 0.28
C LYS A 31 8.97 1.55 0.98
N VAL A 32 10.13 1.07 0.55
CA VAL A 32 10.84 -0.03 1.23
C VAL A 32 11.49 0.50 2.51
N CYS A 33 11.28 -0.21 3.61
CA CYS A 33 11.63 0.24 4.96
C CYS A 33 13.13 0.56 5.13
N ASN A 34 13.43 1.62 5.89
CA ASN A 34 14.81 1.98 6.25
C ASN A 34 15.52 0.96 7.19
N GLU A 35 14.78 0.37 8.15
CA GLU A 35 15.33 -0.50 9.21
C GLU A 35 15.24 -2.01 8.95
N TYR A 36 14.45 -2.46 7.96
CA TYR A 36 14.38 -3.87 7.51
C TYR A 36 15.78 -4.52 7.32
N PRO A 37 15.98 -5.79 7.77
CA PRO A 37 14.99 -6.69 8.37
C PRO A 37 14.82 -6.46 9.89
N ASN A 38 15.55 -5.50 10.48
CA ASN A 38 15.76 -5.39 11.92
C ASN A 38 14.58 -4.72 12.66
N CYS A 39 13.38 -4.72 12.06
CA CYS A 39 12.27 -3.86 12.45
C CYS A 39 11.46 -4.43 13.64
N PRO A 40 11.21 -3.65 14.71
CA PRO A 40 10.41 -4.08 15.87
C PRO A 40 8.89 -4.06 15.59
N LYS A 41 8.44 -3.42 14.50
CA LYS A 41 7.04 -3.43 14.06
C LYS A 41 6.65 -4.84 13.55
N PRO A 42 5.56 -5.46 14.05
CA PRO A 42 5.04 -6.72 13.54
C PRO A 42 4.49 -6.58 12.11
N PRO A 43 4.15 -7.69 11.42
CA PRO A 43 3.43 -7.64 10.16
C PRO A 43 2.10 -6.90 10.32
N GLY A 44 1.89 -5.88 9.48
CA GLY A 44 0.64 -5.12 9.42
C GLY A 44 0.56 -3.88 10.31
N THR A 45 1.70 -3.25 10.67
CA THR A 45 1.75 -1.99 11.46
C THR A 45 2.74 -0.95 10.93
N CYS A 46 3.89 -1.36 10.37
CA CYS A 46 4.89 -0.45 9.81
C CYS A 46 4.38 0.39 8.64
N GLU A 47 4.80 1.65 8.65
CA GLU A 47 4.64 2.60 7.55
C GLU A 47 5.35 2.21 6.25
N PHE A 48 6.24 1.20 6.25
CA PHE A 48 6.97 0.82 5.05
C PHE A 48 6.77 -0.65 4.69
N LEU A 49 7.45 -1.07 3.62
CA LEU A 49 7.39 -2.41 3.03
C LEU A 49 8.58 -3.25 3.50
N HIS A 50 8.33 -4.54 3.70
CA HIS A 50 9.30 -5.54 4.15
C HIS A 50 9.24 -6.71 3.13
N PRO A 51 10.26 -6.95 2.28
CA PRO A 51 10.23 -8.00 1.25
C PRO A 51 10.46 -9.41 1.86
N ASN A 52 9.57 -9.78 2.79
CA ASN A 52 9.64 -10.95 3.67
C ASN A 52 8.28 -11.24 4.35
N GLU A 53 7.68 -10.24 5.00
CA GLU A 53 6.31 -10.30 5.52
C GLU A 53 5.36 -9.69 4.49
N ASP A 54 5.49 -8.38 4.28
CA ASP A 54 4.70 -7.56 3.35
C ASP A 54 5.05 -7.80 1.88
N GLU A 55 5.70 -8.93 1.59
CA GLU A 55 6.10 -9.36 0.25
C GLU A 55 4.86 -9.63 -0.63
N GLU A 56 3.79 -10.11 0.00
CA GLU A 56 2.47 -10.27 -0.63
C GLU A 56 1.81 -8.92 -0.98
N LEU A 57 2.17 -7.82 -0.30
CA LEU A 57 1.75 -6.46 -0.66
C LEU A 57 2.56 -5.95 -1.87
N MET A 58 3.86 -6.22 -1.92
CA MET A 58 4.72 -5.94 -3.06
C MET A 58 4.34 -6.74 -4.32
N LYS A 59 3.71 -7.92 -4.14
CA LYS A 59 3.00 -8.65 -5.19
C LYS A 59 1.66 -7.99 -5.57
N GLU A 60 0.84 -7.56 -4.60
CA GLU A 60 -0.42 -6.85 -4.87
C GLU A 60 -0.19 -5.61 -5.76
N MET A 61 0.89 -4.87 -5.51
CA MET A 61 1.32 -3.72 -6.30
C MET A 61 1.49 -4.02 -7.80
N GLU A 62 1.81 -5.26 -8.19
CA GLU A 62 1.87 -5.66 -9.60
C GLU A 62 0.46 -5.73 -10.22
N ARG A 63 -0.53 -6.27 -9.48
CA ARG A 63 -1.92 -6.40 -9.94
C ARG A 63 -2.53 -5.02 -10.06
N THR A 64 -2.25 -4.19 -9.05
CA THR A 64 -2.58 -2.75 -8.99
C THR A 64 -2.00 -2.00 -10.19
N ARG A 65 -0.73 -2.23 -10.55
CA ARG A 65 -0.10 -1.64 -11.74
C ARG A 65 -0.69 -2.14 -13.06
N GLU A 66 -1.03 -3.44 -13.15
CA GLU A 66 -1.75 -4.02 -14.29
C GLU A 66 -3.15 -3.39 -14.48
N GLU A 67 -3.87 -3.13 -13.38
CA GLU A 67 -5.12 -2.36 -13.36
C GLU A 67 -4.92 -0.91 -13.83
N PHE A 68 -3.83 -0.28 -13.39
CA PHE A 68 -3.50 1.10 -13.70
C PHE A 68 -3.19 1.31 -15.20
N GLN A 69 -2.46 0.37 -15.81
CA GLN A 69 -2.20 0.40 -17.25
C GLN A 69 -3.41 -0.04 -18.09
N LYS A 70 -4.31 -0.87 -17.54
CA LYS A 70 -5.60 -1.20 -18.18
C LYS A 70 -6.51 0.03 -18.27
N ARG A 71 -6.50 0.90 -17.24
CA ARG A 71 -7.28 2.14 -17.20
C ARG A 71 -6.77 3.12 -18.26
N LYS A 72 -5.46 3.34 -18.34
CA LYS A 72 -4.89 4.26 -19.33
C LYS A 72 -4.99 3.73 -20.78
N ALA A 73 -4.97 2.40 -20.97
CA ALA A 73 -5.25 1.76 -22.27
C ALA A 73 -6.71 1.97 -22.71
N ASP A 74 -7.68 1.83 -21.81
CA ASP A 74 -9.10 2.12 -22.09
C ASP A 74 -9.36 3.61 -22.39
N LEU A 75 -8.57 4.51 -21.78
CA LEU A 75 -8.55 5.95 -22.09
C LEU A 75 -8.11 6.23 -23.54
N LEU A 76 -7.05 5.56 -24.01
CA LEU A 76 -6.60 5.66 -25.41
C LEU A 76 -7.58 4.98 -26.36
N ALA A 77 -8.25 3.91 -25.92
CA ALA A 77 -9.25 3.18 -26.71
C ALA A 77 -10.60 3.92 -26.86
N ALA A 78 -10.74 5.05 -26.18
CA ALA A 78 -11.83 6.02 -26.31
C ALA A 78 -11.49 7.19 -27.28
N LYS A 79 -10.26 7.20 -27.83
CA LYS A 79 -9.77 8.21 -28.78
C LYS A 79 -9.36 7.58 -30.13
N ARG A 80 -8.52 6.53 -30.12
CA ARG A 80 -8.06 5.79 -31.31
C ARG A 80 -7.38 4.45 -30.95
N LYS A 81 -6.30 4.49 -30.16
CA LYS A 81 -5.38 3.36 -29.88
C LYS A 81 -4.95 2.61 -31.16
N PRO A 82 -4.09 3.22 -32.00
CA PRO A 82 -3.75 2.72 -33.33
C PRO A 82 -2.84 1.48 -33.26
N VAL A 83 -2.91 0.66 -34.32
CA VAL A 83 -2.17 -0.61 -34.55
C VAL A 83 -2.75 -1.77 -33.71
N GLY A 1 4.84 -7.41 28.87
CA GLY A 1 4.80 -6.87 27.49
C GLY A 1 3.86 -7.64 26.59
N SER A 2 3.86 -7.33 25.29
CA SER A 2 3.03 -7.96 24.24
C SER A 2 3.59 -7.63 22.84
N PHE A 3 3.37 -8.52 21.86
CA PHE A 3 3.88 -8.37 20.49
C PHE A 3 3.14 -7.29 19.67
N THR A 4 1.87 -7.00 20.03
CA THR A 4 1.00 -5.99 19.40
C THR A 4 -0.19 -5.67 20.33
N PRO A 5 -0.60 -4.40 20.49
CA PRO A 5 -1.70 -4.01 21.37
C PRO A 5 -3.08 -4.22 20.72
N THR A 6 -4.12 -4.28 21.55
CA THR A 6 -5.53 -4.40 21.12
C THR A 6 -6.14 -3.08 20.63
N LYS A 7 -5.38 -2.00 20.77
CA LYS A 7 -5.69 -0.64 20.30
C LYS A 7 -4.99 -0.33 18.96
N LYS A 8 -5.65 0.43 18.07
CA LYS A 8 -5.16 0.84 16.77
C LYS A 8 -3.82 1.60 16.81
N GLU A 9 -3.11 1.56 15.69
CA GLU A 9 -1.73 2.02 15.50
C GLU A 9 -1.58 2.62 14.08
N GLY A 10 -0.37 2.59 13.49
CA GLY A 10 -0.13 2.90 12.10
C GLY A 10 -0.58 1.77 11.16
N ARG A 11 -0.15 1.90 9.90
CA ARG A 11 -0.48 1.06 8.72
C ARG A 11 -1.96 1.04 8.35
N CYS A 12 -2.25 1.48 7.13
CA CYS A 12 -3.54 1.29 6.48
C CYS A 12 -3.75 -0.14 5.95
N ARG A 13 -5.02 -0.57 5.85
CA ARG A 13 -5.41 -1.98 5.68
C ARG A 13 -6.22 -2.31 4.41
N LEU A 14 -6.86 -1.32 3.76
CA LEU A 14 -7.47 -1.45 2.43
C LEU A 14 -6.42 -1.36 1.30
N PHE A 15 -5.28 -0.75 1.61
CA PHE A 15 -4.16 -0.46 0.72
C PHE A 15 -3.62 -1.71 -0.02
N PRO A 16 -3.27 -1.63 -1.32
CA PRO A 16 -3.23 -0.43 -2.17
C PRO A 16 -4.60 0.10 -2.61
N HIS A 17 -5.68 -0.64 -2.33
CA HIS A 17 -7.02 -0.40 -2.88
C HIS A 17 -7.84 0.62 -2.07
N CYS A 18 -7.18 1.70 -1.61
CA CYS A 18 -7.78 2.76 -0.78
C CYS A 18 -8.04 4.06 -1.59
N PRO A 19 -9.25 4.65 -1.54
CA PRO A 19 -9.59 5.85 -2.33
C PRO A 19 -9.13 7.18 -1.71
N LEU A 20 -8.76 7.24 -0.42
CA LEU A 20 -8.46 8.45 0.32
C LEU A 20 -6.97 8.87 0.25
N GLY A 21 -6.17 8.32 -0.67
CA GLY A 21 -4.76 8.69 -0.86
C GLY A 21 -4.55 10.21 -0.95
N ARG A 22 -3.59 10.72 -0.15
CA ARG A 22 -3.26 12.14 0.09
C ARG A 22 -4.14 12.82 1.17
N SER A 23 -5.12 12.13 1.75
CA SER A 23 -6.01 12.65 2.82
C SER A 23 -6.25 11.65 3.99
N CYS A 24 -6.06 10.35 3.75
CA CYS A 24 -6.28 9.26 4.72
C CYS A 24 -5.38 9.37 5.98
N PRO A 25 -5.91 9.08 7.19
CA PRO A 25 -5.16 9.19 8.45
C PRO A 25 -4.15 8.06 8.71
N HIS A 26 -4.30 6.89 8.06
CA HIS A 26 -3.45 5.71 8.29
C HIS A 26 -2.31 5.58 7.26
N ALA A 27 -1.18 4.99 7.65
CA ALA A 27 0.06 4.98 6.86
C ALA A 27 -0.01 4.02 5.66
N HIS A 28 0.07 4.54 4.45
CA HIS A 28 0.17 3.78 3.20
C HIS A 28 1.62 3.29 2.98
N PRO A 29 1.90 1.97 3.04
CA PRO A 29 3.23 1.42 2.84
C PRO A 29 3.55 1.39 1.33
N THR A 30 4.08 2.51 0.83
CA THR A 30 4.37 2.73 -0.61
C THR A 30 5.88 2.91 -0.88
N LYS A 31 6.69 2.49 0.10
CA LYS A 31 8.16 2.54 0.08
C LYS A 31 8.72 1.33 0.86
N VAL A 32 9.89 0.87 0.45
CA VAL A 32 10.61 -0.24 1.10
C VAL A 32 11.32 0.27 2.36
N CYS A 33 11.15 -0.44 3.47
CA CYS A 33 11.58 0.03 4.79
C CYS A 33 13.09 0.32 4.89
N ASN A 34 13.44 1.38 5.61
CA ASN A 34 14.84 1.77 5.87
C ASN A 34 15.65 0.72 6.68
N GLU A 35 15.03 0.03 7.65
CA GLU A 35 15.71 -0.83 8.64
C GLU A 35 15.49 -2.35 8.45
N TYR A 36 14.55 -2.77 7.59
CA TYR A 36 14.35 -4.17 7.19
C TYR A 36 15.70 -4.91 6.89
N PRO A 37 15.86 -6.18 7.34
CA PRO A 37 14.89 -7.02 8.06
C PRO A 37 14.81 -6.73 9.57
N ASN A 38 15.60 -5.77 10.10
CA ASN A 38 15.88 -5.62 11.52
C ASN A 38 14.74 -4.95 12.32
N CYS A 39 13.51 -4.93 11.79
CA CYS A 39 12.45 -4.02 12.21
C CYS A 39 11.69 -4.49 13.48
N PRO A 40 11.54 -3.65 14.53
CA PRO A 40 10.81 -3.99 15.74
C PRO A 40 9.28 -3.91 15.60
N LYS A 41 8.76 -3.33 14.50
CA LYS A 41 7.32 -3.32 14.20
C LYS A 41 6.80 -4.76 13.93
N PRO A 42 5.66 -5.20 14.51
CA PRO A 42 4.99 -6.43 14.11
C PRO A 42 4.44 -6.30 12.67
N PRO A 43 4.05 -7.42 12.03
CA PRO A 43 3.44 -7.38 10.71
C PRO A 43 2.10 -6.64 10.76
N GLY A 44 1.95 -5.64 9.90
CA GLY A 44 0.71 -4.86 9.76
C GLY A 44 0.64 -3.56 10.58
N THR A 45 1.78 -2.96 10.95
CA THR A 45 1.85 -1.67 11.69
C THR A 45 2.92 -0.70 11.19
N CYS A 46 4.04 -1.18 10.64
CA CYS A 46 5.08 -0.33 10.02
C CYS A 46 4.55 0.51 8.87
N GLU A 47 5.03 1.75 8.81
CA GLU A 47 4.83 2.68 7.70
C GLU A 47 5.44 2.21 6.37
N PHE A 48 6.29 1.17 6.33
CA PHE A 48 6.93 0.74 5.09
C PHE A 48 6.69 -0.74 4.78
N LEU A 49 7.31 -1.19 3.69
CA LEU A 49 7.19 -2.54 3.13
C LEU A 49 8.39 -3.41 3.52
N HIS A 50 8.16 -4.71 3.63
CA HIS A 50 9.11 -5.71 4.11
C HIS A 50 9.00 -6.93 3.16
N PRO A 51 9.96 -7.17 2.24
CA PRO A 51 9.87 -8.21 1.21
C PRO A 51 10.11 -9.63 1.79
N ASN A 52 9.24 -10.01 2.73
CA ASN A 52 9.31 -11.17 3.62
C ASN A 52 7.98 -11.43 4.33
N GLU A 53 7.36 -10.39 4.92
CA GLU A 53 5.99 -10.41 5.46
C GLU A 53 5.07 -9.80 4.41
N ASP A 54 5.26 -8.51 4.12
CA ASP A 54 4.54 -7.71 3.14
C ASP A 54 4.99 -8.01 1.70
N GLU A 55 5.50 -9.22 1.48
CA GLU A 55 5.96 -9.70 0.18
C GLU A 55 4.76 -9.91 -0.76
N GLU A 56 3.64 -10.38 -0.21
CA GLU A 56 2.33 -10.46 -0.84
C GLU A 56 1.74 -9.06 -1.13
N LEU A 57 2.06 -8.04 -0.32
CA LEU A 57 1.62 -6.66 -0.53
C LEU A 57 2.36 -6.01 -1.71
N MET A 58 3.66 -6.27 -1.84
CA MET A 58 4.45 -5.93 -3.02
C MET A 58 3.88 -6.57 -4.29
N LYS A 59 3.44 -7.83 -4.23
CA LYS A 59 2.79 -8.52 -5.33
C LYS A 59 1.38 -7.96 -5.64
N GLU A 60 0.61 -7.56 -4.62
CA GLU A 60 -0.65 -6.82 -4.80
C GLU A 60 -0.40 -5.48 -5.52
N MET A 61 0.62 -4.72 -5.10
CA MET A 61 0.99 -3.44 -5.72
C MET A 61 1.49 -3.59 -7.16
N GLU A 62 2.23 -4.65 -7.47
CA GLU A 62 2.63 -4.98 -8.85
C GLU A 62 1.41 -5.29 -9.74
N ARG A 63 0.46 -6.09 -9.23
CA ARG A 63 -0.81 -6.39 -9.89
C ARG A 63 -1.63 -5.11 -10.09
N THR A 64 -1.75 -4.28 -9.06
CA THR A 64 -2.54 -3.04 -9.03
C THR A 64 -1.98 -1.99 -9.98
N ARG A 65 -0.66 -1.78 -10.03
CA ARG A 65 -0.06 -0.85 -11.00
C ARG A 65 -0.11 -1.37 -12.44
N GLU A 66 -0.06 -2.68 -12.68
CA GLU A 66 -0.28 -3.28 -13.98
C GLU A 66 -1.74 -3.09 -14.45
N GLU A 67 -2.72 -3.21 -13.55
CA GLU A 67 -4.11 -2.82 -13.81
C GLU A 67 -4.22 -1.37 -14.25
N PHE A 68 -3.57 -0.49 -13.47
CA PHE A 68 -3.61 0.95 -13.67
C PHE A 68 -2.90 1.41 -14.96
N GLN A 69 -1.83 0.72 -15.37
CA GLN A 69 -1.17 0.94 -16.66
C GLN A 69 -2.04 0.44 -17.83
N LYS A 70 -2.76 -0.68 -17.69
CA LYS A 70 -3.72 -1.14 -18.71
C LYS A 70 -4.91 -0.18 -18.84
N ARG A 71 -5.39 0.38 -17.72
CA ARG A 71 -6.44 1.40 -17.69
C ARG A 71 -5.95 2.70 -18.36
N LYS A 72 -4.70 3.08 -18.13
CA LYS A 72 -4.07 4.23 -18.78
C LYS A 72 -3.83 4.00 -20.29
N ALA A 73 -3.50 2.78 -20.71
CA ALA A 73 -3.46 2.41 -22.12
C ALA A 73 -4.85 2.54 -22.77
N ASP A 74 -5.92 2.09 -22.12
CA ASP A 74 -7.31 2.25 -22.63
C ASP A 74 -7.75 3.72 -22.72
N LEU A 75 -7.33 4.59 -21.79
CA LEU A 75 -7.53 6.03 -21.85
C LEU A 75 -6.83 6.68 -23.05
N LEU A 76 -5.57 6.32 -23.27
CA LEU A 76 -4.74 6.83 -24.37
C LEU A 76 -5.16 6.24 -25.73
N ALA A 77 -5.84 5.09 -25.75
CA ALA A 77 -6.38 4.44 -26.95
C ALA A 77 -7.73 5.01 -27.43
N ALA A 78 -8.23 6.08 -26.81
CA ALA A 78 -9.44 6.80 -27.21
C ALA A 78 -9.29 7.59 -28.53
N LYS A 79 -8.06 7.77 -29.01
CA LYS A 79 -7.67 8.38 -30.29
C LYS A 79 -6.25 7.93 -30.69
N ARG A 80 -5.90 8.02 -31.97
CA ARG A 80 -4.63 7.56 -32.56
C ARG A 80 -4.19 6.18 -32.03
N LYS A 81 -3.03 6.06 -31.39
CA LYS A 81 -2.54 4.85 -30.69
C LYS A 81 -2.00 5.20 -29.29
N PRO A 82 -2.04 4.26 -28.32
CA PRO A 82 -1.53 4.46 -26.96
C PRO A 82 0.01 4.37 -26.94
N VAL A 83 0.68 5.45 -27.37
CA VAL A 83 2.15 5.55 -27.55
C VAL A 83 2.61 7.01 -27.63
N GLY A 1 2.01 -1.61 34.67
CA GLY A 1 0.97 -1.17 33.71
C GLY A 1 -0.43 -1.38 34.28
N SER A 2 -1.43 -0.70 33.69
CA SER A 2 -2.83 -0.72 34.14
C SER A 2 -3.82 -0.16 33.11
N PHE A 3 -3.45 0.92 32.42
CA PHE A 3 -4.25 1.62 31.40
C PHE A 3 -3.37 2.17 30.26
N THR A 4 -3.98 2.38 29.08
CA THR A 4 -3.33 2.86 27.84
C THR A 4 -4.28 3.79 27.06
N PRO A 5 -3.76 4.74 26.24
CA PRO A 5 -4.57 5.64 25.45
C PRO A 5 -5.22 4.91 24.25
N THR A 6 -6.41 5.38 23.85
CA THR A 6 -7.21 4.80 22.75
C THR A 6 -6.74 5.23 21.35
N LYS A 7 -5.59 5.92 21.28
CA LYS A 7 -4.96 6.36 20.03
C LYS A 7 -4.35 5.18 19.25
N LYS A 8 -4.77 4.99 18.00
CA LYS A 8 -4.36 3.88 17.14
C LYS A 8 -2.88 3.94 16.68
N GLU A 9 -2.46 2.99 15.84
CA GLU A 9 -1.09 2.88 15.31
C GLU A 9 -1.04 3.21 13.79
N GLY A 10 0.02 2.78 13.10
CA GLY A 10 0.18 2.92 11.65
C GLY A 10 -0.46 1.77 10.87
N ARG A 11 -0.12 1.77 9.57
CA ARG A 11 -0.53 0.85 8.50
C ARG A 11 -2.03 0.85 8.19
N CYS A 12 -2.35 1.27 6.97
CA CYS A 12 -3.66 1.10 6.34
C CYS A 12 -3.90 -0.34 5.82
N ARG A 13 -5.17 -0.72 5.64
CA ARG A 13 -5.61 -2.10 5.42
C ARG A 13 -6.38 -2.36 4.11
N LEU A 14 -7.00 -1.33 3.50
CA LEU A 14 -7.58 -1.41 2.15
C LEU A 14 -6.50 -1.32 1.06
N PHE A 15 -5.35 -0.73 1.40
CA PHE A 15 -4.21 -0.44 0.54
C PHE A 15 -3.66 -1.68 -0.20
N PRO A 16 -3.27 -1.57 -1.48
CA PRO A 16 -3.20 -0.35 -2.31
C PRO A 16 -4.55 0.20 -2.77
N HIS A 17 -5.64 -0.53 -2.54
CA HIS A 17 -6.97 -0.28 -3.11
C HIS A 17 -7.79 0.76 -2.30
N CYS A 18 -7.12 1.81 -1.79
CA CYS A 18 -7.71 2.87 -0.96
C CYS A 18 -7.88 4.20 -1.73
N PRO A 19 -9.05 4.87 -1.68
CA PRO A 19 -9.30 6.11 -2.44
C PRO A 19 -8.76 7.39 -1.77
N LEU A 20 -8.49 7.41 -0.46
CA LEU A 20 -8.12 8.59 0.31
C LEU A 20 -6.62 8.88 0.37
N GLY A 21 -5.81 8.29 -0.54
CA GLY A 21 -4.34 8.44 -0.64
C GLY A 21 -3.90 9.85 -1.02
N ARG A 22 -4.02 10.76 -0.03
CA ARG A 22 -3.86 12.22 -0.06
C ARG A 22 -4.17 12.82 1.33
N SER A 23 -5.07 12.20 2.11
CA SER A 23 -5.49 12.69 3.45
C SER A 23 -5.88 11.58 4.45
N CYS A 24 -5.83 10.30 4.06
CA CYS A 24 -6.15 9.13 4.91
C CYS A 24 -5.33 9.09 6.23
N PRO A 25 -5.95 8.78 7.39
CA PRO A 25 -5.28 8.81 8.70
C PRO A 25 -4.38 7.61 9.02
N HIS A 26 -4.40 6.56 8.20
CA HIS A 26 -3.58 5.35 8.36
C HIS A 26 -2.48 5.25 7.28
N ALA A 27 -1.31 4.71 7.64
CA ALA A 27 -0.10 4.80 6.81
C ALA A 27 -0.13 3.86 5.59
N HIS A 28 -0.01 4.43 4.40
CA HIS A 28 0.13 3.71 3.13
C HIS A 28 1.60 3.27 2.93
N PRO A 29 1.92 1.97 3.01
CA PRO A 29 3.28 1.47 2.85
C PRO A 29 3.63 1.47 1.35
N THR A 30 4.42 2.47 0.92
CA THR A 30 4.76 2.69 -0.50
C THR A 30 6.27 2.93 -0.71
N LYS A 31 7.04 2.77 0.36
CA LYS A 31 8.49 2.83 0.42
C LYS A 31 9.00 1.52 1.05
N VAL A 32 10.10 0.95 0.56
CA VAL A 32 10.77 -0.17 1.24
C VAL A 32 11.45 0.34 2.52
N CYS A 33 11.25 -0.36 3.62
CA CYS A 33 11.62 0.10 4.96
C CYS A 33 13.12 0.39 5.12
N ASN A 34 13.45 1.44 5.87
CA ASN A 34 14.83 1.80 6.20
C ASN A 34 15.58 0.75 7.07
N GLU A 35 14.89 0.12 8.04
CA GLU A 35 15.50 -0.75 9.06
C GLU A 35 15.30 -2.28 8.84
N TYR A 36 14.48 -2.68 7.87
CA TYR A 36 14.38 -4.08 7.39
C TYR A 36 15.77 -4.74 7.16
N PRO A 37 15.96 -6.01 7.58
CA PRO A 37 14.97 -6.92 8.18
C PRO A 37 14.80 -6.72 9.69
N ASN A 38 15.56 -5.80 10.30
CA ASN A 38 15.77 -5.74 11.76
C ASN A 38 14.61 -5.05 12.51
N CYS A 39 13.42 -5.01 11.92
CA CYS A 39 12.33 -4.12 12.35
C CYS A 39 11.54 -4.68 13.55
N PRO A 40 11.40 -3.94 14.67
CA PRO A 40 10.57 -4.35 15.81
C PRO A 40 9.07 -4.16 15.55
N LYS A 41 8.68 -3.40 14.52
CA LYS A 41 7.29 -3.24 14.09
C LYS A 41 6.74 -4.60 13.59
N PRO A 42 5.67 -5.17 14.18
CA PRO A 42 5.11 -6.45 13.75
C PRO A 42 4.48 -6.36 12.35
N PRO A 43 4.19 -7.51 11.70
CA PRO A 43 3.51 -7.54 10.42
C PRO A 43 2.13 -6.89 10.54
N GLY A 44 1.93 -5.82 9.75
CA GLY A 44 0.65 -5.10 9.67
C GLY A 44 0.56 -3.81 10.49
N THR A 45 1.69 -3.18 10.86
CA THR A 45 1.73 -1.88 11.59
C THR A 45 2.77 -0.88 11.06
N CYS A 46 3.89 -1.34 10.50
CA CYS A 46 4.92 -0.47 9.92
C CYS A 46 4.43 0.39 8.76
N GLU A 47 4.88 1.65 8.80
CA GLU A 47 4.75 2.62 7.71
C GLU A 47 5.44 2.22 6.40
N PHE A 48 6.28 1.18 6.37
CA PHE A 48 6.97 0.79 5.15
C PHE A 48 6.72 -0.68 4.78
N LEU A 49 7.38 -1.11 3.71
CA LEU A 49 7.26 -2.44 3.09
C LEU A 49 8.45 -3.32 3.50
N HIS A 50 8.21 -4.62 3.64
CA HIS A 50 9.17 -5.63 4.08
C HIS A 50 9.09 -6.81 3.08
N PRO A 51 10.10 -7.06 2.22
CA PRO A 51 10.05 -8.11 1.19
C PRO A 51 10.27 -9.52 1.78
N ASN A 52 9.40 -9.90 2.72
CA ASN A 52 9.47 -11.06 3.60
C ASN A 52 8.10 -11.35 4.28
N GLU A 53 7.56 -10.37 5.02
CA GLU A 53 6.20 -10.41 5.55
C GLU A 53 5.25 -9.83 4.51
N ASP A 54 5.41 -8.53 4.22
CA ASP A 54 4.60 -7.73 3.31
C ASP A 54 4.93 -7.99 1.84
N GLU A 55 5.53 -9.16 1.55
CA GLU A 55 5.94 -9.58 0.22
C GLU A 55 4.74 -9.68 -0.72
N GLU A 56 3.63 -10.20 -0.19
CA GLU A 56 2.33 -10.29 -0.82
C GLU A 56 1.72 -8.91 -1.10
N LEU A 57 2.02 -7.89 -0.27
CA LEU A 57 1.54 -6.52 -0.48
C LEU A 57 2.36 -5.80 -1.56
N MET A 58 3.67 -6.04 -1.64
CA MET A 58 4.53 -5.52 -2.70
C MET A 58 4.14 -6.06 -4.08
N LYS A 59 3.78 -7.35 -4.19
CA LYS A 59 3.25 -7.91 -5.43
C LYS A 59 1.76 -7.58 -5.68
N GLU A 60 0.97 -7.23 -4.65
CA GLU A 60 -0.35 -6.60 -4.83
C GLU A 60 -0.24 -5.19 -5.45
N MET A 61 0.80 -4.42 -5.08
CA MET A 61 1.11 -3.12 -5.70
C MET A 61 1.50 -3.24 -7.19
N GLU A 62 2.06 -4.38 -7.61
CA GLU A 62 2.24 -4.72 -9.04
C GLU A 62 0.90 -5.17 -9.67
N ARG A 63 0.11 -5.98 -8.95
CA ARG A 63 -1.20 -6.49 -9.39
C ARG A 63 -2.16 -5.34 -9.74
N THR A 64 -2.32 -4.33 -8.89
CA THR A 64 -3.17 -3.15 -9.17
C THR A 64 -2.66 -2.32 -10.35
N ARG A 65 -1.34 -2.20 -10.54
CA ARG A 65 -0.75 -1.50 -11.69
C ARG A 65 -0.98 -2.26 -13.01
N GLU A 66 -0.82 -3.59 -13.00
CA GLU A 66 -1.11 -4.47 -14.14
C GLU A 66 -2.61 -4.45 -14.48
N GLU A 67 -3.48 -4.50 -13.47
CA GLU A 67 -4.93 -4.33 -13.58
C GLU A 67 -5.32 -2.98 -14.20
N PHE A 68 -4.65 -1.89 -13.81
CA PHE A 68 -4.89 -0.54 -14.33
C PHE A 68 -4.57 -0.44 -15.83
N GLN A 69 -3.50 -1.11 -16.28
CA GLN A 69 -3.13 -1.17 -17.69
C GLN A 69 -4.06 -2.09 -18.48
N LYS A 70 -4.54 -3.20 -17.90
CA LYS A 70 -5.56 -4.06 -18.51
C LYS A 70 -6.91 -3.35 -18.64
N ARG A 71 -7.26 -2.48 -17.69
CA ARG A 71 -8.43 -1.61 -17.77
C ARG A 71 -8.25 -0.53 -18.84
N LYS A 72 -7.05 0.05 -18.97
CA LYS A 72 -6.74 1.01 -20.04
C LYS A 72 -6.78 0.37 -21.45
N ALA A 73 -6.37 -0.90 -21.58
CA ALA A 73 -6.50 -1.68 -22.81
C ALA A 73 -7.98 -1.98 -23.16
N ASP A 74 -8.83 -2.26 -22.16
CA ASP A 74 -10.28 -2.43 -22.34
C ASP A 74 -11.01 -1.11 -22.67
N LEU A 75 -10.44 0.03 -22.25
CA LEU A 75 -10.84 1.39 -22.64
C LEU A 75 -10.48 1.72 -24.10
N LEU A 76 -9.30 1.27 -24.53
CA LEU A 76 -8.75 1.45 -25.87
C LEU A 76 -9.47 0.54 -26.88
N ALA A 77 -9.84 -0.68 -26.47
CA ALA A 77 -10.69 -1.59 -27.24
C ALA A 77 -12.14 -1.08 -27.31
N ALA A 78 -12.85 -1.39 -28.41
CA ALA A 78 -14.24 -0.95 -28.67
C ALA A 78 -15.07 -1.94 -29.50
N LYS A 79 -14.57 -3.17 -29.73
CA LYS A 79 -15.25 -4.20 -30.54
C LYS A 79 -16.48 -4.82 -29.85
N ARG A 80 -16.53 -4.78 -28.51
CA ARG A 80 -17.59 -5.27 -27.59
C ARG A 80 -17.77 -6.80 -27.55
N LYS A 81 -17.56 -7.51 -28.65
CA LYS A 81 -17.57 -8.98 -28.72
C LYS A 81 -16.37 -9.59 -27.96
N PRO A 82 -16.51 -10.80 -27.37
CA PRO A 82 -15.41 -11.51 -26.71
C PRO A 82 -14.35 -11.96 -27.74
N VAL A 83 -13.08 -11.93 -27.32
CA VAL A 83 -11.88 -12.20 -28.16
C VAL A 83 -10.77 -12.91 -27.39
N GLY A 1 -2.28 -10.59 22.08
CA GLY A 1 -2.83 -9.75 23.17
C GLY A 1 -1.74 -8.97 23.90
N SER A 2 -2.04 -8.48 25.10
CA SER A 2 -1.13 -7.69 25.95
C SER A 2 -1.63 -7.64 27.40
N PHE A 3 -0.72 -7.38 28.36
CA PHE A 3 -1.02 -7.23 29.79
C PHE A 3 -1.64 -5.85 30.13
N THR A 4 -1.69 -4.91 29.17
CA THR A 4 -2.17 -3.53 29.34
C THR A 4 -2.88 -3.08 28.05
N PRO A 5 -4.09 -2.50 28.12
CA PRO A 5 -4.83 -2.02 26.94
C PRO A 5 -4.21 -0.74 26.38
N THR A 6 -4.31 -0.57 25.05
CA THR A 6 -3.68 0.53 24.28
C THR A 6 -4.58 0.99 23.14
N LYS A 7 -4.35 2.22 22.66
CA LYS A 7 -5.01 2.83 21.51
C LYS A 7 -4.58 2.22 20.15
N LYS A 8 -5.14 2.73 19.04
CA LYS A 8 -4.86 2.36 17.66
C LYS A 8 -3.36 2.39 17.29
N GLU A 9 -3.00 1.63 16.26
CA GLU A 9 -1.65 1.50 15.71
C GLU A 9 -1.60 1.94 14.23
N GLY A 10 -0.41 1.91 13.64
CA GLY A 10 -0.13 2.40 12.29
C GLY A 10 -0.51 1.43 11.17
N ARG A 11 -0.30 1.97 9.98
CA ARG A 11 -0.62 1.47 8.64
C ARG A 11 -2.13 1.43 8.33
N CYS A 12 -2.51 1.89 7.14
CA CYS A 12 -3.85 1.68 6.59
C CYS A 12 -4.16 0.21 6.20
N ARG A 13 -5.46 -0.10 6.00
CA ARG A 13 -5.98 -1.48 5.84
C ARG A 13 -6.70 -1.74 4.50
N LEU A 14 -7.27 -0.72 3.85
CA LEU A 14 -7.86 -0.82 2.50
C LEU A 14 -6.79 -0.86 1.40
N PHE A 15 -5.62 -0.30 1.71
CA PHE A 15 -4.48 -0.10 0.82
C PHE A 15 -3.97 -1.39 0.12
N PRO A 16 -3.58 -1.34 -1.17
CA PRO A 16 -3.50 -0.16 -2.05
C PRO A 16 -4.86 0.39 -2.52
N HIS A 17 -5.95 -0.32 -2.24
CA HIS A 17 -7.28 -0.09 -2.83
C HIS A 17 -8.09 0.99 -2.07
N CYS A 18 -7.40 2.04 -1.59
CA CYS A 18 -7.97 3.12 -0.76
C CYS A 18 -8.28 4.39 -1.60
N PRO A 19 -9.47 5.02 -1.43
CA PRO A 19 -9.86 6.22 -2.19
C PRO A 19 -9.29 7.54 -1.65
N LEU A 20 -8.84 7.61 -0.38
CA LEU A 20 -8.44 8.83 0.31
C LEU A 20 -6.93 9.17 0.20
N GLY A 21 -6.20 8.55 -0.73
CA GLY A 21 -4.75 8.69 -0.95
C GLY A 21 -4.33 10.09 -1.40
N ARG A 22 -4.36 11.03 -0.45
CA ARG A 22 -4.23 12.49 -0.53
C ARG A 22 -4.38 13.10 0.88
N SER A 23 -5.37 12.61 1.66
CA SER A 23 -5.77 13.15 2.95
C SER A 23 -6.04 12.08 4.03
N CYS A 24 -5.94 10.78 3.72
CA CYS A 24 -6.16 9.66 4.65
C CYS A 24 -5.26 9.73 5.91
N PRO A 25 -5.79 9.48 7.13
CA PRO A 25 -5.03 9.60 8.39
C PRO A 25 -4.11 8.41 8.71
N HIS A 26 -4.26 7.25 8.03
CA HIS A 26 -3.47 6.04 8.28
C HIS A 26 -2.41 5.81 7.17
N ALA A 27 -1.25 5.22 7.53
CA ALA A 27 -0.06 5.20 6.69
C ALA A 27 -0.15 4.22 5.51
N HIS A 28 0.12 4.71 4.30
CA HIS A 28 0.16 3.94 3.06
C HIS A 28 1.59 3.39 2.78
N PRO A 29 1.82 2.06 2.88
CA PRO A 29 3.11 1.43 2.60
C PRO A 29 3.31 1.28 1.08
N THR A 30 3.66 2.36 0.39
CA THR A 30 4.08 2.38 -1.03
C THR A 30 5.60 2.50 -1.19
N LYS A 31 6.31 2.32 -0.07
CA LYS A 31 7.69 2.73 0.18
C LYS A 31 8.41 1.59 0.90
N VAL A 32 9.58 1.18 0.42
CA VAL A 32 10.35 0.06 1.00
C VAL A 32 11.06 0.53 2.26
N CYS A 33 10.97 -0.28 3.33
CA CYS A 33 11.42 0.10 4.68
C CYS A 33 12.92 0.46 4.75
N ASN A 34 13.27 1.46 5.55
CA ASN A 34 14.66 1.87 5.79
C ASN A 34 15.47 0.88 6.67
N GLU A 35 14.84 0.25 7.67
CA GLU A 35 15.49 -0.56 8.72
C GLU A 35 15.34 -2.08 8.54
N TYR A 36 14.50 -2.55 7.60
CA TYR A 36 14.44 -3.94 7.14
C TYR A 36 15.83 -4.59 6.90
N PRO A 37 16.05 -5.85 7.32
CA PRO A 37 15.09 -6.76 7.94
C PRO A 37 14.94 -6.55 9.45
N ASN A 38 15.66 -5.59 10.05
CA ASN A 38 15.88 -5.49 11.50
C ASN A 38 14.72 -4.79 12.24
N CYS A 39 13.50 -4.86 11.69
CA CYS A 39 12.38 -4.01 12.09
C CYS A 39 11.61 -4.55 13.32
N PRO A 40 11.35 -3.72 14.36
CA PRO A 40 10.62 -4.15 15.56
C PRO A 40 9.10 -4.21 15.37
N LYS A 41 8.57 -3.70 14.26
CA LYS A 41 7.14 -3.81 13.93
C LYS A 41 6.74 -5.28 13.65
N PRO A 42 5.63 -5.79 14.23
CA PRO A 42 5.04 -7.08 13.80
C PRO A 42 4.56 -7.00 12.35
N PRO A 43 4.28 -8.14 11.69
CA PRO A 43 3.91 -8.17 10.28
C PRO A 43 2.59 -7.42 10.03
N GLY A 44 2.69 -6.32 9.28
CA GLY A 44 1.55 -5.57 8.76
C GLY A 44 1.22 -4.24 9.47
N THR A 45 2.07 -3.74 10.38
CA THR A 45 1.84 -2.48 11.13
C THR A 45 2.82 -1.36 10.80
N CYS A 46 4.00 -1.66 10.26
CA CYS A 46 4.95 -0.70 9.71
C CYS A 46 4.34 0.11 8.58
N GLU A 47 4.70 1.39 8.56
CA GLU A 47 4.40 2.30 7.45
C GLU A 47 5.14 1.96 6.14
N PHE A 48 6.04 0.96 6.10
CA PHE A 48 6.78 0.63 4.91
C PHE A 48 6.62 -0.85 4.54
N LEU A 49 7.27 -1.25 3.45
CA LEU A 49 7.18 -2.58 2.84
C LEU A 49 8.39 -3.44 3.24
N HIS A 50 8.18 -4.74 3.43
CA HIS A 50 9.20 -5.73 3.83
C HIS A 50 9.17 -6.92 2.83
N PRO A 51 10.17 -7.11 1.94
CA PRO A 51 10.14 -8.15 0.88
C PRO A 51 10.41 -9.58 1.38
N ASN A 52 9.68 -9.99 2.42
CA ASN A 52 9.82 -11.26 3.16
C ASN A 52 8.61 -11.54 4.07
N GLU A 53 8.29 -10.62 4.98
CA GLU A 53 7.06 -10.68 5.79
C GLU A 53 5.89 -10.21 4.93
N ASP A 54 5.98 -8.96 4.48
CA ASP A 54 4.91 -8.21 3.81
C ASP A 54 4.87 -8.50 2.30
N GLU A 55 5.31 -9.70 1.93
CA GLU A 55 5.65 -10.04 0.56
C GLU A 55 4.40 -10.08 -0.34
N GLU A 56 3.28 -10.59 0.19
CA GLU A 56 1.97 -10.57 -0.45
C GLU A 56 1.44 -9.14 -0.66
N LEU A 57 1.82 -8.17 0.18
CA LEU A 57 1.49 -6.75 -0.04
C LEU A 57 2.32 -6.22 -1.21
N MET A 58 3.63 -6.49 -1.28
CA MET A 58 4.46 -6.12 -2.42
C MET A 58 3.98 -6.76 -3.74
N LYS A 59 3.41 -7.96 -3.71
CA LYS A 59 2.72 -8.59 -4.82
C LYS A 59 1.40 -7.89 -5.17
N GLU A 60 0.65 -7.36 -4.20
CA GLU A 60 -0.49 -6.49 -4.42
C GLU A 60 -0.08 -5.14 -5.04
N MET A 61 1.09 -4.60 -4.68
CA MET A 61 1.66 -3.40 -5.32
C MET A 61 2.07 -3.64 -6.77
N GLU A 62 2.65 -4.81 -7.07
CA GLU A 62 2.91 -5.25 -8.44
C GLU A 62 1.59 -5.43 -9.23
N ARG A 63 0.56 -6.01 -8.60
CA ARG A 63 -0.78 -6.17 -9.18
C ARG A 63 -1.41 -4.81 -9.53
N THR A 64 -1.43 -3.83 -8.62
CA THR A 64 -2.03 -2.51 -8.89
C THR A 64 -1.24 -1.71 -9.92
N ARG A 65 0.09 -1.89 -9.98
CA ARG A 65 0.93 -1.34 -11.05
C ARG A 65 0.61 -2.00 -12.41
N GLU A 66 0.46 -3.32 -12.47
CA GLU A 66 0.09 -4.06 -13.67
C GLU A 66 -1.32 -3.69 -14.16
N GLU A 67 -2.28 -3.51 -13.25
CA GLU A 67 -3.62 -2.97 -13.52
C GLU A 67 -3.54 -1.64 -14.27
N PHE A 68 -2.73 -0.71 -13.71
CA PHE A 68 -2.58 0.64 -14.24
C PHE A 68 -1.76 0.70 -15.54
N GLN A 69 -0.82 -0.23 -15.74
CA GLN A 69 -0.08 -0.40 -16.98
C GLN A 69 -0.99 -0.91 -18.10
N LYS A 70 -1.92 -1.83 -17.80
CA LYS A 70 -2.93 -2.34 -18.73
C LYS A 70 -4.00 -1.27 -19.05
N ARG A 71 -4.36 -0.42 -18.09
CA ARG A 71 -5.20 0.77 -18.32
C ARG A 71 -4.49 1.76 -19.25
N LYS A 72 -3.21 2.03 -19.00
CA LYS A 72 -2.40 2.93 -19.84
C LYS A 72 -2.18 2.35 -21.27
N ALA A 73 -2.04 1.03 -21.41
CA ALA A 73 -1.98 0.36 -22.72
C ALA A 73 -3.29 0.52 -23.52
N ASP A 74 -4.46 0.39 -22.88
CA ASP A 74 -5.77 0.63 -23.51
C ASP A 74 -6.02 2.10 -23.88
N LEU A 75 -5.46 3.03 -23.07
CA LEU A 75 -5.37 4.46 -23.38
C LEU A 75 -4.53 4.71 -24.64
N LEU A 76 -3.32 4.14 -24.72
CA LEU A 76 -2.41 4.30 -25.86
C LEU A 76 -2.97 3.64 -27.12
N ALA A 77 -3.75 2.58 -26.97
CA ALA A 77 -4.48 1.92 -28.05
C ALA A 77 -5.60 2.77 -28.71
N ALA A 78 -5.78 4.00 -28.24
CA ALA A 78 -6.74 4.99 -28.73
C ALA A 78 -6.21 6.45 -28.73
N LYS A 79 -4.94 6.70 -28.35
CA LYS A 79 -4.42 8.05 -28.08
C LYS A 79 -2.91 8.25 -28.32
N ARG A 80 -2.14 7.20 -28.61
CA ARG A 80 -0.67 7.26 -28.84
C ARG A 80 -0.28 8.22 -29.98
N LYS A 81 0.77 9.01 -29.76
CA LYS A 81 1.38 9.88 -30.79
C LYS A 81 2.38 9.14 -31.69
N PRO A 82 3.39 8.40 -31.16
CA PRO A 82 4.27 7.56 -31.97
C PRO A 82 3.56 6.27 -32.40
N VAL A 83 3.96 5.74 -33.57
CA VAL A 83 3.42 4.51 -34.20
C VAL A 83 4.51 3.73 -34.96
N GLY A 1 -25.94 1.87 13.95
CA GLY A 1 -24.72 1.05 14.11
C GLY A 1 -23.93 1.47 15.34
N SER A 2 -23.49 0.51 16.15
CA SER A 2 -22.65 0.75 17.33
C SER A 2 -21.18 1.04 16.98
N PHE A 3 -20.54 1.93 17.76
CA PHE A 3 -19.14 2.35 17.59
C PHE A 3 -18.59 3.00 18.88
N THR A 4 -17.29 2.80 19.15
CA THR A 4 -16.52 3.38 20.26
C THR A 4 -15.08 3.65 19.84
N PRO A 5 -14.41 4.68 20.40
CA PRO A 5 -13.00 5.01 20.12
C PRO A 5 -12.05 4.01 20.79
N THR A 6 -10.79 3.99 20.34
CA THR A 6 -9.73 3.10 20.84
C THR A 6 -8.34 3.64 20.45
N LYS A 7 -7.33 3.27 21.25
CA LYS A 7 -5.93 3.67 21.06
C LYS A 7 -5.22 2.80 20.00
N LYS A 8 -5.64 2.97 18.73
CA LYS A 8 -5.15 2.23 17.56
C LYS A 8 -3.66 2.46 17.22
N GLU A 9 -3.21 1.86 16.12
CA GLU A 9 -1.89 1.96 15.54
C GLU A 9 -1.98 2.30 14.04
N GLY A 10 -0.87 2.75 13.45
CA GLY A 10 -0.78 3.17 12.05
C GLY A 10 -0.69 2.01 11.06
N ARG A 11 -0.28 2.38 9.85
CA ARG A 11 -0.26 1.59 8.60
C ARG A 11 -1.68 1.23 8.14
N CYS A 12 -2.03 1.59 6.92
CA CYS A 12 -3.39 1.43 6.43
C CYS A 12 -3.78 -0.03 6.09
N ARG A 13 -5.07 -0.37 6.21
CA ARG A 13 -5.59 -1.74 6.25
C ARG A 13 -6.41 -2.17 5.03
N LEU A 14 -6.98 -1.23 4.25
CA LEU A 14 -7.55 -1.46 2.92
C LEU A 14 -6.46 -1.53 1.84
N PHE A 15 -5.30 -0.95 2.12
CA PHE A 15 -4.12 -0.87 1.25
C PHE A 15 -3.65 -2.26 0.77
N PRO A 16 -3.28 -2.42 -0.52
CA PRO A 16 -3.05 -1.36 -1.52
C PRO A 16 -4.34 -0.78 -2.13
N HIS A 17 -5.48 -1.41 -1.86
CA HIS A 17 -6.77 -1.18 -2.54
C HIS A 17 -7.56 0.01 -1.96
N CYS A 18 -6.87 1.08 -1.54
CA CYS A 18 -7.46 2.25 -0.88
C CYS A 18 -7.62 3.47 -1.84
N PRO A 19 -8.82 4.10 -1.93
CA PRO A 19 -9.05 5.22 -2.86
C PRO A 19 -8.56 6.59 -2.36
N LEU A 20 -8.32 6.78 -1.06
CA LEU A 20 -8.01 8.07 -0.45
C LEU A 20 -6.51 8.40 -0.41
N GLY A 21 -5.67 7.70 -1.19
CA GLY A 21 -4.21 7.91 -1.29
C GLY A 21 -3.84 9.29 -1.86
N ARG A 22 -3.88 10.29 -0.98
CA ARG A 22 -3.73 11.75 -1.17
C ARG A 22 -4.21 12.53 0.09
N SER A 23 -5.12 11.95 0.88
CA SER A 23 -5.72 12.59 2.07
C SER A 23 -6.01 11.62 3.25
N CYS A 24 -5.88 10.30 3.04
CA CYS A 24 -6.08 9.26 4.07
C CYS A 24 -5.14 9.45 5.29
N PRO A 25 -5.64 9.32 6.55
CA PRO A 25 -4.86 9.57 7.76
C PRO A 25 -3.91 8.42 8.17
N HIS A 26 -4.07 7.21 7.61
CA HIS A 26 -3.21 6.06 7.91
C HIS A 26 -2.08 5.87 6.87
N ALA A 27 -0.94 5.32 7.28
CA ALA A 27 0.28 5.24 6.47
C ALA A 27 0.17 4.19 5.36
N HIS A 28 0.25 4.62 4.11
CA HIS A 28 0.38 3.76 2.93
C HIS A 28 1.88 3.36 2.75
N PRO A 29 2.28 2.10 3.01
CA PRO A 29 3.66 1.65 2.83
C PRO A 29 3.99 1.64 1.33
N THR A 30 4.73 2.67 0.90
CA THR A 30 5.07 2.95 -0.52
C THR A 30 6.56 3.28 -0.65
N LYS A 31 7.36 2.83 0.32
CA LYS A 31 8.81 3.02 0.44
C LYS A 31 9.41 1.86 1.24
N VAL A 32 10.65 1.49 0.92
CA VAL A 32 11.34 0.33 1.52
C VAL A 32 11.95 0.74 2.86
N CYS A 33 11.69 -0.06 3.89
CA CYS A 33 11.98 0.29 5.29
C CYS A 33 13.47 0.59 5.56
N ASN A 34 13.73 1.57 6.43
CA ASN A 34 15.08 1.89 6.91
C ASN A 34 15.76 0.77 7.74
N GLU A 35 15.01 0.01 8.55
CA GLU A 35 15.54 -0.89 9.60
C GLU A 35 15.23 -2.39 9.42
N TYR A 36 14.46 -2.78 8.39
CA TYR A 36 14.32 -4.18 7.95
C TYR A 36 15.70 -4.87 7.76
N PRO A 37 15.87 -6.16 8.14
CA PRO A 37 14.87 -7.06 8.73
C PRO A 37 14.69 -6.87 10.25
N ASN A 38 15.44 -5.97 10.90
CA ASN A 38 15.56 -5.86 12.35
C ASN A 38 14.40 -5.07 12.98
N CYS A 39 13.23 -5.09 12.34
CA CYS A 39 12.09 -4.21 12.66
C CYS A 39 11.19 -4.81 13.77
N PRO A 40 10.85 -4.04 14.84
CA PRO A 40 9.99 -4.51 15.92
C PRO A 40 8.50 -4.54 15.53
N LYS A 41 8.10 -3.91 14.43
CA LYS A 41 6.73 -3.93 13.92
C LYS A 41 6.31 -5.35 13.43
N PRO A 42 5.20 -5.93 13.94
CA PRO A 42 4.60 -7.14 13.36
C PRO A 42 4.07 -6.87 11.94
N PRO A 43 3.73 -7.92 11.17
CA PRO A 43 3.24 -7.77 9.80
C PRO A 43 1.95 -6.96 9.75
N GLY A 44 2.01 -5.77 9.15
CA GLY A 44 0.87 -4.90 8.86
C GLY A 44 0.79 -3.59 9.66
N THR A 45 1.80 -3.23 10.46
CA THR A 45 1.82 -2.01 11.30
C THR A 45 2.96 -1.03 11.01
N CYS A 46 4.02 -1.44 10.31
CA CYS A 46 5.08 -0.54 9.82
C CYS A 46 4.64 0.32 8.63
N GLU A 47 4.98 1.59 8.72
CA GLU A 47 4.85 2.57 7.63
C GLU A 47 5.65 2.24 6.36
N PHE A 48 6.54 1.22 6.35
CA PHE A 48 7.33 0.90 5.17
C PHE A 48 7.17 -0.56 4.74
N LEU A 49 7.91 -0.92 3.69
CA LEU A 49 7.84 -2.20 2.98
C LEU A 49 9.03 -3.09 3.39
N HIS A 50 8.80 -4.40 3.44
CA HIS A 50 9.73 -5.41 3.92
C HIS A 50 9.72 -6.57 2.89
N PRO A 51 10.85 -6.93 2.23
CA PRO A 51 10.92 -7.97 1.19
C PRO A 51 10.90 -9.40 1.77
N ASN A 52 9.94 -9.67 2.66
CA ASN A 52 9.72 -10.93 3.38
C ASN A 52 8.28 -11.02 3.92
N GLU A 53 7.87 -10.12 4.81
CA GLU A 53 6.49 -10.04 5.30
C GLU A 53 5.61 -9.40 4.23
N ASP A 54 5.85 -8.13 3.93
CA ASP A 54 5.14 -7.28 2.98
C ASP A 54 5.57 -7.56 1.52
N GLU A 55 6.03 -8.79 1.28
CA GLU A 55 6.47 -9.27 -0.03
C GLU A 55 5.24 -9.67 -0.88
N GLU A 56 4.24 -10.26 -0.23
CA GLU A 56 2.92 -10.50 -0.79
C GLU A 56 2.21 -9.19 -1.15
N LEU A 57 2.43 -8.11 -0.39
CA LEU A 57 1.88 -6.78 -0.68
C LEU A 57 2.49 -6.17 -1.95
N MET A 58 3.79 -6.31 -2.19
CA MET A 58 4.42 -5.90 -3.45
C MET A 58 3.80 -6.64 -4.65
N LYS A 59 3.61 -7.96 -4.54
CA LYS A 59 2.99 -8.78 -5.57
C LYS A 59 1.50 -8.44 -5.78
N GLU A 60 0.77 -8.11 -4.71
CA GLU A 60 -0.59 -7.56 -4.77
C GLU A 60 -0.61 -6.24 -5.54
N MET A 61 0.26 -5.29 -5.15
CA MET A 61 0.25 -3.90 -5.63
C MET A 61 0.56 -3.78 -7.13
N GLU A 62 1.30 -4.72 -7.71
CA GLU A 62 1.53 -4.81 -9.15
C GLU A 62 0.22 -5.01 -9.94
N ARG A 63 -0.80 -5.69 -9.37
CA ARG A 63 -2.14 -5.78 -9.95
C ARG A 63 -2.91 -4.50 -9.70
N THR A 64 -2.84 -4.02 -8.44
CA THR A 64 -3.60 -2.87 -7.94
C THR A 64 -3.34 -1.60 -8.75
N ARG A 65 -2.08 -1.36 -9.16
CA ARG A 65 -1.71 -0.18 -9.95
C ARG A 65 -2.48 -0.10 -11.28
N GLU A 66 -2.49 -1.16 -12.09
CA GLU A 66 -3.23 -1.19 -13.35
C GLU A 66 -4.76 -1.26 -13.15
N GLU A 67 -5.23 -1.87 -12.05
CA GLU A 67 -6.63 -1.86 -11.63
C GLU A 67 -7.13 -0.45 -11.25
N PHE A 68 -6.28 0.36 -10.63
CA PHE A 68 -6.55 1.75 -10.29
C PHE A 68 -6.60 2.65 -11.53
N GLN A 69 -5.75 2.38 -12.52
CA GLN A 69 -5.80 3.05 -13.83
C GLN A 69 -7.08 2.70 -14.60
N LYS A 70 -7.55 1.45 -14.53
CA LYS A 70 -8.81 1.00 -15.14
C LYS A 70 -10.03 1.68 -14.48
N ARG A 71 -9.98 1.88 -13.17
CA ARG A 71 -11.00 2.64 -12.42
C ARG A 71 -10.98 4.12 -12.79
N LYS A 72 -9.79 4.72 -12.95
CA LYS A 72 -9.65 6.12 -13.40
C LYS A 72 -10.16 6.31 -14.85
N ALA A 73 -9.93 5.34 -15.74
CA ALA A 73 -10.50 5.35 -17.10
C ALA A 73 -12.04 5.25 -17.10
N ASP A 74 -12.63 4.45 -16.21
CA ASP A 74 -14.09 4.34 -16.02
C ASP A 74 -14.69 5.63 -15.41
N LEU A 75 -13.91 6.34 -14.59
CA LEU A 75 -14.18 7.70 -14.09
C LEU A 75 -14.24 8.73 -15.23
N LEU A 76 -13.29 8.68 -16.18
CA LEU A 76 -13.26 9.53 -17.37
C LEU A 76 -14.38 9.17 -18.37
N ALA A 77 -14.92 7.96 -18.29
CA ALA A 77 -16.16 7.54 -18.97
C ALA A 77 -17.45 7.99 -18.22
N ALA A 78 -17.31 8.85 -17.21
CA ALA A 78 -18.33 9.56 -16.43
C ALA A 78 -19.07 8.70 -15.37
N LYS A 79 -18.80 7.41 -15.30
CA LYS A 79 -19.38 6.48 -14.31
C LYS A 79 -18.70 6.62 -12.93
N ARG A 80 -19.51 6.65 -11.87
CA ARG A 80 -19.09 6.72 -10.45
C ARG A 80 -19.87 5.68 -9.61
N LYS A 81 -19.30 5.26 -8.49
CA LYS A 81 -19.98 4.41 -7.49
C LYS A 81 -21.21 5.12 -6.88
N PRO A 82 -22.39 4.45 -6.78
CA PRO A 82 -23.59 5.05 -6.19
C PRO A 82 -23.46 5.11 -4.65
N VAL A 83 -24.01 6.19 -4.07
CA VAL A 83 -23.99 6.49 -2.61
C VAL A 83 -25.32 7.12 -2.19
N GLY A 1 3.90 18.98 22.08
CA GLY A 1 2.95 18.14 21.31
C GLY A 1 1.69 17.84 22.11
N SER A 2 0.82 16.98 21.58
CA SER A 2 -0.47 16.58 22.18
C SER A 2 -1.00 15.29 21.55
N PHE A 3 -1.85 14.55 22.28
CA PHE A 3 -2.40 13.24 21.92
C PHE A 3 -3.64 12.89 22.77
N THR A 4 -4.34 11.81 22.38
CA THR A 4 -5.52 11.25 23.07
C THR A 4 -5.40 9.73 23.20
N PRO A 5 -6.03 9.11 24.22
CA PRO A 5 -5.92 7.67 24.47
C PRO A 5 -6.72 6.87 23.44
N THR A 6 -6.08 5.82 22.89
CA THR A 6 -6.63 4.89 21.89
C THR A 6 -5.71 3.69 21.73
N LYS A 7 -6.28 2.56 21.29
CA LYS A 7 -5.54 1.35 20.92
C LYS A 7 -4.90 1.42 19.51
N LYS A 8 -5.24 2.44 18.71
CA LYS A 8 -4.77 2.62 17.34
C LYS A 8 -3.25 2.71 17.18
N GLU A 9 -2.75 2.20 16.05
CA GLU A 9 -1.36 2.23 15.61
C GLU A 9 -1.26 2.66 14.14
N GLY A 10 -0.08 2.49 13.51
CA GLY A 10 0.12 2.77 12.09
C GLY A 10 -0.46 1.69 11.17
N ARG A 11 -0.08 1.81 9.89
CA ARG A 11 -0.48 1.01 8.72
C ARG A 11 -1.96 1.07 8.38
N CYS A 12 -2.26 1.54 7.17
CA CYS A 12 -3.56 1.36 6.52
C CYS A 12 -3.77 -0.06 5.97
N ARG A 13 -5.04 -0.51 5.90
CA ARG A 13 -5.42 -1.92 5.74
C ARG A 13 -6.23 -2.25 4.46
N LEU A 14 -6.88 -1.26 3.81
CA LEU A 14 -7.46 -1.40 2.47
C LEU A 14 -6.39 -1.31 1.37
N PHE A 15 -5.25 -0.69 1.69
CA PHE A 15 -4.11 -0.43 0.82
C PHE A 15 -3.56 -1.70 0.14
N PRO A 16 -3.18 -1.67 -1.16
CA PRO A 16 -3.10 -0.48 -2.03
C PRO A 16 -4.44 0.05 -2.52
N HIS A 17 -5.53 -0.66 -2.27
CA HIS A 17 -6.86 -0.43 -2.86
C HIS A 17 -7.69 0.61 -2.08
N CYS A 18 -7.03 1.70 -1.63
CA CYS A 18 -7.64 2.77 -0.82
C CYS A 18 -7.86 4.06 -1.65
N PRO A 19 -9.05 4.71 -1.60
CA PRO A 19 -9.38 5.85 -2.47
C PRO A 19 -8.91 7.22 -1.96
N LEU A 20 -8.60 7.41 -0.67
CA LEU A 20 -8.37 8.71 -0.06
C LEU A 20 -6.96 9.28 -0.28
N GLY A 21 -5.99 8.46 -0.69
CA GLY A 21 -4.60 8.88 -0.96
C GLY A 21 -3.97 9.61 0.23
N ARG A 22 -3.41 10.80 -0.04
CA ARG A 22 -2.78 11.68 0.97
C ARG A 22 -3.78 12.32 1.96
N SER A 23 -5.09 12.21 1.74
CA SER A 23 -6.12 12.68 2.68
C SER A 23 -6.46 11.64 3.77
N CYS A 24 -5.99 10.39 3.63
CA CYS A 24 -6.21 9.31 4.60
C CYS A 24 -5.37 9.47 5.90
N PRO A 25 -5.92 9.17 7.10
CA PRO A 25 -5.20 9.31 8.37
C PRO A 25 -4.20 8.19 8.67
N HIS A 26 -4.31 7.01 8.03
CA HIS A 26 -3.46 5.84 8.31
C HIS A 26 -2.31 5.66 7.28
N ALA A 27 -1.20 5.05 7.69
CA ALA A 27 0.06 5.01 6.93
C ALA A 27 0.01 4.06 5.72
N HIS A 28 0.11 4.58 4.52
CA HIS A 28 0.22 3.84 3.26
C HIS A 28 1.67 3.33 3.04
N PRO A 29 1.93 2.00 3.09
CA PRO A 29 3.26 1.43 2.88
C PRO A 29 3.57 1.41 1.38
N THR A 30 4.07 2.52 0.85
CA THR A 30 4.43 2.70 -0.57
C THR A 30 5.95 2.82 -0.79
N LYS A 31 6.71 2.68 0.30
CA LYS A 31 8.17 2.76 0.38
C LYS A 31 8.71 1.47 1.01
N VAL A 32 9.82 0.93 0.51
CA VAL A 32 10.54 -0.16 1.17
C VAL A 32 11.22 0.36 2.44
N CYS A 33 11.08 -0.36 3.54
CA CYS A 33 11.49 0.11 4.87
C CYS A 33 13.00 0.39 4.96
N ASN A 34 13.36 1.47 5.68
CA ASN A 34 14.75 1.82 5.96
C ASN A 34 15.50 0.78 6.84
N GLU A 35 14.85 0.22 7.86
CA GLU A 35 15.45 -0.65 8.89
C GLU A 35 15.36 -2.16 8.61
N TYR A 36 14.46 -2.60 7.72
CA TYR A 36 14.33 -4.01 7.29
C TYR A 36 15.69 -4.70 6.99
N PRO A 37 15.88 -5.97 7.42
CA PRO A 37 14.92 -6.84 8.11
C PRO A 37 14.82 -6.59 9.62
N ASN A 38 15.57 -5.62 10.18
CA ASN A 38 15.85 -5.51 11.61
C ASN A 38 14.69 -4.89 12.43
N CYS A 39 13.47 -4.88 11.88
CA CYS A 39 12.39 -3.98 12.32
C CYS A 39 11.62 -4.51 13.56
N PRO A 40 11.39 -3.68 14.60
CA PRO A 40 10.64 -4.07 15.79
C PRO A 40 9.11 -4.04 15.59
N LYS A 41 8.61 -3.44 14.49
CA LYS A 41 7.19 -3.47 14.13
C LYS A 41 6.75 -4.91 13.74
N PRO A 42 5.62 -5.43 14.28
CA PRO A 42 5.02 -6.68 13.81
C PRO A 42 4.47 -6.50 12.37
N PRO A 43 4.11 -7.60 11.68
CA PRO A 43 3.47 -7.53 10.37
C PRO A 43 2.13 -6.80 10.49
N GLY A 44 1.94 -5.77 9.65
CA GLY A 44 0.69 -5.02 9.53
C GLY A 44 0.59 -3.75 10.39
N THR A 45 1.71 -3.16 10.82
CA THR A 45 1.74 -1.90 11.61
C THR A 45 2.83 -0.89 11.20
N CYS A 46 3.95 -1.33 10.63
CA CYS A 46 4.98 -0.45 10.06
C CYS A 46 4.44 0.44 8.93
N GLU A 47 4.91 1.67 8.93
CA GLU A 47 4.72 2.62 7.83
C GLU A 47 5.34 2.20 6.49
N PHE A 48 6.19 1.16 6.44
CA PHE A 48 6.86 0.76 5.20
C PHE A 48 6.62 -0.72 4.86
N LEU A 49 7.25 -1.16 3.77
CA LEU A 49 7.15 -2.50 3.20
C LEU A 49 8.36 -3.34 3.61
N HIS A 50 8.13 -4.66 3.74
CA HIS A 50 9.10 -5.64 4.20
C HIS A 50 9.01 -6.84 3.22
N PRO A 51 9.96 -7.03 2.27
CA PRO A 51 9.89 -8.09 1.26
C PRO A 51 10.23 -9.48 1.86
N ASN A 52 9.35 -9.93 2.76
CA ASN A 52 9.46 -11.07 3.66
C ASN A 52 8.12 -11.38 4.36
N GLU A 53 7.49 -10.35 4.94
CA GLU A 53 6.12 -10.42 5.48
C GLU A 53 5.18 -9.81 4.45
N ASP A 54 5.31 -8.51 4.21
CA ASP A 54 4.57 -7.70 3.26
C ASP A 54 5.01 -7.95 1.81
N GLU A 55 5.60 -9.11 1.53
CA GLU A 55 6.00 -9.53 0.20
C GLU A 55 4.77 -9.76 -0.69
N GLU A 56 3.68 -10.24 -0.09
CA GLU A 56 2.37 -10.38 -0.73
C GLU A 56 1.74 -9.01 -1.08
N LEU A 57 2.08 -7.95 -0.33
CA LEU A 57 1.64 -6.58 -0.62
C LEU A 57 2.44 -6.02 -1.80
N MET A 58 3.77 -6.20 -1.81
CA MET A 58 4.61 -5.91 -2.98
C MET A 58 4.13 -6.62 -4.24
N LYS A 59 3.72 -7.90 -4.15
CA LYS A 59 3.08 -8.63 -5.23
C LYS A 59 1.73 -8.02 -5.63
N GLU A 60 0.84 -7.69 -4.68
CA GLU A 60 -0.43 -7.01 -4.93
C GLU A 60 -0.24 -5.71 -5.72
N MET A 61 0.77 -4.91 -5.37
CA MET A 61 1.07 -3.63 -6.02
C MET A 61 1.46 -3.77 -7.50
N GLU A 62 2.02 -4.90 -7.92
CA GLU A 62 2.25 -5.19 -9.35
C GLU A 62 0.93 -5.38 -10.11
N ARG A 63 -0.01 -6.17 -9.56
CA ARG A 63 -1.31 -6.44 -10.19
C ARG A 63 -2.10 -5.14 -10.28
N THR A 64 -2.06 -4.40 -9.17
CA THR A 64 -2.64 -3.06 -9.00
C THR A 64 -2.10 -2.10 -10.06
N ARG A 65 -0.78 -2.05 -10.29
CA ARG A 65 -0.15 -1.24 -11.33
C ARG A 65 -0.56 -1.65 -12.75
N GLU A 66 -0.65 -2.96 -13.03
CA GLU A 66 -1.17 -3.46 -14.33
C GLU A 66 -2.64 -3.09 -14.55
N GLU A 67 -3.47 -3.14 -13.51
CA GLU A 67 -4.86 -2.64 -13.53
C GLU A 67 -4.91 -1.14 -13.84
N PHE A 68 -4.03 -0.37 -13.19
CA PHE A 68 -3.94 1.08 -13.35
C PHE A 68 -3.52 1.47 -14.78
N GLN A 69 -2.59 0.73 -15.38
CA GLN A 69 -2.16 0.88 -16.76
C GLN A 69 -3.27 0.52 -17.75
N LYS A 70 -4.05 -0.53 -17.47
CA LYS A 70 -5.19 -0.96 -18.29
C LYS A 70 -6.34 0.07 -18.25
N ARG A 71 -6.57 0.69 -17.08
CA ARG A 71 -7.52 1.80 -16.91
C ARG A 71 -7.03 3.03 -17.68
N LYS A 72 -5.74 3.37 -17.57
CA LYS A 72 -5.15 4.50 -18.29
C LYS A 72 -5.19 4.33 -19.82
N ALA A 73 -4.99 3.11 -20.33
CA ALA A 73 -5.10 2.81 -21.76
C ALA A 73 -6.53 3.02 -22.31
N ASP A 74 -7.56 2.74 -21.52
CA ASP A 74 -8.97 2.98 -21.85
C ASP A 74 -9.36 4.47 -21.73
N LEU A 75 -8.79 5.17 -20.74
CA LEU A 75 -8.85 6.64 -20.60
C LEU A 75 -8.30 7.36 -21.84
N LEU A 76 -7.17 6.87 -22.37
CA LEU A 76 -6.55 7.39 -23.60
C LEU A 76 -7.37 7.03 -24.85
N ALA A 77 -8.13 5.93 -24.81
CA ALA A 77 -8.99 5.48 -25.91
C ALA A 77 -10.33 6.25 -26.04
N ALA A 78 -10.57 7.18 -25.12
CA ALA A 78 -11.62 8.21 -25.22
C ALA A 78 -11.14 9.48 -25.96
N LYS A 79 -9.86 9.52 -26.35
CA LYS A 79 -9.19 10.60 -27.10
C LYS A 79 -8.29 10.01 -28.21
N ARG A 80 -7.39 10.81 -28.80
CA ARG A 80 -6.32 10.35 -29.69
C ARG A 80 -5.22 9.60 -28.93
N LYS A 81 -4.63 8.57 -29.57
CA LYS A 81 -3.55 7.73 -29.03
C LYS A 81 -2.80 6.97 -30.14
N PRO A 82 -1.52 6.56 -29.94
CA PRO A 82 -0.82 5.65 -30.84
C PRO A 82 -1.44 4.24 -30.74
N VAL A 83 -1.54 3.56 -31.90
CA VAL A 83 -2.25 2.27 -32.07
C VAL A 83 -1.85 1.58 -33.38
N GLY A 1 2.99 -1.26 28.18
CA GLY A 1 2.04 -2.13 28.91
C GLY A 1 1.04 -1.32 29.71
N SER A 2 0.71 -1.78 30.92
CA SER A 2 -0.08 -1.06 31.96
C SER A 2 -1.59 -0.90 31.66
N PHE A 3 -2.07 -1.35 30.48
CA PHE A 3 -3.48 -1.36 30.05
C PHE A 3 -4.13 0.03 29.90
N THR A 4 -3.33 1.11 29.98
CA THR A 4 -3.77 2.51 29.82
C THR A 4 -4.04 2.87 28.35
N PRO A 5 -4.96 3.80 28.06
CA PRO A 5 -5.28 4.23 26.69
C PRO A 5 -4.13 5.05 26.07
N THR A 6 -3.91 4.86 24.77
CA THR A 6 -2.82 5.45 23.97
C THR A 6 -3.28 5.74 22.54
N LYS A 7 -2.48 6.52 21.80
CA LYS A 7 -2.68 6.82 20.38
C LYS A 7 -2.49 5.56 19.51
N LYS A 8 -3.29 5.41 18.44
CA LYS A 8 -3.31 4.22 17.57
C LYS A 8 -1.98 3.95 16.84
N GLU A 9 -1.88 2.78 16.20
CA GLU A 9 -0.72 2.32 15.45
C GLU A 9 -0.70 2.89 14.01
N GLY A 10 0.33 2.53 13.25
CA GLY A 10 0.43 2.77 11.82
C GLY A 10 -0.33 1.72 11.00
N ARG A 11 -0.03 1.73 9.70
CA ARG A 11 -0.51 0.85 8.62
C ARG A 11 -2.02 0.94 8.33
N CYS A 12 -2.34 1.34 7.10
CA CYS A 12 -3.67 1.21 6.49
C CYS A 12 -3.98 -0.23 6.02
N ARG A 13 -5.27 -0.55 5.88
CA ARG A 13 -5.83 -1.89 5.73
C ARG A 13 -6.42 -2.14 4.33
N LEU A 14 -7.07 -1.13 3.72
CA LEU A 14 -7.68 -1.23 2.39
C LEU A 14 -6.64 -1.10 1.25
N PHE A 15 -5.47 -0.53 1.57
CA PHE A 15 -4.35 -0.28 0.68
C PHE A 15 -3.85 -1.55 -0.06
N PRO A 16 -3.49 -1.47 -1.36
CA PRO A 16 -3.40 -0.27 -2.20
C PRO A 16 -4.75 0.31 -2.64
N HIS A 17 -5.85 -0.39 -2.39
CA HIS A 17 -7.18 -0.12 -2.93
C HIS A 17 -7.97 0.92 -2.11
N CYS A 18 -7.27 1.95 -1.59
CA CYS A 18 -7.83 3.01 -0.74
C CYS A 18 -8.06 4.32 -1.53
N PRO A 19 -9.24 5.00 -1.40
CA PRO A 19 -9.59 6.13 -2.26
C PRO A 19 -9.11 7.52 -1.79
N LEU A 20 -8.73 7.71 -0.51
CA LEU A 20 -8.47 9.03 0.04
C LEU A 20 -7.11 9.63 -0.33
N GLY A 21 -6.07 8.81 -0.46
CA GLY A 21 -4.70 9.26 -0.68
C GLY A 21 -4.11 9.95 0.56
N ARG A 22 -3.44 11.10 0.35
CA ARG A 22 -2.64 11.81 1.36
C ARG A 22 -3.44 12.28 2.60
N SER A 23 -4.75 12.47 2.49
CA SER A 23 -5.64 12.87 3.58
C SER A 23 -6.08 11.71 4.50
N CYS A 24 -5.77 10.45 4.15
CA CYS A 24 -6.08 9.28 4.98
C CYS A 24 -5.22 9.25 6.27
N PRO A 25 -5.79 8.97 7.47
CA PRO A 25 -5.09 9.02 8.75
C PRO A 25 -4.19 7.80 9.06
N HIS A 26 -4.23 6.74 8.25
CA HIS A 26 -3.44 5.51 8.44
C HIS A 26 -2.37 5.34 7.34
N ALA A 27 -1.21 4.77 7.69
CA ALA A 27 0.00 4.79 6.85
C ALA A 27 -0.05 3.83 5.66
N HIS A 28 0.09 4.35 4.45
CA HIS A 28 0.17 3.61 3.19
C HIS A 28 1.59 3.06 2.94
N PRO A 29 1.83 1.73 3.01
CA PRO A 29 3.14 1.14 2.82
C PRO A 29 3.51 1.10 1.33
N THR A 30 4.29 2.09 0.87
CA THR A 30 4.66 2.28 -0.54
C THR A 30 6.13 2.68 -0.73
N LYS A 31 6.91 2.64 0.35
CA LYS A 31 8.36 2.74 0.39
C LYS A 31 8.92 1.52 1.13
N VAL A 32 10.12 1.10 0.74
CA VAL A 32 10.81 -0.04 1.37
C VAL A 32 11.50 0.45 2.65
N CYS A 33 11.26 -0.26 3.75
CA CYS A 33 11.63 0.21 5.10
C CYS A 33 13.12 0.54 5.25
N ASN A 34 13.42 1.60 6.00
CA ASN A 34 14.79 2.02 6.31
C ASN A 34 15.61 1.01 7.14
N GLU A 35 14.97 0.25 8.03
CA GLU A 35 15.62 -0.60 9.05
C GLU A 35 15.44 -2.12 8.86
N TYR A 36 14.55 -2.57 7.96
CA TYR A 36 14.40 -3.96 7.53
C TYR A 36 15.77 -4.66 7.28
N PRO A 37 15.94 -5.94 7.71
CA PRO A 37 14.97 -6.80 8.39
C PRO A 37 14.84 -6.54 9.89
N ASN A 38 15.59 -5.58 10.46
CA ASN A 38 15.83 -5.43 11.89
C ASN A 38 14.65 -4.78 12.66
N CYS A 39 13.44 -4.80 12.10
CA CYS A 39 12.33 -3.93 12.52
C CYS A 39 11.53 -4.51 13.71
N PRO A 40 11.33 -3.75 14.81
CA PRO A 40 10.50 -4.18 15.93
C PRO A 40 8.99 -4.04 15.63
N LYS A 41 8.60 -3.28 14.60
CA LYS A 41 7.21 -3.16 14.14
C LYS A 41 6.73 -4.53 13.58
N PRO A 42 5.68 -5.17 14.14
CA PRO A 42 5.17 -6.46 13.66
C PRO A 42 4.55 -6.34 12.25
N PRO A 43 4.26 -7.48 11.58
CA PRO A 43 3.52 -7.48 10.34
C PRO A 43 2.14 -6.84 10.53
N GLY A 44 1.85 -5.82 9.71
CA GLY A 44 0.56 -5.12 9.71
C GLY A 44 0.52 -3.83 10.56
N THR A 45 1.66 -3.22 10.91
CA THR A 45 1.73 -1.93 11.64
C THR A 45 2.76 -0.94 11.09
N CYS A 46 3.88 -1.40 10.51
CA CYS A 46 4.91 -0.52 9.95
C CYS A 46 4.40 0.34 8.79
N GLU A 47 4.78 1.61 8.83
CA GLU A 47 4.64 2.57 7.73
C GLU A 47 5.33 2.18 6.42
N PHE A 48 6.25 1.19 6.42
CA PHE A 48 6.96 0.81 5.21
C PHE A 48 6.74 -0.66 4.87
N LEU A 49 7.42 -1.09 3.81
CA LEU A 49 7.35 -2.44 3.24
C LEU A 49 8.54 -3.29 3.69
N HIS A 50 8.32 -4.59 3.81
CA HIS A 50 9.25 -5.58 4.30
C HIS A 50 9.19 -6.78 3.32
N PRO A 51 10.15 -6.98 2.39
CA PRO A 51 10.08 -8.00 1.34
C PRO A 51 10.35 -9.42 1.88
N ASN A 52 9.46 -9.84 2.78
CA ASN A 52 9.53 -11.02 3.65
C ASN A 52 8.19 -11.30 4.35
N GLU A 53 7.56 -10.26 4.90
CA GLU A 53 6.16 -10.31 5.38
C GLU A 53 5.28 -9.68 4.30
N ASP A 54 5.43 -8.38 4.08
CA ASP A 54 4.65 -7.55 3.16
C ASP A 54 5.05 -7.75 1.68
N GLU A 55 5.66 -8.90 1.38
CA GLU A 55 6.08 -9.27 0.02
C GLU A 55 4.85 -9.50 -0.87
N GLU A 56 3.79 -10.06 -0.29
CA GLU A 56 2.46 -10.21 -0.92
C GLU A 56 1.84 -8.87 -1.33
N LEU A 57 2.00 -7.84 -0.49
CA LEU A 57 1.49 -6.48 -0.72
C LEU A 57 2.19 -5.82 -1.92
N MET A 58 3.51 -6.02 -2.10
CA MET A 58 4.20 -5.61 -3.31
C MET A 58 3.61 -6.29 -4.55
N LYS A 59 3.30 -7.58 -4.48
CA LYS A 59 2.67 -8.32 -5.57
C LYS A 59 1.20 -7.93 -5.81
N GLU A 60 0.46 -7.48 -4.80
CA GLU A 60 -0.84 -6.83 -4.96
C GLU A 60 -0.72 -5.55 -5.80
N MET A 61 0.29 -4.71 -5.50
CA MET A 61 0.58 -3.49 -6.26
C MET A 61 1.06 -3.77 -7.68
N GLU A 62 1.89 -4.80 -7.91
CA GLU A 62 2.25 -5.25 -9.25
C GLU A 62 1.02 -5.73 -10.04
N ARG A 63 0.12 -6.51 -9.43
CA ARG A 63 -1.07 -7.06 -10.09
C ARG A 63 -1.97 -5.94 -10.64
N THR A 64 -2.37 -4.98 -9.80
CA THR A 64 -3.22 -3.84 -10.21
C THR A 64 -2.50 -2.90 -11.18
N ARG A 65 -1.17 -2.72 -11.09
CA ARG A 65 -0.41 -1.92 -12.06
C ARG A 65 -0.30 -2.62 -13.43
N GLU A 66 -0.04 -3.93 -13.47
CA GLU A 66 -0.02 -4.70 -14.73
C GLU A 66 -1.41 -4.74 -15.37
N GLU A 67 -2.47 -4.88 -14.58
CA GLU A 67 -3.86 -4.71 -15.00
C GLU A 67 -4.13 -3.31 -15.61
N PHE A 68 -3.62 -2.26 -14.97
CA PHE A 68 -3.76 -0.87 -15.43
C PHE A 68 -3.03 -0.62 -16.75
N GLN A 69 -1.84 -1.19 -16.93
CA GLN A 69 -1.06 -1.09 -18.16
C GLN A 69 -1.70 -1.91 -19.29
N LYS A 70 -2.27 -3.08 -19.00
CA LYS A 70 -3.01 -3.90 -19.96
C LYS A 70 -4.27 -3.18 -20.46
N ARG A 71 -4.94 -2.41 -19.60
CA ARG A 71 -6.07 -1.54 -19.96
C ARG A 71 -5.58 -0.34 -20.79
N LYS A 72 -4.50 0.32 -20.36
CA LYS A 72 -3.92 1.47 -21.05
C LYS A 72 -3.47 1.13 -22.50
N ALA A 73 -2.92 -0.07 -22.71
CA ALA A 73 -2.53 -0.59 -24.02
C ALA A 73 -3.71 -0.73 -25.01
N ASP A 74 -4.93 -0.98 -24.53
CA ASP A 74 -6.16 -1.03 -25.31
C ASP A 74 -6.78 0.37 -25.53
N LEU A 75 -6.68 1.25 -24.53
CA LEU A 75 -7.07 2.67 -24.57
C LEU A 75 -6.30 3.46 -25.65
N LEU A 76 -4.99 3.23 -25.75
CA LEU A 76 -4.10 3.90 -26.70
C LEU A 76 -4.19 3.33 -28.13
N ALA A 77 -4.81 2.16 -28.31
CA ALA A 77 -4.95 1.49 -29.61
C ALA A 77 -5.87 2.20 -30.62
N ALA A 78 -6.40 3.37 -30.27
CA ALA A 78 -6.97 4.36 -31.20
C ALA A 78 -5.90 5.02 -32.10
N LYS A 79 -4.61 4.83 -31.78
CA LYS A 79 -3.43 5.28 -32.54
C LYS A 79 -2.54 4.07 -32.93
N ARG A 80 -1.75 4.22 -33.99
CA ARG A 80 -0.67 3.29 -34.36
C ARG A 80 0.34 3.09 -33.21
N LYS A 81 0.89 1.89 -33.10
CA LYS A 81 1.80 1.45 -32.02
C LYS A 81 2.97 0.58 -32.58
N PRO A 82 4.14 0.55 -31.91
CA PRO A 82 5.36 -0.08 -32.43
C PRO A 82 5.44 -1.60 -32.19
N VAL A 83 4.50 -2.20 -31.45
CA VAL A 83 4.50 -3.62 -31.01
C VAL A 83 3.13 -4.29 -31.10
N GLY A 1 -10.16 -14.29 19.88
CA GLY A 1 -11.22 -13.34 20.28
C GLY A 1 -10.68 -12.18 21.11
N SER A 2 -11.55 -11.51 21.87
CA SER A 2 -11.21 -10.42 22.82
C SER A 2 -10.82 -9.09 22.16
N PHE A 3 -11.03 -8.94 20.84
CA PHE A 3 -10.72 -7.72 20.08
C PHE A 3 -11.68 -6.57 20.39
N THR A 4 -11.15 -5.33 20.37
CA THR A 4 -11.89 -4.07 20.43
C THR A 4 -11.21 -3.04 19.50
N PRO A 5 -11.98 -2.21 18.76
CA PRO A 5 -11.42 -1.20 17.85
C PRO A 5 -10.74 -0.08 18.64
N THR A 6 -9.64 0.46 18.08
CA THR A 6 -8.73 1.41 18.72
C THR A 6 -7.83 2.11 17.70
N LYS A 7 -6.97 3.01 18.17
CA LYS A 7 -6.05 3.82 17.36
C LYS A 7 -4.97 2.95 16.69
N LYS A 8 -4.72 3.21 15.40
CA LYS A 8 -3.86 2.39 14.53
C LYS A 8 -2.37 2.36 14.93
N GLU A 9 -1.73 1.25 14.57
CA GLU A 9 -0.36 0.91 15.01
C GLU A 9 0.75 1.22 13.99
N GLY A 10 0.42 1.99 12.96
CA GLY A 10 1.39 2.64 12.06
C GLY A 10 1.26 2.46 10.56
N ARG A 11 0.13 1.92 10.14
CA ARG A 11 -0.23 1.54 8.78
C ARG A 11 -1.76 1.49 8.60
N CYS A 12 -2.23 1.96 7.45
CA CYS A 12 -3.56 1.67 6.90
C CYS A 12 -3.85 0.17 6.67
N ARG A 13 -5.11 -0.16 6.35
CA ARG A 13 -5.66 -1.53 6.29
C ARG A 13 -6.19 -1.89 4.89
N LEU A 14 -6.84 -0.95 4.18
CA LEU A 14 -7.45 -1.18 2.87
C LEU A 14 -6.45 -1.16 1.71
N PHE A 15 -5.27 -0.57 1.95
CA PHE A 15 -4.15 -0.43 1.02
C PHE A 15 -3.68 -1.79 0.44
N PRO A 16 -3.33 -1.86 -0.87
CA PRO A 16 -3.21 -0.77 -1.84
C PRO A 16 -4.57 -0.23 -2.35
N HIS A 17 -5.65 -0.92 -2.02
CA HIS A 17 -6.99 -0.70 -2.58
C HIS A 17 -7.78 0.40 -1.84
N CYS A 18 -7.10 1.47 -1.44
CA CYS A 18 -7.67 2.62 -0.71
C CYS A 18 -7.85 3.84 -1.63
N PRO A 19 -9.06 4.44 -1.74
CA PRO A 19 -9.32 5.57 -2.64
C PRO A 19 -8.86 6.93 -2.12
N LEU A 20 -8.53 7.08 -0.82
CA LEU A 20 -8.26 8.35 -0.17
C LEU A 20 -6.77 8.76 -0.17
N GLY A 21 -5.91 8.12 -0.97
CA GLY A 21 -4.44 8.23 -0.89
C GLY A 21 -3.82 9.64 -0.99
N ARG A 22 -4.58 10.67 -1.38
CA ARG A 22 -4.19 12.09 -1.31
C ARG A 22 -4.34 12.71 0.09
N SER A 23 -5.18 12.14 0.96
CA SER A 23 -5.74 12.79 2.14
C SER A 23 -5.94 11.85 3.36
N CYS A 24 -5.82 10.54 3.21
CA CYS A 24 -6.10 9.53 4.23
C CYS A 24 -5.22 9.69 5.51
N PRO A 25 -5.78 9.54 6.74
CA PRO A 25 -5.05 9.75 7.99
C PRO A 25 -4.09 8.61 8.38
N HIS A 26 -4.22 7.42 7.79
CA HIS A 26 -3.41 6.24 8.11
C HIS A 26 -2.32 5.96 7.05
N ALA A 27 -1.16 5.44 7.47
CA ALA A 27 0.05 5.39 6.62
C ALA A 27 -0.03 4.29 5.55
N HIS A 28 0.14 4.68 4.30
CA HIS A 28 0.22 3.79 3.14
C HIS A 28 1.67 3.27 2.95
N PRO A 29 1.92 1.95 3.04
CA PRO A 29 3.24 1.36 2.82
C PRO A 29 3.51 1.29 1.31
N THR A 30 3.96 2.43 0.76
CA THR A 30 4.26 2.65 -0.67
C THR A 30 5.77 2.80 -0.91
N LYS A 31 6.57 2.47 0.11
CA LYS A 31 8.03 2.58 0.16
C LYS A 31 8.60 1.40 0.94
N VAL A 32 9.81 0.99 0.58
CA VAL A 32 10.56 -0.10 1.25
C VAL A 32 11.22 0.43 2.52
N CYS A 33 11.08 -0.31 3.62
CA CYS A 33 11.49 0.14 4.96
C CYS A 33 12.99 0.47 5.08
N ASN A 34 13.31 1.51 5.84
CA ASN A 34 14.68 1.85 6.19
C ASN A 34 15.39 0.82 7.12
N GLU A 35 14.69 0.29 8.13
CA GLU A 35 15.24 -0.53 9.22
C GLU A 35 15.17 -2.06 9.02
N TYR A 36 14.33 -2.56 8.10
CA TYR A 36 14.22 -3.98 7.74
C TYR A 36 15.61 -4.65 7.51
N PRO A 37 15.83 -5.90 7.98
CA PRO A 37 14.88 -6.78 8.68
C PRO A 37 14.73 -6.48 10.18
N ASN A 38 15.42 -5.47 10.72
CA ASN A 38 15.63 -5.28 12.17
C ASN A 38 14.40 -4.68 12.90
N CYS A 39 13.22 -4.76 12.30
CA CYS A 39 12.07 -3.90 12.64
C CYS A 39 11.22 -4.43 13.81
N PRO A 40 10.88 -3.61 14.82
CA PRO A 40 10.05 -4.03 15.95
C PRO A 40 8.55 -4.11 15.61
N LYS A 41 8.11 -3.53 14.48
CA LYS A 41 6.73 -3.62 13.99
C LYS A 41 6.40 -5.09 13.62
N PRO A 42 5.34 -5.71 14.20
CA PRO A 42 4.86 -7.02 13.75
C PRO A 42 4.32 -6.93 12.31
N PRO A 43 4.17 -8.09 11.61
CA PRO A 43 3.70 -8.13 10.24
C PRO A 43 2.30 -7.53 10.12
N GLY A 44 2.19 -6.46 9.33
CA GLY A 44 0.94 -5.75 9.04
C GLY A 44 0.83 -4.34 9.64
N THR A 45 1.86 -3.83 10.35
CA THR A 45 1.75 -2.56 11.13
C THR A 45 2.77 -1.48 10.80
N CYS A 46 3.89 -1.80 10.17
CA CYS A 46 4.89 -0.80 9.74
C CYS A 46 4.37 0.14 8.67
N GLU A 47 4.73 1.41 8.84
CA GLU A 47 4.59 2.45 7.80
C GLU A 47 5.24 2.10 6.45
N PHE A 48 6.14 1.11 6.37
CA PHE A 48 6.80 0.75 5.13
C PHE A 48 6.61 -0.74 4.77
N LEU A 49 7.29 -1.18 3.72
CA LEU A 49 7.23 -2.54 3.16
C LEU A 49 8.48 -3.34 3.54
N HIS A 50 8.33 -4.65 3.63
CA HIS A 50 9.35 -5.59 4.08
C HIS A 50 9.38 -6.77 3.08
N PRO A 51 10.46 -6.98 2.30
CA PRO A 51 10.51 -7.97 1.20
C PRO A 51 10.67 -9.43 1.68
N ASN A 52 9.81 -9.85 2.61
CA ASN A 52 9.81 -11.13 3.31
C ASN A 52 8.45 -11.40 3.98
N GLU A 53 8.01 -10.51 4.89
CA GLU A 53 6.64 -10.54 5.45
C GLU A 53 5.67 -9.98 4.40
N ASP A 54 5.83 -8.69 4.10
CA ASP A 54 4.97 -7.90 3.21
C ASP A 54 5.34 -8.11 1.73
N GLU A 55 5.86 -9.29 1.42
CA GLU A 55 6.33 -9.65 0.09
C GLU A 55 5.15 -9.89 -0.85
N GLU A 56 4.07 -10.49 -0.33
CA GLU A 56 2.77 -10.64 -1.01
C GLU A 56 2.03 -9.29 -1.17
N LEU A 57 2.27 -8.32 -0.30
CA LEU A 57 1.68 -6.98 -0.41
C LEU A 57 2.27 -6.21 -1.60
N MET A 58 3.56 -6.42 -1.92
CA MET A 58 4.16 -5.91 -3.13
C MET A 58 3.54 -6.52 -4.39
N LYS A 59 3.14 -7.80 -4.39
CA LYS A 59 2.39 -8.40 -5.48
C LYS A 59 0.98 -7.79 -5.62
N GLU A 60 0.28 -7.54 -4.51
CA GLU A 60 -1.01 -6.85 -4.49
C GLU A 60 -0.89 -5.41 -5.05
N MET A 61 0.20 -4.71 -4.69
CA MET A 61 0.49 -3.34 -5.12
C MET A 61 0.82 -3.27 -6.62
N GLU A 62 1.69 -4.14 -7.14
CA GLU A 62 2.02 -4.15 -8.57
C GLU A 62 0.84 -4.66 -9.44
N ARG A 63 -0.02 -5.53 -8.88
CA ARG A 63 -1.31 -5.93 -9.47
C ARG A 63 -2.21 -4.73 -9.76
N THR A 64 -2.45 -3.83 -8.80
CA THR A 64 -3.28 -2.63 -9.03
C THR A 64 -2.56 -1.60 -9.90
N ARG A 65 -1.22 -1.50 -9.84
CA ARG A 65 -0.43 -0.63 -10.72
C ARG A 65 -0.46 -1.06 -12.19
N GLU A 66 -0.37 -2.36 -12.48
CA GLU A 66 -0.50 -2.91 -13.82
C GLU A 66 -1.93 -2.74 -14.35
N GLU A 67 -2.95 -2.94 -13.51
CA GLU A 67 -4.33 -2.58 -13.78
C GLU A 67 -4.53 -1.07 -14.03
N PHE A 68 -3.78 -0.22 -13.33
CA PHE A 68 -3.79 1.25 -13.54
C PHE A 68 -3.23 1.63 -14.91
N GLN A 69 -2.20 0.93 -15.38
CA GLN A 69 -1.70 1.07 -16.74
C GLN A 69 -2.70 0.54 -17.78
N LYS A 70 -3.45 -0.53 -17.48
CA LYS A 70 -4.54 -1.01 -18.32
C LYS A 70 -5.67 0.02 -18.39
N ARG A 71 -6.05 0.61 -17.25
CA ARG A 71 -7.10 1.64 -17.17
C ARG A 71 -6.70 2.90 -17.94
N LYS A 72 -5.41 3.26 -17.92
CA LYS A 72 -4.83 4.36 -18.72
C LYS A 72 -4.79 4.05 -20.23
N ALA A 73 -4.55 2.80 -20.63
CA ALA A 73 -4.66 2.35 -22.03
C ALA A 73 -6.13 2.27 -22.50
N ASP A 74 -7.07 1.89 -21.62
CA ASP A 74 -8.51 1.88 -21.87
C ASP A 74 -9.05 3.31 -22.09
N LEU A 75 -8.50 4.27 -21.33
CA LEU A 75 -8.63 5.73 -21.53
C LEU A 75 -8.20 6.16 -22.95
N LEU A 76 -7.03 5.71 -23.42
CA LEU A 76 -6.52 6.01 -24.77
C LEU A 76 -7.37 5.34 -25.86
N ALA A 77 -7.97 4.19 -25.55
CA ALA A 77 -8.92 3.48 -26.41
C ALA A 77 -10.36 4.05 -26.40
N ALA A 78 -10.57 5.10 -25.61
CA ALA A 78 -11.79 5.92 -25.55
C ALA A 78 -11.56 7.38 -26.00
N LYS A 79 -10.29 7.81 -26.11
CA LYS A 79 -9.85 9.11 -26.60
C LYS A 79 -8.39 9.04 -27.09
N ARG A 80 -8.21 8.95 -28.42
CA ARG A 80 -6.90 8.87 -29.08
C ARG A 80 -6.05 10.11 -28.80
N LYS A 81 -4.78 9.91 -28.44
CA LYS A 81 -3.82 10.95 -28.05
C LYS A 81 -2.37 10.43 -28.19
N PRO A 82 -1.38 11.25 -28.64
CA PRO A 82 0.04 10.88 -28.61
C PRO A 82 0.53 10.73 -27.16
N VAL A 83 1.60 9.94 -26.98
CA VAL A 83 2.15 9.53 -25.67
C VAL A 83 3.61 9.06 -25.77
N GLY A 1 -11.40 -11.74 25.06
CA GLY A 1 -11.34 -10.29 24.78
C GLY A 1 -11.57 -9.46 26.03
N SER A 2 -10.98 -8.27 26.09
CA SER A 2 -11.01 -7.36 27.27
C SER A 2 -10.99 -5.89 26.84
N PHE A 3 -11.65 -5.02 27.61
CA PHE A 3 -11.73 -3.58 27.36
C PHE A 3 -10.38 -2.87 27.63
N THR A 4 -10.07 -1.84 26.83
CA THR A 4 -8.82 -1.06 26.89
C THR A 4 -8.97 0.27 26.12
N PRO A 5 -8.36 1.39 26.59
CA PRO A 5 -8.42 2.68 25.92
C PRO A 5 -7.34 2.87 24.85
N THR A 6 -6.47 1.88 24.62
CA THR A 6 -5.27 2.01 23.75
C THR A 6 -5.62 2.21 22.27
N LYS A 7 -4.87 3.08 21.61
CA LYS A 7 -5.01 3.43 20.19
C LYS A 7 -4.36 2.38 19.25
N LYS A 8 -4.65 2.46 17.95
CA LYS A 8 -4.18 1.52 16.93
C LYS A 8 -2.65 1.46 16.75
N GLU A 9 -2.17 0.59 15.86
CA GLU A 9 -0.75 0.23 15.70
C GLU A 9 -0.04 0.90 14.51
N GLY A 10 -0.74 1.81 13.84
CA GLY A 10 -0.38 2.40 12.56
C GLY A 10 -0.77 1.51 11.38
N ARG A 11 -0.71 2.12 10.20
CA ARG A 11 -0.77 1.51 8.84
C ARG A 11 -2.20 1.19 8.39
N CYS A 12 -2.54 1.59 7.16
CA CYS A 12 -3.90 1.46 6.62
C CYS A 12 -4.30 0.01 6.27
N ARG A 13 -5.61 -0.27 6.29
CA ARG A 13 -6.20 -1.61 6.22
C ARG A 13 -6.81 -1.96 4.84
N LEU A 14 -7.40 -0.97 4.13
CA LEU A 14 -7.92 -1.16 2.77
C LEU A 14 -6.79 -1.24 1.74
N PHE A 15 -5.64 -0.65 2.07
CA PHE A 15 -4.44 -0.55 1.26
C PHE A 15 -3.91 -1.91 0.76
N PRO A 16 -3.47 -2.02 -0.52
CA PRO A 16 -3.26 -0.94 -1.49
C PRO A 16 -4.54 -0.39 -2.14
N HIS A 17 -5.67 -1.04 -1.89
CA HIS A 17 -6.95 -0.78 -2.57
C HIS A 17 -7.76 0.38 -1.93
N CYS A 18 -7.06 1.44 -1.50
CA CYS A 18 -7.65 2.62 -0.83
C CYS A 18 -7.71 3.85 -1.76
N PRO A 19 -8.85 4.55 -1.89
CA PRO A 19 -9.00 5.68 -2.82
C PRO A 19 -8.46 7.03 -2.30
N LEU A 20 -8.26 7.20 -0.99
CA LEU A 20 -7.91 8.47 -0.35
C LEU A 20 -6.39 8.68 -0.20
N GLY A 21 -5.55 7.95 -0.94
CA GLY A 21 -4.08 8.06 -0.96
C GLY A 21 -3.58 9.40 -1.49
N ARG A 22 -3.72 10.43 -0.64
CA ARG A 22 -3.55 11.87 -0.86
C ARG A 22 -3.93 12.65 0.42
N SER A 23 -4.92 12.16 1.18
CA SER A 23 -5.46 12.81 2.40
C SER A 23 -5.84 11.83 3.54
N CYS A 24 -5.78 10.51 3.31
CA CYS A 24 -6.06 9.48 4.31
C CYS A 24 -5.13 9.57 5.56
N PRO A 25 -5.65 9.41 6.79
CA PRO A 25 -4.86 9.59 8.02
C PRO A 25 -3.98 8.38 8.42
N HIS A 26 -4.18 7.20 7.83
CA HIS A 26 -3.40 5.98 8.13
C HIS A 26 -2.30 5.70 7.09
N ALA A 27 -1.20 5.06 7.49
CA ALA A 27 0.01 4.95 6.68
C ALA A 27 -0.13 3.94 5.52
N HIS A 28 0.11 4.42 4.31
CA HIS A 28 0.16 3.67 3.05
C HIS A 28 1.63 3.25 2.73
N PRO A 29 2.02 1.97 2.94
CA PRO A 29 3.36 1.49 2.61
C PRO A 29 3.51 1.27 1.09
N THR A 30 3.95 2.31 0.38
CA THR A 30 4.32 2.27 -1.05
C THR A 30 5.83 2.44 -1.26
N LYS A 31 6.60 2.50 -0.18
CA LYS A 31 8.05 2.67 -0.15
C LYS A 31 8.71 1.54 0.67
N VAL A 32 9.93 1.18 0.31
CA VAL A 32 10.71 0.11 0.97
C VAL A 32 11.35 0.66 2.24
N CYS A 33 11.23 -0.09 3.34
CA CYS A 33 11.61 0.37 4.68
C CYS A 33 13.10 0.74 4.81
N ASN A 34 13.38 1.77 5.63
CA ASN A 34 14.75 2.20 5.96
C ASN A 34 15.57 1.18 6.80
N GLU A 35 14.91 0.44 7.72
CA GLU A 35 15.57 -0.37 8.77
C GLU A 35 15.42 -1.91 8.62
N TYR A 36 14.54 -2.40 7.74
CA TYR A 36 14.43 -3.81 7.36
C TYR A 36 15.82 -4.49 7.12
N PRO A 37 16.03 -5.75 7.58
CA PRO A 37 15.08 -6.63 8.25
C PRO A 37 14.92 -6.36 9.76
N ASN A 38 15.61 -5.36 10.32
CA ASN A 38 15.80 -5.18 11.76
C ASN A 38 14.56 -4.59 12.49
N CYS A 39 13.37 -4.70 11.87
CA CYS A 39 12.18 -3.94 12.26
C CYS A 39 11.29 -4.73 13.26
N PRO A 40 10.87 -4.14 14.40
CA PRO A 40 10.00 -4.78 15.38
C PRO A 40 8.52 -4.82 14.93
N LYS A 41 8.15 -4.04 13.90
CA LYS A 41 6.79 -3.98 13.36
C LYS A 41 6.39 -5.34 12.71
N PRO A 42 5.33 -6.03 13.19
CA PRO A 42 4.81 -7.24 12.55
C PRO A 42 4.20 -6.93 11.17
N PRO A 43 3.90 -7.96 10.35
CA PRO A 43 3.27 -7.81 9.04
C PRO A 43 2.00 -6.95 9.12
N GLY A 44 2.04 -5.82 8.41
CA GLY A 44 0.89 -4.93 8.21
C GLY A 44 0.80 -3.74 9.18
N THR A 45 1.85 -3.42 9.94
CA THR A 45 1.87 -2.30 10.91
C THR A 45 2.92 -1.22 10.63
N CYS A 46 4.00 -1.52 9.90
CA CYS A 46 4.98 -0.53 9.47
C CYS A 46 4.44 0.36 8.37
N GLU A 47 4.84 1.63 8.44
CA GLU A 47 4.67 2.62 7.38
C GLU A 47 5.37 2.26 6.06
N PHE A 48 6.24 1.24 6.02
CA PHE A 48 6.95 0.87 4.81
C PHE A 48 6.78 -0.62 4.48
N LEU A 49 7.44 -1.03 3.40
CA LEU A 49 7.38 -2.38 2.83
C LEU A 49 8.60 -3.20 3.24
N HIS A 50 8.38 -4.49 3.43
CA HIS A 50 9.37 -5.48 3.83
C HIS A 50 9.24 -6.69 2.86
N PRO A 51 10.29 -7.10 2.12
CA PRO A 51 10.24 -8.22 1.16
C PRO A 51 10.22 -9.62 1.84
N ASN A 52 9.47 -9.75 2.93
CA ASN A 52 9.37 -10.93 3.79
C ASN A 52 8.07 -10.92 4.62
N GLU A 53 7.85 -9.92 5.47
CA GLU A 53 6.59 -9.72 6.21
C GLU A 53 5.51 -9.23 5.24
N ASP A 54 5.68 -8.00 4.75
CA ASP A 54 4.79 -7.30 3.83
C ASP A 54 5.01 -7.75 2.35
N GLU A 55 5.43 -9.00 2.19
CA GLU A 55 5.70 -9.66 0.90
C GLU A 55 4.41 -9.86 0.10
N GLU A 56 3.36 -10.24 0.82
CA GLU A 56 1.99 -10.35 0.33
C GLU A 56 1.43 -9.01 -0.16
N LEU A 57 1.89 -7.89 0.40
CA LEU A 57 1.53 -6.55 -0.05
C LEU A 57 2.29 -6.16 -1.32
N MET A 58 3.60 -6.44 -1.39
CA MET A 58 4.41 -6.22 -2.59
C MET A 58 3.85 -6.93 -3.82
N LYS A 59 3.46 -8.20 -3.70
CA LYS A 59 2.87 -8.96 -4.78
C LYS A 59 1.41 -8.57 -5.09
N GLU A 60 0.69 -7.95 -4.14
CA GLU A 60 -0.56 -7.25 -4.41
C GLU A 60 -0.30 -6.00 -5.27
N MET A 61 0.64 -5.13 -4.85
CA MET A 61 0.97 -3.88 -5.55
C MET A 61 1.54 -4.10 -6.96
N GLU A 62 2.18 -5.24 -7.21
CA GLU A 62 2.57 -5.67 -8.56
C GLU A 62 1.37 -5.68 -9.54
N ARG A 63 0.15 -6.01 -9.07
CA ARG A 63 -1.10 -5.86 -9.82
C ARG A 63 -1.59 -4.42 -9.72
N THR A 64 -1.83 -4.00 -8.48
CA THR A 64 -2.61 -2.79 -8.12
C THR A 64 -2.02 -1.50 -8.67
N ARG A 65 -0.68 -1.37 -8.78
CA ARG A 65 -0.05 -0.18 -9.37
C ARG A 65 -0.36 -0.06 -10.87
N GLU A 66 -0.20 -1.13 -11.65
CA GLU A 66 -0.50 -1.13 -13.09
C GLU A 66 -2.00 -0.95 -13.35
N GLU A 67 -2.85 -1.59 -12.53
CA GLU A 67 -4.30 -1.40 -12.49
C GLU A 67 -4.69 0.08 -12.25
N PHE A 68 -4.04 0.75 -11.30
CA PHE A 68 -4.31 2.16 -11.00
C PHE A 68 -3.84 3.13 -12.09
N GLN A 69 -2.80 2.78 -12.85
CA GLN A 69 -2.39 3.57 -14.03
C GLN A 69 -3.33 3.33 -15.22
N LYS A 70 -3.87 2.12 -15.41
CA LYS A 70 -4.94 1.86 -16.37
C LYS A 70 -6.23 2.63 -16.01
N ARG A 71 -6.57 2.70 -14.71
CA ARG A 71 -7.69 3.46 -14.15
C ARG A 71 -7.52 4.97 -14.35
N LYS A 72 -6.29 5.46 -14.49
CA LYS A 72 -5.96 6.84 -14.89
C LYS A 72 -5.97 7.03 -16.42
N ALA A 73 -5.50 6.04 -17.20
CA ALA A 73 -5.37 6.13 -18.65
C ALA A 73 -6.71 6.25 -19.40
N ASP A 74 -7.74 5.48 -19.03
CA ASP A 74 -9.08 5.61 -19.63
C ASP A 74 -9.83 6.87 -19.16
N LEU A 75 -9.53 7.33 -17.95
CA LEU A 75 -9.86 8.65 -17.39
C LEU A 75 -9.30 9.82 -18.24
N LEU A 76 -8.05 9.68 -18.70
CA LEU A 76 -7.27 10.67 -19.44
C LEU A 76 -7.63 10.68 -20.93
N ALA A 77 -7.87 9.50 -21.53
CA ALA A 77 -8.24 9.35 -22.93
C ALA A 77 -9.60 10.00 -23.25
N ALA A 78 -9.60 10.98 -24.17
CA ALA A 78 -10.76 11.79 -24.54
C ALA A 78 -10.75 12.28 -26.01
N LYS A 79 -9.83 11.77 -26.83
CA LYS A 79 -9.61 12.14 -28.24
C LYS A 79 -8.85 11.03 -28.99
N ARG A 80 -9.21 10.78 -30.26
CA ARG A 80 -8.57 9.77 -31.12
C ARG A 80 -7.08 10.11 -31.36
N LYS A 81 -6.21 9.11 -31.20
CA LYS A 81 -4.74 9.23 -31.30
C LYS A 81 -4.08 7.85 -31.58
N PRO A 82 -3.13 7.74 -32.53
CA PRO A 82 -2.41 6.49 -32.80
C PRO A 82 -1.40 6.18 -31.69
N VAL A 83 -1.23 4.88 -31.39
CA VAL A 83 -0.35 4.35 -30.33
C VAL A 83 0.33 3.06 -30.80
N GLY A 1 -0.65 -8.98 31.74
CA GLY A 1 -1.05 -7.74 32.46
C GLY A 1 0.12 -6.76 32.58
N SER A 2 -0.07 -5.70 33.36
CA SER A 2 0.89 -4.59 33.58
C SER A 2 1.10 -3.70 32.32
N PHE A 3 2.07 -2.78 32.39
CA PHE A 3 2.45 -1.78 31.37
C PHE A 3 1.46 -0.61 31.25
N THR A 4 1.90 0.50 30.64
CA THR A 4 1.12 1.73 30.46
C THR A 4 0.11 1.59 29.30
N PRO A 5 -1.12 2.15 29.41
CA PRO A 5 -2.06 2.21 28.30
C PRO A 5 -1.56 3.18 27.21
N THR A 6 -1.94 2.91 25.95
CA THR A 6 -1.49 3.64 24.76
C THR A 6 -2.58 3.71 23.69
N LYS A 7 -2.45 4.67 22.77
CA LYS A 7 -3.33 4.86 21.61
C LYS A 7 -2.99 3.88 20.46
N LYS A 8 -3.72 3.96 19.33
CA LYS A 8 -3.51 3.10 18.14
C LYS A 8 -2.11 3.25 17.49
N GLU A 9 -1.83 2.43 16.48
CA GLU A 9 -0.55 2.33 15.77
C GLU A 9 -0.72 2.67 14.27
N GLY A 10 0.34 2.52 13.47
CA GLY A 10 0.35 2.82 12.05
C GLY A 10 -0.27 1.73 11.18
N ARG A 11 0.05 1.81 9.89
CA ARG A 11 -0.39 0.98 8.75
C ARG A 11 -1.89 1.06 8.47
N CYS A 12 -2.20 1.54 7.27
CA CYS A 12 -3.50 1.36 6.63
C CYS A 12 -3.70 -0.05 6.03
N ARG A 13 -4.94 -0.54 6.00
CA ARG A 13 -5.26 -1.96 5.78
C ARG A 13 -6.18 -2.29 4.59
N LEU A 14 -6.83 -1.30 3.96
CA LEU A 14 -7.46 -1.40 2.64
C LEU A 14 -6.43 -1.30 1.51
N PHE A 15 -5.28 -0.69 1.82
CA PHE A 15 -4.15 -0.40 0.94
C PHE A 15 -3.60 -1.65 0.20
N PRO A 16 -3.22 -1.55 -1.09
CA PRO A 16 -3.16 -0.35 -1.93
C PRO A 16 -4.53 0.20 -2.37
N HIS A 17 -5.61 -0.54 -2.12
CA HIS A 17 -6.94 -0.29 -2.69
C HIS A 17 -7.77 0.71 -1.84
N CYS A 18 -7.12 1.77 -1.36
CA CYS A 18 -7.73 2.83 -0.54
C CYS A 18 -8.00 4.10 -1.37
N PRO A 19 -9.22 4.69 -1.34
CA PRO A 19 -9.55 5.90 -2.10
C PRO A 19 -9.13 7.21 -1.43
N LEU A 20 -8.77 7.23 -0.14
CA LEU A 20 -8.55 8.42 0.66
C LEU A 20 -7.10 8.93 0.69
N GLY A 21 -6.22 8.47 -0.21
CA GLY A 21 -4.75 8.70 -0.17
C GLY A 21 -4.27 10.16 -0.11
N ARG A 22 -5.15 11.15 -0.29
CA ARG A 22 -4.87 12.58 -0.11
C ARG A 22 -5.19 13.12 1.30
N SER A 23 -5.82 12.33 2.18
CA SER A 23 -6.28 12.79 3.51
C SER A 23 -6.44 11.68 4.59
N CYS A 24 -6.25 10.40 4.24
CA CYS A 24 -6.37 9.24 5.15
C CYS A 24 -5.42 9.33 6.37
N PRO A 25 -5.88 9.01 7.61
CA PRO A 25 -5.08 9.15 8.83
C PRO A 25 -4.05 8.02 9.06
N HIS A 26 -4.13 6.90 8.35
CA HIS A 26 -3.25 5.73 8.55
C HIS A 26 -2.17 5.58 7.45
N ALA A 27 -1.04 4.94 7.80
CA ALA A 27 0.17 4.93 6.96
C ALA A 27 0.05 4.01 5.74
N HIS A 28 0.18 4.57 4.55
CA HIS A 28 0.22 3.88 3.25
C HIS A 28 1.65 3.39 2.92
N PRO A 29 1.95 2.07 3.01
CA PRO A 29 3.29 1.53 2.77
C PRO A 29 3.57 1.41 1.26
N THR A 30 4.02 2.52 0.65
CA THR A 30 4.32 2.61 -0.80
C THR A 30 5.83 2.62 -1.08
N LYS A 31 6.62 2.19 -0.09
CA LYS A 31 8.08 2.13 -0.10
C LYS A 31 8.57 0.94 0.72
N VAL A 32 9.72 0.39 0.33
CA VAL A 32 10.39 -0.71 1.04
C VAL A 32 11.19 -0.15 2.23
N CYS A 33 11.03 -0.78 3.40
CA CYS A 33 11.51 -0.23 4.67
C CYS A 33 13.04 0.00 4.72
N ASN A 34 13.44 1.10 5.37
CA ASN A 34 14.86 1.39 5.63
C ASN A 34 15.56 0.40 6.61
N GLU A 35 14.85 -0.06 7.66
CA GLU A 35 15.41 -0.87 8.76
C GLU A 35 15.22 -2.40 8.64
N TYR A 36 14.38 -2.87 7.72
CA TYR A 36 14.22 -4.30 7.40
C TYR A 36 15.58 -5.05 7.22
N PRO A 37 15.72 -6.29 7.74
CA PRO A 37 14.72 -7.06 8.50
C PRO A 37 14.65 -6.68 9.99
N ASN A 38 15.49 -5.75 10.48
CA ASN A 38 15.76 -5.53 11.90
C ASN A 38 14.69 -4.63 12.58
N CYS A 39 13.46 -4.64 12.06
CA CYS A 39 12.41 -3.69 12.45
C CYS A 39 11.65 -4.16 13.72
N PRO A 40 11.49 -3.29 14.74
CA PRO A 40 10.77 -3.63 15.97
C PRO A 40 9.24 -3.59 15.82
N LYS A 41 8.71 -3.04 14.71
CA LYS A 41 7.27 -3.04 14.42
C LYS A 41 6.68 -4.47 14.32
N PRO A 42 5.57 -4.79 15.01
CA PRO A 42 4.85 -6.06 14.83
C PRO A 42 4.25 -6.13 13.41
N PRO A 43 3.77 -7.30 12.97
CA PRO A 43 3.25 -7.48 11.63
C PRO A 43 1.97 -6.65 11.41
N GLY A 44 2.05 -5.70 10.47
CA GLY A 44 0.92 -4.88 10.01
C GLY A 44 0.76 -3.54 10.73
N THR A 45 1.88 -2.84 11.02
CA THR A 45 1.90 -1.51 11.68
C THR A 45 2.95 -0.54 11.13
N CYS A 46 4.06 -1.03 10.57
CA CYS A 46 5.07 -0.21 9.90
C CYS A 46 4.54 0.60 8.71
N GLU A 47 5.02 1.85 8.66
CA GLU A 47 4.89 2.75 7.51
C GLU A 47 5.51 2.25 6.21
N PHE A 48 6.32 1.18 6.21
CA PHE A 48 6.93 0.67 4.98
C PHE A 48 6.64 -0.83 4.79
N LEU A 49 7.18 -1.38 3.72
CA LEU A 49 6.98 -2.77 3.26
C LEU A 49 8.16 -3.63 3.70
N HIS A 50 7.94 -4.92 3.97
CA HIS A 50 9.00 -5.83 4.42
C HIS A 50 8.87 -7.06 3.49
N PRO A 51 9.86 -7.38 2.63
CA PRO A 51 9.77 -8.48 1.65
C PRO A 51 9.92 -9.86 2.33
N ASN A 52 8.93 -10.15 3.18
CA ASN A 52 8.85 -11.23 4.18
C ASN A 52 7.39 -11.41 4.66
N GLU A 53 6.75 -10.31 5.08
CA GLU A 53 5.32 -10.18 5.30
C GLU A 53 4.69 -9.58 4.03
N ASP A 54 4.95 -8.31 3.79
CA ASP A 54 4.36 -7.51 2.72
C ASP A 54 4.97 -7.81 1.35
N GLU A 55 5.59 -8.98 1.20
CA GLU A 55 6.11 -9.41 -0.09
C GLU A 55 4.96 -9.64 -1.08
N GLU A 56 3.82 -10.13 -0.57
CA GLU A 56 2.57 -10.24 -1.32
C GLU A 56 1.96 -8.87 -1.67
N LEU A 57 2.32 -7.80 -0.95
CA LEU A 57 1.93 -6.42 -1.26
C LEU A 57 2.75 -5.90 -2.45
N MET A 58 4.02 -6.31 -2.61
CA MET A 58 4.80 -6.06 -3.82
C MET A 58 4.19 -6.74 -5.04
N LYS A 59 3.68 -7.97 -4.90
CA LYS A 59 2.91 -8.66 -5.94
C LYS A 59 1.57 -7.97 -6.24
N GLU A 60 0.86 -7.46 -5.22
CA GLU A 60 -0.34 -6.64 -5.38
C GLU A 60 -0.05 -5.31 -6.11
N MET A 61 1.12 -4.70 -5.85
CA MET A 61 1.59 -3.49 -6.54
C MET A 61 1.91 -3.76 -8.02
N GLU A 62 2.57 -4.86 -8.35
CA GLU A 62 2.76 -5.28 -9.74
C GLU A 62 1.41 -5.51 -10.42
N ARG A 63 0.48 -6.21 -9.76
CA ARG A 63 -0.88 -6.49 -10.24
C ARG A 63 -1.64 -5.18 -10.54
N THR A 64 -1.66 -4.20 -9.62
CA THR A 64 -2.42 -2.96 -9.80
C THR A 64 -1.80 -2.06 -10.86
N ARG A 65 -0.47 -2.06 -11.02
CA ARG A 65 0.22 -1.36 -12.12
C ARG A 65 -0.04 -2.02 -13.48
N GLU A 66 -0.07 -3.36 -13.57
CA GLU A 66 -0.46 -4.06 -14.80
C GLU A 66 -1.94 -3.80 -15.16
N GLU A 67 -2.83 -3.76 -14.17
CA GLU A 67 -4.23 -3.35 -14.35
C GLU A 67 -4.35 -1.91 -14.89
N PHE A 68 -3.54 -0.98 -14.35
CA PHE A 68 -3.56 0.42 -14.76
C PHE A 68 -2.95 0.64 -16.16
N GLN A 69 -1.95 -0.16 -16.53
CA GLN A 69 -1.39 -0.20 -17.87
C GLN A 69 -2.45 -0.68 -18.89
N LYS A 70 -3.19 -1.76 -18.57
CA LYS A 70 -4.28 -2.24 -19.42
C LYS A 70 -5.41 -1.22 -19.52
N ARG A 71 -5.73 -0.52 -18.42
CA ARG A 71 -6.75 0.54 -18.38
C ARG A 71 -6.34 1.67 -19.32
N LYS A 72 -5.08 2.09 -19.27
CA LYS A 72 -4.56 3.15 -20.14
C LYS A 72 -4.48 2.73 -21.62
N ALA A 73 -4.16 1.47 -21.92
CA ALA A 73 -4.26 0.89 -23.26
C ALA A 73 -5.71 0.89 -23.78
N ASP A 74 -6.68 0.49 -22.97
CA ASP A 74 -8.11 0.49 -23.33
C ASP A 74 -8.70 1.90 -23.50
N LEU A 75 -8.14 2.91 -22.81
CA LEU A 75 -8.48 4.33 -22.99
C LEU A 75 -8.07 4.85 -24.37
N LEU A 76 -6.81 4.62 -24.78
CA LEU A 76 -6.28 5.09 -26.07
C LEU A 76 -6.77 4.24 -27.25
N ALA A 77 -7.20 3.00 -27.00
CA ALA A 77 -7.79 2.09 -27.99
C ALA A 77 -9.34 2.13 -28.05
N ALA A 78 -9.97 3.11 -27.40
CA ALA A 78 -11.43 3.24 -27.27
C ALA A 78 -12.18 3.53 -28.59
N LYS A 79 -11.46 3.85 -29.67
CA LYS A 79 -11.99 4.00 -31.03
C LYS A 79 -11.27 3.06 -32.03
N ARG A 80 -9.97 3.28 -32.26
CA ARG A 80 -9.10 2.47 -33.14
C ARG A 80 -7.62 2.80 -32.89
N LYS A 81 -6.89 1.89 -32.23
CA LYS A 81 -5.44 1.99 -31.99
C LYS A 81 -4.86 0.59 -31.67
N PRO A 82 -3.93 0.03 -32.49
CA PRO A 82 -3.32 -1.27 -32.24
C PRO A 82 -2.31 -1.20 -31.08
N VAL A 83 -2.32 -2.23 -30.22
CA VAL A 83 -1.46 -2.36 -29.02
C VAL A 83 -0.96 -3.81 -28.88
N GLY A 1 -5.13 -3.52 35.45
CA GLY A 1 -5.93 -3.56 34.20
C GLY A 1 -6.37 -4.97 33.84
N SER A 2 -7.09 -5.12 32.73
CA SER A 2 -7.59 -6.41 32.22
C SER A 2 -8.04 -6.32 30.75
N PHE A 3 -8.86 -5.31 30.42
CA PHE A 3 -9.34 -5.06 29.06
C PHE A 3 -8.23 -4.47 28.16
N THR A 4 -8.19 -4.91 26.89
CA THR A 4 -7.25 -4.43 25.86
C THR A 4 -7.70 -3.10 25.23
N PRO A 5 -6.77 -2.22 24.81
CA PRO A 5 -7.09 -0.96 24.14
C PRO A 5 -7.56 -1.19 22.69
N THR A 6 -8.27 -0.21 22.13
CA THR A 6 -8.83 -0.23 20.76
C THR A 6 -8.08 0.66 19.78
N LYS A 7 -6.96 1.24 20.21
CA LYS A 7 -6.09 2.13 19.42
C LYS A 7 -5.19 1.33 18.46
N LYS A 8 -5.07 1.77 17.20
CA LYS A 8 -4.26 1.14 16.17
C LYS A 8 -2.72 1.22 16.42
N GLU A 9 -1.92 0.74 15.47
CA GLU A 9 -0.46 0.55 15.60
C GLU A 9 0.37 1.28 14.51
N GLY A 10 -0.30 2.14 13.76
CA GLY A 10 0.08 2.59 12.43
C GLY A 10 -0.61 1.74 11.35
N ARG A 11 -0.32 2.09 10.11
CA ARG A 11 -0.55 1.32 8.86
C ARG A 11 -2.02 1.19 8.44
N CYS A 12 -2.33 1.59 7.21
CA CYS A 12 -3.64 1.40 6.58
C CYS A 12 -3.89 -0.06 6.13
N ARG A 13 -5.16 -0.41 5.92
CA ARG A 13 -5.66 -1.78 5.78
C ARG A 13 -6.27 -2.05 4.39
N LEU A 14 -6.96 -1.07 3.77
CA LEU A 14 -7.55 -1.18 2.43
C LEU A 14 -6.53 -1.05 1.30
N PHE A 15 -5.37 -0.46 1.60
CA PHE A 15 -4.25 -0.18 0.71
C PHE A 15 -3.72 -1.43 -0.04
N PRO A 16 -3.36 -1.35 -1.34
CA PRO A 16 -3.31 -0.14 -2.18
C PRO A 16 -4.67 0.41 -2.61
N HIS A 17 -5.74 -0.33 -2.35
CA HIS A 17 -7.08 -0.10 -2.91
C HIS A 17 -7.92 0.93 -2.10
N CYS A 18 -7.25 1.97 -1.59
CA CYS A 18 -7.84 3.02 -0.74
C CYS A 18 -8.05 4.34 -1.53
N PRO A 19 -9.25 4.96 -1.48
CA PRO A 19 -9.55 6.17 -2.26
C PRO A 19 -8.99 7.48 -1.67
N LEU A 20 -8.66 7.53 -0.37
CA LEU A 20 -8.25 8.74 0.34
C LEU A 20 -6.74 9.02 0.30
N GLY A 21 -6.00 8.41 -0.63
CA GLY A 21 -4.54 8.57 -0.85
C GLY A 21 -4.15 9.98 -1.31
N ARG A 22 -4.25 10.92 -0.37
CA ARG A 22 -4.15 12.39 -0.45
C ARG A 22 -4.39 13.04 0.92
N SER A 23 -5.23 12.43 1.78
CA SER A 23 -5.60 12.97 3.11
C SER A 23 -5.97 11.89 4.16
N CYS A 24 -5.85 10.59 3.85
CA CYS A 24 -6.16 9.47 4.76
C CYS A 24 -5.33 9.51 6.08
N PRO A 25 -5.93 9.21 7.26
CA PRO A 25 -5.26 9.29 8.57
C PRO A 25 -4.33 8.11 8.91
N HIS A 26 -4.38 6.99 8.17
CA HIS A 26 -3.54 5.81 8.39
C HIS A 26 -2.42 5.66 7.33
N ALA A 27 -1.28 5.07 7.69
CA ALA A 27 -0.06 5.09 6.87
C ALA A 27 -0.13 4.14 5.66
N HIS A 28 0.02 4.67 4.46
CA HIS A 28 0.15 3.93 3.20
C HIS A 28 1.61 3.51 2.95
N PRO A 29 1.96 2.20 3.01
CA PRO A 29 3.28 1.70 2.72
C PRO A 29 3.50 1.66 1.20
N THR A 30 3.99 2.78 0.63
CA THR A 30 4.31 2.94 -0.79
C THR A 30 5.82 3.18 -1.01
N LYS A 31 6.61 2.83 0.00
CA LYS A 31 8.07 2.94 0.05
C LYS A 31 8.65 1.73 0.79
N VAL A 32 9.86 1.34 0.42
CA VAL A 32 10.58 0.20 1.03
C VAL A 32 11.25 0.67 2.32
N CYS A 33 11.07 -0.09 3.39
CA CYS A 33 11.50 0.31 4.74
C CYS A 33 13.00 0.60 4.85
N ASN A 34 13.36 1.66 5.58
CA ASN A 34 14.75 1.99 5.89
C ASN A 34 15.47 0.92 6.76
N GLU A 35 14.79 0.36 7.78
CA GLU A 35 15.38 -0.51 8.80
C GLU A 35 15.35 -2.03 8.48
N TYR A 36 14.50 -2.47 7.56
CA TYR A 36 14.39 -3.87 7.10
C TYR A 36 15.78 -4.52 6.81
N PRO A 37 16.02 -5.78 7.24
CA PRO A 37 15.09 -6.70 7.91
C PRO A 37 14.95 -6.46 9.43
N ASN A 38 15.66 -5.49 10.01
CA ASN A 38 15.87 -5.38 11.45
C ASN A 38 14.66 -4.83 12.24
N CYS A 39 13.46 -4.84 11.63
CA CYS A 39 12.31 -4.06 12.10
C CYS A 39 11.50 -4.79 13.21
N PRO A 40 11.18 -4.14 14.34
CA PRO A 40 10.35 -4.73 15.40
C PRO A 40 8.86 -4.75 15.04
N LYS A 41 8.43 -4.00 14.01
CA LYS A 41 7.06 -3.96 13.50
C LYS A 41 6.67 -5.32 12.86
N PRO A 42 5.68 -6.06 13.38
CA PRO A 42 5.18 -7.30 12.75
C PRO A 42 4.46 -6.99 11.42
N PRO A 43 4.15 -8.02 10.60
CA PRO A 43 3.34 -7.88 9.40
C PRO A 43 2.02 -7.14 9.70
N GLY A 44 1.84 -6.00 9.03
CA GLY A 44 0.62 -5.20 9.11
C GLY A 44 0.64 -4.04 10.13
N THR A 45 1.83 -3.53 10.50
CA THR A 45 1.96 -2.38 11.42
C THR A 45 2.93 -1.28 10.96
N CYS A 46 3.95 -1.59 10.14
CA CYS A 46 4.91 -0.61 9.64
C CYS A 46 4.33 0.32 8.57
N GLU A 47 4.79 1.56 8.63
CA GLU A 47 4.60 2.58 7.59
C GLU A 47 5.29 2.26 6.25
N PHE A 48 6.17 1.24 6.18
CA PHE A 48 6.86 0.91 4.94
C PHE A 48 6.68 -0.57 4.57
N LEU A 49 7.33 -0.96 3.47
CA LEU A 49 7.23 -2.28 2.86
C LEU A 49 8.41 -3.15 3.26
N HIS A 50 8.16 -4.44 3.43
CA HIS A 50 9.12 -5.48 3.81
C HIS A 50 8.95 -6.68 2.84
N PRO A 51 9.97 -7.10 2.07
CA PRO A 51 9.86 -8.21 1.10
C PRO A 51 9.90 -9.62 1.77
N ASN A 52 9.18 -9.79 2.89
CA ASN A 52 9.14 -10.98 3.73
C ASN A 52 7.90 -11.01 4.66
N GLU A 53 7.71 -10.00 5.50
CA GLU A 53 6.49 -9.81 6.30
C GLU A 53 5.36 -9.37 5.36
N ASP A 54 5.50 -8.17 4.82
CA ASP A 54 4.56 -7.46 3.97
C ASP A 54 4.69 -7.90 2.49
N GLU A 55 5.03 -9.17 2.29
CA GLU A 55 5.40 -9.75 0.99
C GLU A 55 4.19 -9.90 0.07
N GLU A 56 3.06 -10.30 0.65
CA GLU A 56 1.76 -10.37 -0.05
C GLU A 56 1.29 -8.97 -0.50
N LEU A 57 1.65 -7.90 0.23
CA LEU A 57 1.34 -6.53 -0.17
C LEU A 57 2.19 -6.08 -1.35
N MET A 58 3.44 -6.51 -1.43
CA MET A 58 4.29 -6.29 -2.60
C MET A 58 3.76 -7.03 -3.83
N LYS A 59 3.20 -8.24 -3.67
CA LYS A 59 2.46 -8.93 -4.72
C LYS A 59 1.22 -8.12 -5.16
N GLU A 60 0.48 -7.53 -4.22
CA GLU A 60 -0.67 -6.67 -4.51
C GLU A 60 -0.26 -5.36 -5.22
N MET A 61 0.87 -4.77 -4.84
CA MET A 61 1.46 -3.56 -5.47
C MET A 61 1.87 -3.84 -6.92
N GLU A 62 2.56 -4.95 -7.18
CA GLU A 62 2.87 -5.38 -8.56
C GLU A 62 1.60 -5.65 -9.37
N ARG A 63 0.59 -6.29 -8.76
CA ARG A 63 -0.71 -6.57 -9.39
C ARG A 63 -1.42 -5.28 -9.81
N THR A 64 -1.56 -4.28 -8.92
CA THR A 64 -2.27 -3.03 -9.23
C THR A 64 -1.49 -2.18 -10.23
N ARG A 65 -0.15 -2.16 -10.17
CA ARG A 65 0.69 -1.48 -11.17
C ARG A 65 0.64 -2.16 -12.54
N GLU A 66 0.56 -3.50 -12.61
CA GLU A 66 0.37 -4.24 -13.86
C GLU A 66 -1.02 -3.99 -14.47
N GLU A 67 -2.07 -3.92 -13.64
CA GLU A 67 -3.41 -3.47 -14.04
C GLU A 67 -3.37 -2.04 -14.62
N PHE A 68 -2.61 -1.14 -13.99
CA PHE A 68 -2.48 0.27 -14.40
C PHE A 68 -1.72 0.42 -15.72
N GLN A 69 -0.70 -0.41 -15.93
CA GLN A 69 0.06 -0.51 -17.17
C GLN A 69 -0.80 -1.03 -18.32
N LYS A 70 -1.63 -2.05 -18.08
CA LYS A 70 -2.58 -2.58 -19.06
C LYS A 70 -3.69 -1.56 -19.40
N ARG A 71 -4.14 -0.77 -18.41
CA ARG A 71 -5.17 0.26 -18.59
C ARG A 71 -4.64 1.35 -19.51
N LYS A 72 -3.47 1.90 -19.19
CA LYS A 72 -2.88 2.99 -20.01
C LYS A 72 -2.41 2.53 -21.40
N ALA A 73 -2.03 1.25 -21.56
CA ALA A 73 -1.69 0.64 -22.85
C ALA A 73 -2.93 0.42 -23.74
N ASP A 74 -4.08 0.04 -23.17
CA ASP A 74 -5.36 -0.03 -23.91
C ASP A 74 -5.87 1.37 -24.30
N LEU A 75 -5.60 2.38 -23.47
CA LEU A 75 -5.85 3.80 -23.74
C LEU A 75 -5.00 4.31 -24.92
N LEU A 76 -3.74 3.92 -24.96
CA LEU A 76 -2.77 4.26 -26.02
C LEU A 76 -3.11 3.54 -27.32
N ALA A 77 -3.58 2.28 -27.23
CA ALA A 77 -3.90 1.44 -28.39
C ALA A 77 -5.15 1.87 -29.21
N ALA A 78 -5.78 2.98 -28.81
CA ALA A 78 -6.78 3.70 -29.60
C ALA A 78 -6.14 4.53 -30.73
N LYS A 79 -4.91 5.01 -30.53
CA LYS A 79 -4.06 5.65 -31.55
C LYS A 79 -3.05 4.62 -32.11
N ARG A 80 -2.34 3.93 -31.19
CA ARG A 80 -1.51 2.74 -31.38
C ARG A 80 -0.12 3.05 -31.97
N LYS A 81 0.89 2.28 -31.55
CA LYS A 81 2.31 2.45 -31.89
C LYS A 81 2.97 1.09 -32.26
N PRO A 82 4.02 1.08 -33.09
CA PRO A 82 4.70 -0.15 -33.52
C PRO A 82 5.63 -0.73 -32.45
N VAL A 83 6.02 0.06 -31.43
CA VAL A 83 6.96 -0.28 -30.35
C VAL A 83 6.49 0.34 -29.03
N GLY A 1 -0.09 -1.51 35.51
CA GLY A 1 -1.12 -0.99 34.58
C GLY A 1 -0.86 -1.46 33.16
N SER A 2 -1.91 -1.84 32.42
CA SER A 2 -1.80 -2.49 31.10
C SER A 2 -2.86 -1.99 30.08
N PHE A 3 -3.50 -0.85 30.36
CA PHE A 3 -4.59 -0.28 29.54
C PHE A 3 -4.05 0.36 28.24
N THR A 4 -4.82 0.23 27.15
CA THR A 4 -4.49 0.70 25.80
C THR A 4 -5.75 1.19 25.05
N PRO A 5 -5.61 2.12 24.08
CA PRO A 5 -6.71 2.62 23.27
C PRO A 5 -7.13 1.60 22.20
N THR A 6 -8.34 1.79 21.64
CA THR A 6 -8.89 0.96 20.55
C THR A 6 -8.39 1.33 19.16
N LYS A 7 -7.46 2.29 19.09
CA LYS A 7 -6.88 2.84 17.87
C LYS A 7 -5.67 2.02 17.37
N LYS A 8 -5.46 1.98 16.05
CA LYS A 8 -4.40 1.27 15.37
C LYS A 8 -2.98 1.73 15.80
N GLU A 9 -2.00 0.86 15.57
CA GLU A 9 -0.57 1.02 15.87
C GLU A 9 0.28 1.45 14.64
N GLY A 10 -0.42 1.85 13.59
CA GLY A 10 0.10 2.15 12.25
C GLY A 10 -0.53 1.23 11.20
N ARG A 11 -0.27 1.57 9.93
CA ARG A 11 -0.61 0.86 8.68
C ARG A 11 -2.10 0.86 8.33
N CYS A 12 -2.41 1.35 7.12
CA CYS A 12 -3.74 1.23 6.50
C CYS A 12 -4.05 -0.17 5.95
N ARG A 13 -5.34 -0.49 5.82
CA ARG A 13 -5.90 -1.83 5.61
C ARG A 13 -6.52 -2.01 4.20
N LEU A 14 -7.15 -0.96 3.62
CA LEU A 14 -7.70 -0.97 2.26
C LEU A 14 -6.60 -0.93 1.19
N PHE A 15 -5.44 -0.37 1.55
CA PHE A 15 -4.28 -0.13 0.71
C PHE A 15 -3.74 -1.39 -0.02
N PRO A 16 -3.32 -1.30 -1.30
CA PRO A 16 -3.21 -0.08 -2.13
C PRO A 16 -4.56 0.47 -2.62
N HIS A 17 -5.65 -0.25 -2.42
CA HIS A 17 -6.97 0.01 -3.00
C HIS A 17 -7.80 1.04 -2.18
N CYS A 18 -7.13 2.04 -1.61
CA CYS A 18 -7.72 3.09 -0.77
C CYS A 18 -7.96 4.40 -1.57
N PRO A 19 -9.16 5.01 -1.51
CA PRO A 19 -9.47 6.23 -2.26
C PRO A 19 -9.01 7.53 -1.58
N LEU A 20 -8.65 7.52 -0.28
CA LEU A 20 -8.39 8.69 0.54
C LEU A 20 -6.92 9.14 0.58
N GLY A 21 -6.05 8.64 -0.30
CA GLY A 21 -4.58 8.80 -0.23
C GLY A 21 -4.03 10.23 -0.15
N ARG A 22 -4.86 11.25 -0.43
CA ARG A 22 -4.53 12.68 -0.23
C ARG A 22 -4.65 13.15 1.23
N SER A 23 -5.38 12.44 2.10
CA SER A 23 -5.75 12.93 3.45
C SER A 23 -6.00 11.82 4.52
N CYS A 24 -5.98 10.53 4.15
CA CYS A 24 -6.20 9.38 5.05
C CYS A 24 -5.26 9.38 6.29
N PRO A 25 -5.77 9.06 7.51
CA PRO A 25 -4.99 9.13 8.76
C PRO A 25 -4.04 7.93 8.99
N HIS A 26 -4.20 6.81 8.26
CA HIS A 26 -3.41 5.59 8.45
C HIS A 26 -2.29 5.43 7.39
N ALA A 27 -1.19 4.75 7.74
CA ALA A 27 0.04 4.72 6.94
C ALA A 27 -0.07 3.84 5.69
N HIS A 28 0.09 4.44 4.52
CA HIS A 28 0.17 3.81 3.20
C HIS A 28 1.61 3.34 2.89
N PRO A 29 1.91 2.01 2.91
CA PRO A 29 3.25 1.49 2.67
C PRO A 29 3.57 1.50 1.17
N THR A 30 4.20 2.57 0.70
CA THR A 30 4.51 2.82 -0.72
C THR A 30 6.02 3.01 -0.97
N LYS A 31 6.84 2.55 -0.02
CA LYS A 31 8.29 2.61 -0.03
C LYS A 31 8.87 1.43 0.77
N VAL A 32 10.05 0.97 0.38
CA VAL A 32 10.76 -0.13 1.04
C VAL A 32 11.44 0.37 2.31
N CYS A 33 11.26 -0.35 3.41
CA CYS A 33 11.67 0.09 4.76
C CYS A 33 13.17 0.37 4.89
N ASN A 34 13.52 1.41 5.65
CA ASN A 34 14.91 1.75 5.97
C ASN A 34 15.64 0.74 6.89
N GLU A 35 14.92 0.08 7.81
CA GLU A 35 15.48 -0.75 8.89
C GLU A 35 15.29 -2.28 8.74
N TYR A 36 14.41 -2.73 7.84
CA TYR A 36 14.23 -4.16 7.51
C TYR A 36 15.59 -4.90 7.28
N PRO A 37 15.75 -6.14 7.76
CA PRO A 37 14.78 -6.97 8.48
C PRO A 37 14.68 -6.65 9.98
N ASN A 38 15.43 -5.67 10.51
CA ASN A 38 15.65 -5.47 11.94
C ASN A 38 14.47 -4.77 12.65
N CYS A 39 13.28 -4.78 12.04
CA CYS A 39 12.19 -3.86 12.37
C CYS A 39 11.35 -4.30 13.60
N PRO A 40 11.15 -3.43 14.62
CA PRO A 40 10.33 -3.75 15.80
C PRO A 40 8.82 -3.68 15.53
N LYS A 41 8.39 -3.12 14.39
CA LYS A 41 6.99 -3.13 13.96
C LYS A 41 6.56 -4.58 13.60
N PRO A 42 5.52 -5.16 14.23
CA PRO A 42 4.98 -6.45 13.84
C PRO A 42 4.36 -6.37 12.44
N PRO A 43 4.09 -7.52 11.78
CA PRO A 43 3.47 -7.57 10.47
C PRO A 43 2.09 -6.88 10.49
N GLY A 44 1.96 -5.83 9.66
CA GLY A 44 0.72 -5.05 9.52
C GLY A 44 0.65 -3.78 10.36
N THR A 45 1.80 -3.14 10.67
CA THR A 45 1.88 -1.86 11.43
C THR A 45 2.89 -0.84 10.89
N CYS A 46 3.96 -1.26 10.23
CA CYS A 46 4.99 -0.36 9.68
C CYS A 46 4.46 0.52 8.54
N GLU A 47 4.95 1.77 8.56
CA GLU A 47 4.81 2.73 7.46
C GLU A 47 5.48 2.30 6.14
N PHE A 48 6.34 1.26 6.13
CA PHE A 48 7.02 0.84 4.92
C PHE A 48 6.76 -0.63 4.59
N LEU A 49 7.42 -1.10 3.53
CA LEU A 49 7.30 -2.44 2.96
C LEU A 49 8.52 -3.29 3.34
N HIS A 50 8.30 -4.60 3.48
CA HIS A 50 9.26 -5.59 3.95
C HIS A 50 9.20 -6.79 2.96
N PRO A 51 10.27 -7.13 2.21
CA PRO A 51 10.23 -8.16 1.16
C PRO A 51 10.25 -9.61 1.72
N ASN A 52 9.37 -9.89 2.67
CA ASN A 52 9.29 -11.12 3.46
C ASN A 52 7.93 -11.25 4.17
N GLU A 53 7.58 -10.33 5.09
CA GLU A 53 6.24 -10.24 5.67
C GLU A 53 5.29 -9.66 4.62
N ASP A 54 5.53 -8.39 4.26
CA ASP A 54 4.72 -7.59 3.34
C ASP A 54 5.05 -7.90 1.86
N GLU A 55 5.48 -9.13 1.60
CA GLU A 55 5.82 -9.61 0.27
C GLU A 55 4.55 -9.78 -0.58
N GLU A 56 3.46 -10.19 0.06
CA GLU A 56 2.09 -10.16 -0.48
C GLU A 56 1.67 -8.76 -0.97
N LEU A 57 2.01 -7.72 -0.21
CA LEU A 57 1.77 -6.32 -0.60
C LEU A 57 2.62 -5.92 -1.81
N MET A 58 3.89 -6.36 -1.90
CA MET A 58 4.73 -6.14 -3.09
C MET A 58 4.16 -6.85 -4.34
N LYS A 59 3.55 -8.02 -4.20
CA LYS A 59 2.80 -8.69 -5.24
C LYS A 59 1.47 -7.96 -5.57
N GLU A 60 0.77 -7.42 -4.58
CA GLU A 60 -0.44 -6.60 -4.78
C GLU A 60 -0.14 -5.29 -5.54
N MET A 61 1.01 -4.65 -5.25
CA MET A 61 1.52 -3.49 -6.00
C MET A 61 1.73 -3.80 -7.48
N GLU A 62 2.30 -4.98 -7.81
CA GLU A 62 2.43 -5.42 -9.19
C GLU A 62 1.06 -5.75 -9.81
N ARG A 63 0.15 -6.37 -9.05
CA ARG A 63 -1.21 -6.71 -9.48
C ARG A 63 -1.97 -5.45 -9.92
N THR A 64 -2.03 -4.41 -9.07
CA THR A 64 -2.69 -3.15 -9.41
C THR A 64 -1.94 -2.39 -10.51
N ARG A 65 -0.61 -2.47 -10.59
CA ARG A 65 0.17 -1.87 -11.68
C ARG A 65 -0.13 -2.54 -13.04
N GLU A 66 -0.24 -3.86 -13.09
CA GLU A 66 -0.60 -4.61 -14.31
C GLU A 66 -2.02 -4.25 -14.79
N GLU A 67 -2.98 -4.02 -13.88
CA GLU A 67 -4.30 -3.51 -14.21
C GLU A 67 -4.22 -2.09 -14.78
N PHE A 68 -3.52 -1.21 -14.06
CA PHE A 68 -3.49 0.22 -14.36
C PHE A 68 -2.69 0.56 -15.63
N GLN A 69 -1.65 -0.21 -15.95
CA GLN A 69 -0.93 -0.11 -17.22
C GLN A 69 -1.84 -0.45 -18.41
N LYS A 70 -2.66 -1.52 -18.29
CA LYS A 70 -3.60 -1.90 -19.34
C LYS A 70 -4.79 -0.91 -19.46
N ARG A 71 -5.24 -0.34 -18.34
CA ARG A 71 -6.26 0.72 -18.29
C ARG A 71 -5.75 1.97 -19.01
N LYS A 72 -4.50 2.37 -18.74
CA LYS A 72 -3.83 3.48 -19.41
C LYS A 72 -3.60 3.22 -20.91
N ALA A 73 -3.26 1.98 -21.30
CA ALA A 73 -3.16 1.59 -22.71
C ALA A 73 -4.50 1.73 -23.45
N ASP A 74 -5.62 1.29 -22.86
CA ASP A 74 -6.98 1.51 -23.42
C ASP A 74 -7.37 2.99 -23.50
N LEU A 75 -6.89 3.81 -22.55
CA LEU A 75 -7.03 5.27 -22.53
C LEU A 75 -6.36 5.95 -23.74
N LEU A 76 -5.12 5.57 -24.05
CA LEU A 76 -4.38 6.09 -25.22
C LEU A 76 -4.83 5.46 -26.54
N ALA A 77 -5.46 4.28 -26.50
CA ALA A 77 -5.94 3.56 -27.70
C ALA A 77 -7.15 4.18 -28.39
N ALA A 78 -7.86 5.03 -27.66
CA ALA A 78 -9.09 5.78 -27.98
C ALA A 78 -10.34 4.91 -28.30
N LYS A 79 -10.15 3.81 -29.04
CA LYS A 79 -11.16 2.84 -29.48
C LYS A 79 -10.56 1.47 -29.86
N ARG A 80 -9.29 1.41 -30.29
CA ARG A 80 -8.62 0.20 -30.81
C ARG A 80 -7.09 0.31 -30.90
N LYS A 81 -6.39 -0.65 -30.29
CA LYS A 81 -4.92 -0.83 -30.31
C LYS A 81 -4.54 -2.23 -29.74
N PRO A 82 -3.58 -2.97 -30.31
CA PRO A 82 -3.09 -4.22 -29.75
C PRO A 82 -2.33 -3.98 -28.43
N VAL A 83 -2.37 -4.97 -27.52
CA VAL A 83 -1.80 -4.90 -26.16
C VAL A 83 -1.52 -6.30 -25.59
#